data_3FEF
#
_entry.id   3FEF
#
_cell.length_a   81.987
_cell.length_b   84.843
_cell.length_c   86.051
_cell.angle_alpha   69.800
_cell.angle_beta   68.100
_cell.angle_gamma   64.070
#
_symmetry.space_group_name_H-M   'P 1'
#
loop_
_entity.id
_entity.type
_entity.pdbx_description
1 polymer 'Putative glucosidase lplD, ALPHA-GALACTURONIDASE'
2 non-polymer 'SULFATE ION'
3 non-polymer 'MAGNESIUM ION'
4 water water
#
_entity_poly.entity_id   1
_entity_poly.type   'polypeptide(L)'
_entity_poly.pdbx_seq_one_letter_code
;(MSE)SLDQIKIAYIGGGSQGWARSL(MSE)SDLSIDER(MSE)SGTVALYDLDFEAAQKNEVIGNHSGNGRWRYEAVST
LKKALSAADIVIISILPGSLDD(MSE)EVDVHLPERCGIYQSVGDTVGPGGIIRGLRAVPIFAEIARAIRDYAPESWVIN
YTNP(MSE)SVCTRVLYKVFPGIKAIGCCHEVFGTQKLLAE(MSE)VTERLGIEVPRREDIRVNVLGINHFTWITKASYR
HIDLLPIFREFSAHYGESGYELEGECWRDSVFCSAHRVAFDLFETYGAIPAAGDRHLAEFLPGPYLKQPEVWKFHLTPIS
FRKQDRAEKRQETERLIVQQRGVAEKASGEEGVNIIAALLGLGELVTNVN(MSE)PNQGQVLNLPIQAIVETNAFITRNR
VQPILSGALPKGVE(MSE)LAARHISNQEAVADAGLTKDTGLAFQAFLNDPLVQIDRSDAEQLFND(MSE)LQCI(MSE)
QSEGHHHHHH
;
_entity_poly.pdbx_strand_id   A,B,C,D
#
# COMPACT_ATOMS: atom_id res chain seq x y z
N LEU A 3 19.04 7.39 -37.82
CA LEU A 3 19.24 8.41 -36.74
C LEU A 3 20.72 8.44 -36.36
N ASP A 4 21.32 9.61 -36.53
CA ASP A 4 22.77 9.74 -36.49
C ASP A 4 23.21 10.43 -35.21
N GLN A 5 24.52 10.48 -34.99
CA GLN A 5 25.12 11.21 -33.87
C GLN A 5 24.71 10.73 -32.47
N ILE A 6 24.28 9.48 -32.36
CA ILE A 6 23.97 8.89 -31.07
C ILE A 6 25.27 8.65 -30.33
N LYS A 7 25.23 8.78 -29.01
CA LYS A 7 26.45 8.54 -28.24
C LYS A 7 26.23 7.53 -27.10
N ILE A 8 27.02 6.47 -27.16
CA ILE A 8 26.96 5.41 -26.17
C ILE A 8 28.21 5.46 -25.29
N ALA A 9 28.02 5.52 -23.98
CA ALA A 9 29.13 5.39 -23.06
C ALA A 9 29.16 3.92 -22.65
N TYR A 10 30.33 3.31 -22.71
CA TYR A 10 30.45 1.92 -22.33
C TYR A 10 31.39 1.75 -21.15
N ILE A 11 30.83 1.43 -19.98
CA ILE A 11 31.62 1.19 -18.77
C ILE A 11 31.93 -0.30 -18.61
N GLY A 12 33.22 -0.63 -18.69
CA GLY A 12 33.68 -1.99 -18.77
C GLY A 12 34.06 -2.22 -20.22
N GLY A 13 34.42 -1.13 -20.89
CA GLY A 13 34.71 -1.13 -22.34
C GLY A 13 35.86 -1.99 -22.83
N GLY A 14 36.53 -2.66 -21.90
CA GLY A 14 37.58 -3.61 -22.25
C GLY A 14 36.97 -5.01 -22.31
N SER A 15 35.67 -5.08 -22.03
CA SER A 15 34.93 -6.35 -21.96
C SER A 15 35.19 -7.20 -23.18
N GLN A 16 35.28 -8.50 -22.96
CA GLN A 16 35.46 -9.44 -24.05
C GLN A 16 34.21 -10.31 -24.19
N GLY A 17 33.13 -9.92 -23.49
CA GLY A 17 31.83 -10.62 -23.59
C GLY A 17 30.75 -9.70 -24.12
N TRP A 18 30.07 -8.99 -23.23
CA TRP A 18 29.05 -8.00 -23.62
C TRP A 18 29.49 -6.94 -24.63
N ALA A 19 30.67 -6.34 -24.47
CA ALA A 19 31.10 -5.31 -25.43
C ALA A 19 31.15 -5.85 -26.88
N ARG A 20 31.69 -7.05 -27.04
CA ARG A 20 31.79 -7.70 -28.35
C ARG A 20 30.42 -7.97 -28.97
N SER A 21 29.54 -8.54 -28.17
CA SER A 21 28.18 -8.79 -28.59
C SER A 21 27.47 -7.49 -28.99
N LEU A 22 27.65 -6.44 -28.19
CA LEU A 22 27.14 -5.14 -28.56
C LEU A 22 27.71 -4.69 -29.92
N SER A 24 28.95 -6.48 -32.50
CA SER A 24 28.32 -7.25 -33.57
C SER A 24 26.94 -6.72 -33.90
N ASP A 25 26.13 -6.46 -32.87
CA ASP A 25 24.77 -6.01 -33.11
C ASP A 25 24.75 -4.61 -33.70
N LEU A 26 25.64 -3.76 -33.21
CA LEU A 26 25.71 -2.41 -33.76
C LEU A 26 26.14 -2.43 -35.22
N SER A 27 27.03 -3.35 -35.55
CA SER A 27 27.62 -3.29 -36.87
C SER A 27 26.60 -3.63 -37.96
N ILE A 28 25.55 -4.37 -37.61
CA ILE A 28 24.54 -4.73 -38.60
C ILE A 28 23.22 -3.94 -38.55
N ASP A 29 23.04 -3.08 -37.54
CA ASP A 29 21.81 -2.28 -37.49
C ASP A 29 21.97 -1.04 -38.37
N GLU A 30 21.07 -0.87 -39.32
CA GLU A 30 21.18 0.25 -40.25
C GLU A 30 20.32 1.45 -39.79
N ARG A 31 19.60 1.24 -38.70
CA ARG A 31 18.74 2.28 -38.13
C ARG A 31 19.51 3.41 -37.45
N SER A 33 23.51 5.40 -36.06
CA SER A 33 24.94 5.57 -36.11
C SER A 33 25.38 6.63 -35.13
N GLY A 34 26.65 6.61 -34.76
CA GLY A 34 27.21 7.59 -33.83
C GLY A 34 28.52 7.07 -33.25
N THR A 35 28.74 7.31 -31.96
CA THR A 35 30.02 6.97 -31.34
C THR A 35 29.88 6.17 -30.03
N VAL A 36 30.87 5.34 -29.77
CA VAL A 36 30.95 4.58 -28.54
C VAL A 36 32.20 4.97 -27.76
N ALA A 37 32.01 5.64 -26.63
CA ALA A 37 33.12 5.91 -25.72
C ALA A 37 33.36 4.69 -24.83
N LEU A 38 34.53 4.06 -24.98
CA LEU A 38 34.90 2.89 -24.19
C LEU A 38 35.70 3.28 -22.94
N TYR A 39 35.15 3.01 -21.76
CA TYR A 39 35.92 3.27 -20.55
C TYR A 39 36.13 2.00 -19.74
N ASP A 40 37.36 1.84 -19.24
CA ASP A 40 37.73 0.67 -18.48
C ASP A 40 38.97 0.95 -17.63
N LEU A 41 38.97 0.48 -16.39
CA LEU A 41 40.13 0.66 -15.52
C LEU A 41 41.37 0.16 -16.26
N ASP A 42 41.21 -0.91 -17.01
CA ASP A 42 42.31 -1.45 -17.82
C ASP A 42 42.26 -0.87 -19.23
N PHE A 43 42.98 0.22 -19.44
CA PHE A 43 42.88 0.97 -20.69
C PHE A 43 43.38 0.16 -21.86
N GLU A 44 44.29 -0.76 -21.60
CA GLU A 44 44.86 -1.57 -22.65
C GLU A 44 43.78 -2.39 -23.33
N ALA A 45 42.86 -2.95 -22.53
CA ALA A 45 41.78 -3.74 -23.10
C ALA A 45 40.81 -2.84 -23.87
N ALA A 46 40.51 -1.67 -23.32
CA ALA A 46 39.58 -0.77 -24.00
C ALA A 46 40.17 -0.37 -25.34
N GLN A 47 41.47 -0.11 -25.37
N GLN A 47 41.47 -0.11 -25.37
CA GLN A 47 42.15 0.34 -26.58
CA GLN A 47 42.15 0.34 -26.59
C GLN A 47 42.06 -0.72 -27.68
C GLN A 47 42.05 -0.74 -27.68
N LYS A 48 42.19 -1.98 -27.27
CA LYS A 48 42.04 -3.10 -28.20
C LYS A 48 40.61 -3.25 -28.75
N ASN A 49 39.61 -3.09 -27.90
CA ASN A 49 38.24 -3.04 -28.38
C ASN A 49 38.01 -1.85 -29.30
N GLU A 50 38.75 -0.78 -29.07
CA GLU A 50 38.59 0.39 -29.92
C GLU A 50 39.08 0.07 -31.34
N VAL A 51 40.19 -0.66 -31.44
CA VAL A 51 40.76 -0.98 -32.75
C VAL A 51 39.90 -2.04 -33.47
N ILE A 52 39.52 -3.08 -32.75
CA ILE A 52 38.58 -4.05 -33.32
C ILE A 52 37.25 -3.37 -33.71
N GLY A 53 36.78 -2.48 -32.85
CA GLY A 53 35.50 -1.81 -33.15
C GLY A 53 35.53 -1.00 -34.43
N ASN A 54 36.61 -0.25 -34.61
CA ASN A 54 36.77 0.60 -35.78
C ASN A 54 37.11 -0.19 -37.05
N HIS A 55 37.25 -1.50 -36.91
CA HIS A 55 37.38 -2.39 -38.07
C HIS A 55 36.07 -3.12 -38.34
N SER A 56 35.01 -2.78 -37.59
CA SER A 56 33.76 -3.51 -37.70
C SER A 56 32.66 -2.70 -38.43
N GLY A 57 31.96 -3.35 -39.36
CA GLY A 57 30.82 -2.71 -40.01
C GLY A 57 31.15 -1.58 -40.97
N ASN A 58 30.14 -0.77 -41.26
CA ASN A 58 30.21 0.21 -42.35
C ASN A 58 31.01 1.46 -42.04
N GLY A 59 31.60 1.55 -40.86
CA GLY A 59 32.04 2.84 -40.33
C GLY A 59 30.83 3.49 -39.69
N ARG A 60 29.79 2.69 -39.52
CA ARG A 60 28.56 3.11 -38.88
C ARG A 60 28.86 3.71 -37.49
N TRP A 61 29.70 3.01 -36.73
CA TRP A 61 30.04 3.46 -35.39
C TRP A 61 31.54 3.71 -35.19
N ARG A 62 31.87 4.87 -34.64
CA ARG A 62 33.24 5.20 -34.32
C ARG A 62 33.51 4.93 -32.84
N TYR A 63 34.52 4.12 -32.56
CA TYR A 63 34.87 3.75 -31.22
C TYR A 63 36.07 4.55 -30.75
N GLU A 64 36.07 4.97 -29.49
CA GLU A 64 37.19 5.66 -28.88
C GLU A 64 37.40 5.18 -27.43
N ALA A 65 38.56 4.60 -27.13
CA ALA A 65 38.94 4.35 -25.74
C ALA A 65 39.24 5.65 -25.00
N VAL A 66 38.58 5.90 -23.87
CA VAL A 66 38.77 7.13 -23.10
C VAL A 66 39.24 6.81 -21.69
N SER A 67 39.88 7.77 -21.03
CA SER A 67 40.64 7.51 -19.83
C SER A 67 39.87 7.73 -18.54
N THR A 68 38.74 8.40 -18.60
CA THR A 68 37.95 8.65 -17.40
C THR A 68 36.45 8.51 -17.62
N LEU A 69 35.71 8.26 -16.54
CA LEU A 69 34.26 8.16 -16.54
C LEU A 69 33.61 9.41 -17.10
N LYS A 70 34.06 10.56 -16.59
CA LYS A 70 33.50 11.84 -16.99
C LYS A 70 33.52 12.01 -18.51
N LYS A 71 34.63 11.64 -19.14
CA LYS A 71 34.75 11.77 -20.58
C LYS A 71 33.83 10.79 -21.31
N ALA A 72 33.75 9.56 -20.81
CA ALA A 72 32.81 8.59 -21.36
C ALA A 72 31.37 9.11 -21.30
N LEU A 73 31.00 9.69 -20.17
CA LEU A 73 29.61 10.01 -19.89
C LEU A 73 29.11 11.30 -20.56
N SER A 74 30.00 12.28 -20.71
CA SER A 74 29.55 13.59 -21.15
C SER A 74 28.80 13.45 -22.48
N ALA A 75 27.60 14.03 -22.53
CA ALA A 75 26.75 13.97 -23.71
C ALA A 75 26.28 12.57 -24.10
N ALA A 76 26.39 11.59 -23.21
CA ALA A 76 25.99 10.24 -23.56
C ALA A 76 24.47 10.08 -23.61
N ASP A 77 23.96 9.35 -24.60
CA ASP A 77 22.52 9.07 -24.70
C ASP A 77 22.20 7.75 -24.01
N ILE A 78 23.14 6.83 -24.08
CA ILE A 78 22.98 5.51 -23.53
C ILE A 78 24.23 5.21 -22.71
N VAL A 79 24.06 4.55 -21.56
CA VAL A 79 25.17 4.06 -20.74
C VAL A 79 25.02 2.57 -20.52
N ILE A 80 26.00 1.80 -20.98
CA ILE A 80 26.01 0.38 -20.80
C ILE A 80 27.05 0.05 -19.75
N ILE A 81 26.71 -0.84 -18.83
CA ILE A 81 27.62 -1.24 -17.78
C ILE A 81 27.80 -2.75 -17.79
N SER A 82 29.03 -3.16 -17.99
CA SER A 82 29.39 -4.55 -17.96
C SER A 82 30.79 -4.71 -17.40
N ILE A 83 30.91 -4.68 -16.08
CA ILE A 83 32.20 -4.80 -15.42
C ILE A 83 32.25 -6.01 -14.54
N LEU A 84 33.45 -6.35 -14.10
CA LEU A 84 33.67 -7.39 -13.12
C LEU A 84 34.01 -6.69 -11.81
N PRO A 85 33.17 -6.91 -10.78
CA PRO A 85 33.41 -6.38 -9.43
C PRO A 85 34.50 -7.16 -8.71
N GLY A 86 35.75 -6.69 -8.83
CA GLY A 86 36.89 -7.40 -8.26
C GLY A 86 37.60 -8.24 -9.30
N SER A 87 38.68 -8.89 -8.89
CA SER A 87 39.48 -9.70 -9.81
C SER A 87 38.99 -11.14 -9.78
N LEU A 88 39.52 -11.95 -10.69
CA LEU A 88 39.22 -13.37 -10.67
C LEU A 88 39.80 -14.04 -9.43
N ASP A 89 40.84 -13.44 -8.86
CA ASP A 89 41.35 -13.92 -7.57
C ASP A 89 40.32 -13.71 -6.45
N ASP A 90 39.65 -12.57 -6.43
CA ASP A 90 38.57 -12.35 -5.46
C ASP A 90 37.49 -13.41 -5.64
N GLU A 92 37.70 -16.50 -6.85
CA GLU A 92 38.13 -17.79 -6.36
C GLU A 92 37.73 -17.97 -4.89
N VAL A 93 37.85 -16.89 -4.12
CA VAL A 93 37.35 -16.84 -2.75
C VAL A 93 35.80 -16.88 -2.73
N ASP A 94 35.14 -15.94 -3.41
CA ASP A 94 33.67 -15.99 -3.49
C ASP A 94 33.19 -17.43 -3.72
N VAL A 95 33.71 -18.05 -4.77
CA VAL A 95 33.16 -19.31 -5.25
C VAL A 95 33.67 -20.56 -4.54
N HIS A 96 34.94 -20.58 -4.12
CA HIS A 96 35.51 -21.84 -3.62
C HIS A 96 35.75 -21.98 -2.11
N LEU A 97 36.02 -20.88 -1.44
CA LEU A 97 36.27 -20.95 0.00
C LEU A 97 35.14 -21.64 0.78
N PRO A 98 33.87 -21.34 0.46
CA PRO A 98 32.86 -21.98 1.33
C PRO A 98 32.85 -23.50 1.28
N GLU A 99 33.60 -24.09 0.35
CA GLU A 99 33.65 -25.54 0.20
C GLU A 99 34.31 -26.19 1.41
N ARG A 100 35.16 -25.43 2.09
CA ARG A 100 35.75 -25.91 3.33
C ARG A 100 34.68 -26.13 4.40
N CYS A 101 33.54 -25.47 4.26
CA CYS A 101 32.41 -25.71 5.17
C CYS A 101 31.34 -26.56 4.52
N GLY A 102 31.64 -27.17 3.38
CA GLY A 102 30.68 -28.06 2.73
C GLY A 102 29.69 -27.40 1.79
N ILE A 103 29.90 -26.12 1.49
CA ILE A 103 29.00 -25.39 0.62
C ILE A 103 29.53 -25.29 -0.80
N TYR A 104 28.81 -25.89 -1.75
CA TYR A 104 29.15 -25.77 -3.16
C TYR A 104 28.27 -24.75 -3.88
N GLN A 105 28.87 -24.11 -4.86
CA GLN A 105 28.21 -23.10 -5.66
C GLN A 105 28.54 -23.36 -7.12
N SER A 106 27.55 -23.21 -7.98
CA SER A 106 27.78 -23.47 -9.39
C SER A 106 28.25 -22.21 -10.11
N VAL A 107 27.83 -21.04 -9.64
CA VAL A 107 28.22 -19.82 -10.32
C VAL A 107 28.76 -18.82 -9.33
N GLY A 108 28.02 -18.62 -8.24
CA GLY A 108 28.44 -17.75 -7.16
C GLY A 108 28.54 -16.26 -7.46
N ASP A 109 27.73 -15.78 -8.39
CA ASP A 109 27.75 -14.37 -8.76
C ASP A 109 26.44 -13.66 -8.45
N THR A 110 25.51 -14.37 -7.83
CA THR A 110 24.16 -13.91 -7.69
C THR A 110 23.67 -14.00 -6.24
N VAL A 111 23.54 -15.20 -5.70
CA VAL A 111 23.18 -15.40 -4.30
C VAL A 111 24.19 -16.34 -3.64
N GLY A 112 23.81 -16.98 -2.55
CA GLY A 112 24.75 -17.81 -1.82
C GLY A 112 25.86 -16.93 -1.24
N PRO A 113 26.85 -17.55 -0.57
CA PRO A 113 27.96 -16.80 0.03
C PRO A 113 28.70 -15.94 -0.98
N GLY A 114 29.03 -16.48 -2.14
CA GLY A 114 29.74 -15.71 -3.17
C GLY A 114 28.94 -14.55 -3.71
N GLY A 115 27.65 -14.77 -3.92
CA GLY A 115 26.77 -13.72 -4.39
C GLY A 115 26.75 -12.56 -3.41
N ILE A 116 26.60 -12.87 -2.12
CA ILE A 116 26.54 -11.86 -1.07
C ILE A 116 27.84 -11.06 -0.97
N ILE A 117 28.96 -11.76 -0.86
CA ILE A 117 30.25 -11.11 -0.77
C ILE A 117 30.49 -10.29 -2.03
N ARG A 118 30.19 -10.87 -3.19
CA ARG A 118 30.37 -10.15 -4.44
C ARG A 118 29.52 -8.87 -4.50
N GLY A 119 28.26 -8.98 -4.10
CA GLY A 119 27.38 -7.82 -4.10
C GLY A 119 28.01 -6.75 -3.22
N LEU A 120 28.45 -7.18 -2.05
CA LEU A 120 29.05 -6.26 -1.10
C LEU A 120 30.16 -5.46 -1.78
N ARG A 121 31.05 -6.16 -2.46
CA ARG A 121 32.15 -5.54 -3.21
C ARG A 121 31.63 -4.59 -4.31
N ALA A 122 30.53 -4.94 -4.95
CA ALA A 122 30.04 -4.14 -6.08
C ALA A 122 29.37 -2.85 -5.65
N VAL A 123 28.83 -2.82 -4.43
CA VAL A 123 28.07 -1.68 -3.98
C VAL A 123 28.81 -0.35 -4.18
N PRO A 124 30.04 -0.23 -3.66
CA PRO A 124 30.65 1.12 -3.80
C PRO A 124 31.10 1.41 -5.22
N ILE A 125 31.32 0.40 -6.04
CA ILE A 125 31.60 0.63 -7.46
C ILE A 125 30.38 1.25 -8.16
N PHE A 126 29.18 0.76 -7.84
CA PHE A 126 28.00 1.26 -8.52
C PHE A 126 27.50 2.58 -7.93
N ALA A 127 27.75 2.80 -6.65
CA ALA A 127 27.47 4.10 -6.04
C ALA A 127 28.26 5.17 -6.79
N GLU A 128 29.53 4.87 -7.08
CA GLU A 128 30.38 5.80 -7.81
C GLU A 128 29.92 5.99 -9.26
N ILE A 129 29.53 4.92 -9.92
CA ILE A 129 28.97 5.01 -11.27
C ILE A 129 27.68 5.84 -11.24
N ALA A 130 26.82 5.56 -10.27
CA ALA A 130 25.56 6.30 -10.18
C ALA A 130 25.75 7.80 -9.97
N ARG A 131 26.77 8.17 -9.19
CA ARG A 131 27.02 9.59 -8.92
C ARG A 131 27.58 10.26 -10.17
N ALA A 132 28.33 9.51 -10.96
CA ALA A 132 28.91 10.03 -12.20
C ALA A 132 27.85 10.23 -13.27
N ILE A 133 26.99 9.23 -13.44
CA ILE A 133 25.84 9.36 -14.32
C ILE A 133 24.97 10.54 -13.89
N ARG A 134 24.71 10.65 -12.60
CA ARG A 134 23.98 11.81 -12.09
C ARG A 134 24.67 13.12 -12.47
N ASP A 135 25.99 13.15 -12.35
CA ASP A 135 26.73 14.38 -12.56
C ASP A 135 26.84 14.70 -14.06
N TYR A 136 27.13 13.72 -14.89
CA TYR A 136 27.43 14.00 -16.30
C TYR A 136 26.40 13.60 -17.34
N ALA A 137 25.44 12.74 -17.00
CA ALA A 137 24.53 12.23 -18.03
C ALA A 137 23.20 11.83 -17.40
N PRO A 138 22.66 12.73 -16.58
CA PRO A 138 21.44 12.52 -15.80
C PRO A 138 20.28 12.00 -16.62
N GLU A 139 20.24 12.32 -17.91
CA GLU A 139 19.08 12.00 -18.71
C GLU A 139 19.30 10.79 -19.62
N SER A 140 20.47 10.16 -19.54
CA SER A 140 20.70 8.97 -20.37
C SER A 140 19.92 7.77 -19.85
N TRP A 141 19.67 6.80 -20.73
CA TRP A 141 19.23 5.49 -20.28
C TRP A 141 20.44 4.61 -19.98
N VAL A 142 20.36 3.89 -18.88
CA VAL A 142 21.45 3.06 -18.38
C VAL A 142 21.06 1.58 -18.51
N ILE A 143 21.85 0.79 -19.21
CA ILE A 143 21.59 -0.64 -19.26
C ILE A 143 22.66 -1.39 -18.52
N ASN A 144 22.31 -2.01 -17.41
CA ASN A 144 23.27 -2.78 -16.64
C ASN A 144 23.25 -4.28 -17.00
N TYR A 145 24.44 -4.83 -17.21
CA TYR A 145 24.62 -6.22 -17.53
C TYR A 145 25.40 -6.93 -16.42
N THR A 146 25.88 -6.17 -15.45
CA THR A 146 26.74 -6.72 -14.40
C THR A 146 25.97 -7.51 -13.33
N ASN A 147 26.57 -8.60 -12.84
CA ASN A 147 26.05 -9.35 -11.70
C ASN A 147 26.82 -9.02 -10.41
N PRO A 148 26.16 -9.09 -9.24
CA PRO A 148 24.78 -9.52 -8.95
C PRO A 148 23.76 -8.45 -9.34
N SER A 150 20.44 -7.72 -9.20
CA SER A 150 19.49 -7.09 -8.32
C SER A 150 20.13 -6.09 -7.35
N VAL A 151 21.31 -6.41 -6.84
CA VAL A 151 22.01 -5.50 -5.97
C VAL A 151 22.58 -4.30 -6.71
N CYS A 152 23.30 -4.53 -7.81
CA CYS A 152 23.91 -3.44 -8.57
C CYS A 152 22.86 -2.49 -9.07
N THR A 153 21.84 -3.04 -9.69
CA THR A 153 20.80 -2.18 -10.22
C THR A 153 20.14 -1.41 -9.08
N ARG A 154 19.95 -2.06 -7.94
CA ARG A 154 19.27 -1.41 -6.84
C ARG A 154 20.09 -0.25 -6.29
N VAL A 155 21.42 -0.39 -6.34
CA VAL A 155 22.32 0.63 -5.82
C VAL A 155 22.23 1.85 -6.71
N LEU A 156 22.15 1.64 -8.02
CA LEU A 156 21.95 2.77 -8.92
C LEU A 156 20.77 3.67 -8.44
N TYR A 157 19.61 3.05 -8.17
CA TYR A 157 18.44 3.83 -7.79
C TYR A 157 18.56 4.44 -6.40
N LYS A 158 19.23 3.74 -5.49
CA LYS A 158 19.37 4.23 -4.13
C LYS A 158 20.26 5.47 -4.12
N VAL A 159 21.26 5.47 -4.97
CA VAL A 159 22.21 6.56 -4.96
C VAL A 159 21.77 7.71 -5.87
N PHE A 160 21.06 7.37 -6.95
CA PHE A 160 20.50 8.38 -7.85
C PHE A 160 19.04 8.01 -8.13
N PRO A 161 18.13 8.42 -7.24
CA PRO A 161 16.71 8.01 -7.33
C PRO A 161 16.08 8.32 -8.68
N GLY A 162 16.54 9.39 -9.34
CA GLY A 162 15.97 9.76 -10.64
C GLY A 162 16.60 9.05 -11.84
N ILE A 163 17.57 8.18 -11.58
CA ILE A 163 18.26 7.54 -12.68
C ILE A 163 17.27 6.77 -13.57
N LYS A 164 17.58 6.68 -14.86
CA LYS A 164 16.82 5.87 -15.80
C LYS A 164 17.59 4.61 -16.15
N ALA A 165 17.41 3.56 -15.36
CA ALA A 165 18.20 2.36 -15.49
C ALA A 165 17.41 1.06 -15.57
N ILE A 166 17.86 0.17 -16.43
CA ILE A 166 17.37 -1.20 -16.42
C ILE A 166 18.55 -2.17 -16.35
N GLY A 167 18.28 -3.37 -15.87
CA GLY A 167 19.22 -4.46 -15.94
C GLY A 167 18.74 -5.45 -16.99
N CYS A 168 19.69 -5.98 -17.78
CA CYS A 168 19.41 -6.96 -18.83
C CYS A 168 20.14 -8.28 -18.65
N CYS A 169 19.44 -9.35 -18.98
CA CYS A 169 19.93 -10.70 -18.79
C CYS A 169 19.37 -11.54 -19.93
N HIS A 170 20.10 -12.58 -20.33
CA HIS A 170 19.68 -13.39 -21.46
C HIS A 170 19.17 -14.77 -21.04
N GLU A 171 19.04 -15.02 -19.73
CA GLU A 171 18.62 -16.34 -19.30
C GLU A 171 17.23 -16.71 -19.84
N VAL A 172 16.30 -15.77 -19.83
CA VAL A 172 14.95 -16.08 -20.27
C VAL A 172 14.96 -16.51 -21.75
N PHE A 173 15.90 -15.98 -22.55
CA PHE A 173 15.93 -16.37 -23.96
C PHE A 173 16.17 -17.86 -24.12
N GLY A 174 16.98 -18.43 -23.24
CA GLY A 174 17.30 -19.86 -23.30
C GLY A 174 16.10 -20.74 -23.00
N THR A 175 15.19 -20.25 -22.17
CA THR A 175 13.99 -21.00 -21.88
C THR A 175 12.99 -20.89 -23.02
N GLN A 176 12.94 -19.71 -23.63
CA GLN A 176 12.14 -19.56 -24.83
C GLN A 176 12.61 -20.49 -25.96
N LYS A 177 13.92 -20.67 -26.11
CA LYS A 177 14.42 -21.56 -27.16
C LYS A 177 14.06 -23.00 -26.83
N LEU A 178 14.13 -23.35 -25.55
CA LEU A 178 13.76 -24.69 -25.09
C LEU A 178 12.30 -24.97 -25.42
N LEU A 179 11.43 -24.01 -25.11
CA LEU A 179 10.02 -24.14 -25.42
C LEU A 179 9.76 -24.19 -26.95
N ALA A 180 10.48 -23.38 -27.72
CA ALA A 180 10.29 -23.49 -29.17
C ALA A 180 10.62 -24.90 -29.67
N GLU A 181 11.70 -25.50 -29.17
CA GLU A 181 12.06 -26.85 -29.58
C GLU A 181 11.05 -27.90 -29.10
N VAL A 183 7.80 -27.33 -28.79
CA VAL A 183 6.72 -27.17 -29.76
C VAL A 183 6.95 -28.02 -31.02
N THR A 184 8.14 -27.92 -31.58
CA THR A 184 8.52 -28.76 -32.71
C THR A 184 8.47 -30.24 -32.37
N GLU A 185 9.09 -30.63 -31.26
CA GLU A 185 9.11 -32.03 -30.92
C GLU A 185 7.77 -32.61 -30.48
N ARG A 186 6.92 -31.80 -29.85
CA ARG A 186 5.67 -32.33 -29.33
C ARG A 186 4.57 -32.18 -30.37
N LEU A 187 4.69 -31.18 -31.24
CA LEU A 187 3.60 -30.85 -32.14
C LEU A 187 3.99 -31.02 -33.59
N GLY A 188 5.28 -31.09 -33.85
CA GLY A 188 5.75 -31.29 -35.22
C GLY A 188 5.81 -30.03 -36.06
N ILE A 189 5.46 -28.89 -35.49
CA ILE A 189 5.49 -27.65 -36.26
C ILE A 189 6.69 -26.74 -35.94
N GLU A 190 7.16 -26.05 -36.97
CA GLU A 190 8.28 -25.12 -36.84
C GLU A 190 7.92 -23.90 -36.00
N VAL A 191 8.92 -23.35 -35.33
CA VAL A 191 8.78 -22.03 -34.72
C VAL A 191 9.91 -21.24 -35.32
N PRO A 192 9.59 -20.13 -36.02
CA PRO A 192 10.57 -19.34 -36.76
C PRO A 192 11.52 -18.54 -35.86
N ARG A 193 11.02 -18.06 -34.72
CA ARG A 193 11.83 -17.25 -33.81
C ARG A 193 11.46 -17.52 -32.37
N ARG A 194 12.46 -17.54 -31.49
CA ARG A 194 12.18 -17.71 -30.07
C ARG A 194 11.30 -16.57 -29.56
N GLU A 195 11.35 -15.42 -30.24
CA GLU A 195 10.44 -14.31 -29.94
C GLU A 195 8.99 -14.74 -29.98
N ASP A 196 8.62 -15.63 -30.91
CA ASP A 196 7.23 -16.06 -31.04
C ASP A 196 6.72 -16.88 -29.84
N ILE A 197 7.62 -17.25 -28.94
CA ILE A 197 7.20 -17.91 -27.72
C ILE A 197 6.89 -16.79 -26.76
N ARG A 198 5.62 -16.45 -26.63
CA ARG A 198 5.21 -15.29 -25.89
C ARG A 198 4.99 -15.74 -24.46
N VAL A 199 5.82 -15.25 -23.57
CA VAL A 199 5.77 -15.76 -22.22
C VAL A 199 5.44 -14.64 -21.24
N ASN A 200 4.73 -14.99 -20.18
CA ASN A 200 4.57 -14.10 -19.06
C ASN A 200 5.60 -14.47 -18.01
N VAL A 201 6.67 -13.69 -17.93
CA VAL A 201 7.81 -14.03 -17.10
C VAL A 201 7.99 -13.04 -15.93
N LEU A 202 8.38 -13.56 -14.77
CA LEU A 202 8.44 -12.75 -13.57
C LEU A 202 9.30 -13.41 -12.49
N GLY A 203 9.85 -12.58 -11.61
CA GLY A 203 10.74 -13.07 -10.57
C GLY A 203 11.84 -12.07 -10.30
N ILE A 204 12.98 -12.57 -9.90
CA ILE A 204 14.15 -11.72 -9.75
C ILE A 204 15.19 -12.38 -10.66
N ASN A 205 16.22 -11.63 -11.04
CA ASN A 205 17.23 -12.14 -11.98
C ASN A 205 17.80 -13.51 -11.62
N HIS A 206 17.92 -14.39 -12.61
CA HIS A 206 18.35 -15.79 -12.43
C HIS A 206 17.38 -16.67 -11.64
N PHE A 207 16.27 -16.08 -11.22
CA PHE A 207 15.22 -16.82 -10.51
C PHE A 207 13.87 -16.33 -11.06
N THR A 208 13.73 -16.45 -12.38
CA THR A 208 12.58 -16.03 -13.13
C THR A 208 11.67 -17.21 -13.48
N TRP A 209 10.37 -16.93 -13.60
CA TRP A 209 9.38 -17.98 -13.79
C TRP A 209 8.38 -17.57 -14.84
N ILE A 210 7.91 -18.56 -15.57
CA ILE A 210 6.92 -18.32 -16.59
C ILE A 210 5.64 -18.97 -16.14
N THR A 211 4.62 -18.14 -15.91
CA THR A 211 3.35 -18.63 -15.41
C THR A 211 2.31 -18.75 -16.54
N LYS A 212 2.59 -18.14 -17.68
CA LYS A 212 1.74 -18.28 -18.86
C LYS A 212 2.66 -18.20 -20.06
N ALA A 213 2.33 -18.95 -21.10
CA ALA A 213 3.14 -19.03 -22.29
C ALA A 213 2.31 -19.54 -23.47
N SER A 214 2.59 -19.01 -24.64
CA SER A 214 1.86 -19.43 -25.80
C SER A 214 2.72 -19.32 -27.04
N TYR A 215 2.36 -20.15 -28.02
CA TYR A 215 2.85 -19.97 -29.38
C TYR A 215 1.60 -19.78 -30.24
N ARG A 216 1.40 -18.59 -30.79
CA ARG A 216 0.15 -18.29 -31.47
C ARG A 216 -1.01 -18.63 -30.57
N HIS A 217 -1.91 -19.47 -31.06
CA HIS A 217 -3.12 -19.80 -30.32
C HIS A 217 -2.95 -20.92 -29.29
N ILE A 218 -1.76 -21.51 -29.21
CA ILE A 218 -1.56 -22.69 -28.38
C ILE A 218 -1.01 -22.37 -26.99
N ASP A 219 -1.63 -22.93 -25.97
CA ASP A 219 -1.15 -22.80 -24.60
C ASP A 219 0.03 -23.75 -24.38
N LEU A 220 1.18 -23.21 -23.98
CA LEU A 220 2.37 -24.04 -23.85
C LEU A 220 2.47 -24.71 -22.49
N LEU A 221 1.70 -24.27 -21.50
CA LEU A 221 1.90 -24.81 -20.16
C LEU A 221 1.52 -26.27 -20.00
N PRO A 222 0.37 -26.69 -20.56
CA PRO A 222 -0.03 -28.10 -20.56
C PRO A 222 0.96 -28.97 -21.31
N ILE A 223 1.52 -28.43 -22.39
CA ILE A 223 2.52 -29.14 -23.18
C ILE A 223 3.83 -29.32 -22.42
N PHE A 224 4.24 -28.29 -21.68
CA PHE A 224 5.46 -28.42 -20.90
C PHE A 224 5.23 -29.46 -19.79
N ARG A 225 4.01 -29.57 -19.29
CA ARG A 225 3.73 -30.55 -18.27
C ARG A 225 3.96 -31.98 -18.82
N GLU A 226 3.45 -32.27 -20.02
CA GLU A 226 3.70 -33.58 -20.67
C GLU A 226 5.17 -33.77 -20.93
N PHE A 227 5.78 -32.74 -21.50
CA PHE A 227 7.19 -32.70 -21.79
C PHE A 227 8.02 -33.03 -20.57
N SER A 228 7.63 -32.46 -19.44
CA SER A 228 8.33 -32.67 -18.19
C SER A 228 8.15 -34.09 -17.66
N ALA A 229 6.97 -34.66 -17.85
CA ALA A 229 6.70 -36.00 -17.38
C ALA A 229 7.52 -36.99 -18.20
N HIS A 230 7.66 -36.69 -19.49
CA HIS A 230 8.38 -37.60 -20.34
C HIS A 230 9.90 -37.56 -20.18
N TYR A 231 10.48 -36.38 -19.95
CA TYR A 231 11.94 -36.27 -19.90
C TYR A 231 12.49 -35.90 -18.52
N GLY A 232 11.62 -35.93 -17.52
CA GLY A 232 11.99 -35.60 -16.16
C GLY A 232 13.17 -36.40 -15.63
N GLU A 233 13.17 -37.70 -15.89
CA GLU A 233 14.24 -38.59 -15.44
C GLU A 233 15.47 -38.46 -16.34
N SER A 234 15.27 -38.62 -17.64
CA SER A 234 16.41 -38.66 -18.55
C SER A 234 16.96 -37.27 -18.86
N GLY A 235 16.16 -36.24 -18.65
CA GLY A 235 16.54 -34.90 -19.06
C GLY A 235 16.16 -34.71 -20.51
N TYR A 236 16.31 -33.49 -21.00
CA TYR A 236 16.08 -33.22 -22.40
C TYR A 236 17.13 -32.27 -22.93
N GLU A 237 17.72 -32.62 -24.06
CA GLU A 237 18.82 -31.85 -24.60
C GLU A 237 18.45 -31.15 -25.91
N LEU A 238 18.86 -29.89 -26.04
CA LEU A 238 18.56 -29.12 -27.24
C LEU A 238 19.14 -29.81 -28.48
N GLU A 239 18.47 -29.64 -29.62
CA GLU A 239 18.92 -30.20 -30.89
C GLU A 239 20.43 -30.03 -31.08
N GLY A 240 21.10 -31.14 -31.39
CA GLY A 240 22.53 -31.11 -31.70
C GLY A 240 23.43 -30.71 -30.53
N GLU A 241 22.97 -30.97 -29.32
CA GLU A 241 23.74 -30.63 -28.13
C GLU A 241 23.86 -31.81 -27.17
N CYS A 242 24.85 -31.73 -26.29
CA CYS A 242 24.99 -32.70 -25.23
C CYS A 242 25.31 -31.93 -23.95
N TRP A 243 24.63 -32.27 -22.86
CA TRP A 243 24.80 -31.48 -21.64
C TRP A 243 26.27 -31.42 -21.17
N ARG A 244 27.12 -32.34 -21.62
CA ARG A 244 28.55 -32.34 -21.26
C ARG A 244 29.39 -31.41 -22.12
N ASP A 245 28.85 -30.88 -23.19
CA ASP A 245 29.65 -30.06 -24.09
C ASP A 245 30.39 -28.95 -23.35
N SER A 246 29.73 -28.29 -22.41
CA SER A 246 30.40 -27.23 -21.66
C SER A 246 29.75 -27.01 -20.30
N VAL A 247 30.42 -26.22 -19.45
CA VAL A 247 29.86 -25.90 -18.14
C VAL A 247 28.53 -25.13 -18.25
N PHE A 248 28.22 -24.65 -19.44
CA PHE A 248 27.01 -23.85 -19.63
C PHE A 248 25.77 -24.68 -19.97
N CYS A 249 25.98 -25.96 -20.29
CA CYS A 249 24.91 -26.79 -20.83
C CYS A 249 24.21 -27.65 -19.79
N SER A 250 23.05 -28.18 -20.14
CA SER A 250 22.34 -29.02 -19.21
C SER A 250 21.30 -29.84 -19.95
N ALA A 251 20.63 -30.72 -19.25
CA ALA A 251 19.49 -31.42 -19.82
C ALA A 251 18.19 -30.99 -19.12
N HIS A 252 18.19 -29.84 -18.46
CA HIS A 252 16.97 -29.27 -17.90
C HIS A 252 16.28 -30.10 -16.82
N ARG A 253 16.99 -31.06 -16.24
CA ARG A 253 16.46 -31.85 -15.14
C ARG A 253 16.05 -30.98 -13.96
N VAL A 254 16.82 -29.93 -13.70
CA VAL A 254 16.52 -29.06 -12.56
C VAL A 254 15.22 -28.28 -12.84
N ALA A 255 15.09 -27.77 -14.07
CA ALA A 255 13.89 -27.08 -14.46
C ALA A 255 12.65 -27.98 -14.41
N PHE A 256 12.79 -29.22 -14.85
CA PHE A 256 11.65 -30.15 -14.79
C PHE A 256 11.27 -30.43 -13.35
N ASP A 257 12.27 -30.57 -12.49
CA ASP A 257 12.03 -30.88 -11.10
C ASP A 257 11.31 -29.71 -10.40
N LEU A 258 11.74 -28.48 -10.65
CA LEU A 258 11.08 -27.30 -10.07
C LEU A 258 9.68 -27.15 -10.61
N PHE A 259 9.49 -27.41 -11.91
CA PHE A 259 8.13 -27.36 -12.46
C PHE A 259 7.14 -28.28 -11.72
N GLU A 260 7.52 -29.53 -11.51
CA GLU A 260 6.66 -30.52 -10.82
C GLU A 260 6.31 -30.05 -9.44
N THR A 261 7.26 -29.41 -8.78
CA THR A 261 7.00 -28.90 -7.45
C THR A 261 6.08 -27.67 -7.51
N TYR A 262 6.34 -26.75 -8.44
CA TYR A 262 5.74 -25.41 -8.30
C TYR A 262 4.66 -25.06 -9.31
N GLY A 263 4.59 -25.79 -10.43
CA GLY A 263 3.55 -25.54 -11.43
C GLY A 263 3.79 -24.34 -12.35
N ALA A 264 4.94 -23.69 -12.23
CA ALA A 264 5.31 -22.65 -13.20
C ALA A 264 6.63 -23.08 -13.82
N ILE A 265 6.94 -22.60 -15.02
CA ILE A 265 8.15 -23.01 -15.70
C ILE A 265 9.37 -22.18 -15.26
N PRO A 266 10.36 -22.83 -14.64
CA PRO A 266 11.54 -22.09 -14.23
C PRO A 266 12.21 -21.54 -15.48
N ALA A 267 12.65 -20.29 -15.43
CA ALA A 267 13.09 -19.62 -16.67
C ALA A 267 14.52 -19.09 -16.61
N ALA A 268 15.44 -19.93 -16.14
CA ALA A 268 16.89 -19.70 -16.20
C ALA A 268 17.60 -21.05 -16.31
N GLY A 269 18.89 -21.04 -16.66
CA GLY A 269 19.65 -22.29 -16.75
C GLY A 269 19.67 -23.00 -15.40
N ASP A 270 19.71 -24.32 -15.46
CA ASP A 270 19.82 -25.16 -14.28
C ASP A 270 20.90 -24.66 -13.31
N ARG A 271 22.04 -24.24 -13.84
CA ARG A 271 23.17 -23.81 -13.02
C ARG A 271 22.83 -22.59 -12.16
N HIS A 272 21.90 -21.76 -12.62
CA HIS A 272 21.50 -20.57 -11.85
C HIS A 272 20.38 -20.88 -10.89
N LEU A 273 19.40 -21.66 -11.35
CA LEU A 273 18.26 -22.04 -10.53
C LEU A 273 18.74 -22.75 -9.29
N ALA A 274 19.74 -23.60 -9.51
CA ALA A 274 20.23 -24.48 -8.46
C ALA A 274 20.70 -23.73 -7.21
N GLU A 275 21.04 -22.45 -7.34
CA GLU A 275 21.61 -21.76 -6.19
C GLU A 275 20.56 -21.10 -5.28
N PHE A 276 19.29 -21.11 -5.70
CA PHE A 276 18.25 -20.34 -4.99
C PHE A 276 17.45 -21.13 -3.97
N LEU A 277 17.58 -22.45 -3.97
CA LEU A 277 16.76 -23.28 -3.08
C LEU A 277 17.41 -24.55 -2.63
N PRO A 278 16.86 -25.16 -1.57
CA PRO A 278 17.30 -26.47 -1.09
C PRO A 278 17.09 -27.52 -2.19
N GLY A 279 18.06 -28.39 -2.37
CA GLY A 279 17.93 -29.51 -3.28
C GLY A 279 19.18 -30.35 -3.28
N PRO A 280 19.13 -31.52 -3.91
CA PRO A 280 20.33 -32.34 -4.10
C PRO A 280 21.23 -31.77 -5.18
N TYR A 281 20.76 -30.73 -5.86
CA TYR A 281 21.37 -30.28 -7.12
C TYR A 281 22.87 -30.00 -7.08
N LEU A 282 23.28 -29.13 -6.16
CA LEU A 282 24.65 -28.60 -6.16
C LEU A 282 25.66 -29.64 -5.71
N LYS A 283 25.19 -30.67 -5.00
CA LYS A 283 26.08 -31.72 -4.51
C LYS A 283 26.17 -32.90 -5.46
N GLN A 284 25.24 -33.00 -6.41
CA GLN A 284 25.27 -34.10 -7.37
C GLN A 284 24.98 -33.54 -8.76
N PRO A 285 25.82 -32.60 -9.22
CA PRO A 285 25.51 -31.90 -10.46
C PRO A 285 25.48 -32.85 -11.66
N GLU A 286 26.32 -33.87 -11.65
CA GLU A 286 26.35 -34.81 -12.79
C GLU A 286 25.08 -35.67 -12.83
N VAL A 287 24.54 -36.06 -11.68
CA VAL A 287 23.25 -36.74 -11.70
C VAL A 287 22.13 -35.82 -12.19
N TRP A 288 22.24 -34.53 -11.86
CA TRP A 288 21.21 -33.59 -12.26
C TRP A 288 21.52 -33.02 -13.64
N LYS A 289 22.62 -33.49 -14.22
CA LYS A 289 22.98 -33.18 -15.61
C LYS A 289 23.25 -31.71 -15.92
N PHE A 290 24.00 -31.05 -15.05
CA PHE A 290 24.49 -29.70 -15.34
C PHE A 290 25.86 -29.60 -14.68
N HIS A 291 26.53 -28.46 -14.77
CA HIS A 291 27.87 -28.33 -14.20
C HIS A 291 27.99 -27.15 -13.23
N LEU A 292 29.03 -27.20 -12.41
CA LEU A 292 29.45 -26.04 -11.67
C LEU A 292 30.42 -25.32 -12.59
N THR A 293 30.64 -24.03 -12.37
CA THR A 293 31.67 -23.31 -13.09
C THR A 293 32.79 -22.93 -12.13
N PRO A 294 33.91 -23.66 -12.19
CA PRO A 294 35.03 -23.42 -11.28
C PRO A 294 35.76 -22.17 -11.72
N ILE A 295 36.47 -21.51 -10.82
CA ILE A 295 37.12 -20.25 -11.21
C ILE A 295 38.23 -20.46 -12.23
N SER A 296 38.78 -21.66 -12.28
CA SER A 296 39.84 -21.99 -13.24
C SER A 296 39.28 -21.92 -14.66
N PHE A 297 38.03 -22.34 -14.83
CA PHE A 297 37.41 -22.25 -16.14
C PHE A 297 37.42 -20.79 -16.59
N ARG A 298 37.14 -19.88 -15.67
CA ARG A 298 37.03 -18.47 -16.03
C ARG A 298 38.39 -17.87 -16.33
N LYS A 299 39.42 -18.35 -15.66
CA LYS A 299 40.76 -17.84 -15.94
C LYS A 299 41.19 -18.34 -17.31
N GLN A 300 40.96 -19.62 -17.55
CA GLN A 300 41.23 -20.22 -18.85
C GLN A 300 40.45 -19.50 -19.96
N ASP A 301 39.13 -19.38 -19.79
CA ASP A 301 38.32 -18.72 -20.79
C ASP A 301 38.87 -17.33 -21.09
N ARG A 302 39.26 -16.62 -20.06
CA ARG A 302 39.75 -15.27 -20.25
C ARG A 302 41.02 -15.27 -21.10
N ALA A 303 41.86 -16.27 -20.88
CA ALA A 303 43.15 -16.35 -21.58
C ALA A 303 42.94 -16.68 -23.06
N GLU A 304 42.06 -17.62 -23.37
CA GLU A 304 41.78 -17.88 -24.77
C GLU A 304 41.00 -16.73 -25.45
N LYS A 305 40.22 -15.96 -24.67
CA LYS A 305 39.61 -14.75 -25.21
C LYS A 305 40.67 -13.68 -25.49
N ARG A 306 41.67 -13.60 -24.61
CA ARG A 306 42.78 -12.69 -24.84
C ARG A 306 43.52 -13.00 -26.12
N GLN A 307 43.69 -14.29 -26.40
CA GLN A 307 44.38 -14.72 -27.61
C GLN A 307 43.57 -14.39 -28.84
N GLU A 308 42.28 -14.70 -28.79
CA GLU A 308 41.38 -14.35 -29.87
C GLU A 308 41.43 -12.85 -30.17
N THR A 309 41.37 -12.04 -29.11
CA THR A 309 41.49 -10.60 -29.26
C THR A 309 42.79 -10.19 -29.99
N GLU A 310 43.91 -10.80 -29.61
CA GLU A 310 45.19 -10.45 -30.25
C GLU A 310 45.17 -10.89 -31.71
N ARG A 311 44.42 -11.95 -32.00
CA ARG A 311 44.28 -12.45 -33.35
C ARG A 311 43.64 -11.40 -34.25
N LEU A 312 42.46 -10.93 -33.83
CA LEU A 312 41.75 -9.91 -34.59
C LEU A 312 42.62 -8.66 -34.76
N ILE A 313 43.37 -8.29 -33.73
CA ILE A 313 44.22 -7.11 -33.83
C ILE A 313 45.37 -7.32 -34.85
N VAL A 314 45.91 -8.52 -34.91
CA VAL A 314 46.97 -8.86 -35.85
C VAL A 314 46.45 -8.90 -37.28
N GLN A 315 45.33 -9.58 -37.46
CA GLN A 315 44.68 -9.70 -38.77
C GLN A 315 43.89 -8.46 -39.13
N GLN A 316 43.92 -7.46 -38.27
CA GLN A 316 43.22 -6.21 -38.51
C GLN A 316 41.75 -6.42 -38.86
N ARG A 317 41.15 -7.45 -38.27
CA ARG A 317 39.73 -7.73 -38.47
C ARG A 317 38.86 -7.11 -37.37
N GLY A 318 37.57 -6.95 -37.66
CA GLY A 318 36.57 -6.49 -36.69
C GLY A 318 35.79 -7.68 -36.16
N VAL A 319 34.72 -7.43 -35.41
CA VAL A 319 33.91 -8.52 -34.89
C VAL A 319 33.10 -9.15 -36.02
N ALA A 320 32.58 -10.34 -35.77
CA ALA A 320 31.62 -10.95 -36.69
C ALA A 320 30.39 -10.04 -36.87
N GLU A 321 30.08 -9.74 -38.12
CA GLU A 321 28.86 -9.01 -38.43
C GLU A 321 27.69 -9.97 -38.39
N LYS A 322 27.37 -10.46 -37.19
CA LYS A 322 26.33 -11.45 -37.00
C LYS A 322 25.53 -11.16 -35.73
N ALA A 323 24.21 -11.29 -35.79
CA ALA A 323 23.35 -11.01 -34.65
C ALA A 323 23.75 -11.85 -33.43
N SER A 324 23.91 -11.19 -32.28
CA SER A 324 24.36 -11.87 -31.05
C SER A 324 23.28 -12.72 -30.38
N GLY A 325 22.02 -12.42 -30.66
CA GLY A 325 20.95 -13.03 -29.89
C GLY A 325 20.55 -12.16 -28.70
N GLU A 326 21.31 -11.10 -28.43
CA GLU A 326 21.00 -10.19 -27.32
C GLU A 326 19.99 -9.14 -27.77
N GLU A 327 19.35 -8.45 -26.82
CA GLU A 327 18.38 -7.40 -27.16
C GLU A 327 18.90 -5.97 -26.90
N GLY A 328 20.12 -5.87 -26.37
CA GLY A 328 20.70 -4.57 -26.05
C GLY A 328 20.44 -3.51 -27.11
N VAL A 329 20.90 -3.78 -28.32
CA VAL A 329 20.77 -2.84 -29.42
C VAL A 329 19.33 -2.59 -29.87
N ASN A 330 18.52 -3.65 -29.88
CA ASN A 330 17.10 -3.50 -30.12
C ASN A 330 16.47 -2.58 -29.08
N ILE A 331 16.91 -2.72 -27.83
CA ILE A 331 16.37 -1.94 -26.74
C ILE A 331 16.80 -0.50 -26.90
N ILE A 332 18.06 -0.29 -27.31
CA ILE A 332 18.53 1.07 -27.54
C ILE A 332 17.72 1.72 -28.68
N ALA A 333 17.55 1.00 -29.78
CA ALA A 333 16.73 1.52 -30.88
C ALA A 333 15.32 1.91 -30.39
N ALA A 334 14.72 1.07 -29.56
CA ALA A 334 13.36 1.35 -29.09
C ALA A 334 13.40 2.61 -28.21
N LEU A 335 14.46 2.76 -27.42
CA LEU A 335 14.55 3.91 -26.53
C LEU A 335 14.70 5.19 -27.33
N LEU A 336 15.22 5.08 -28.55
CA LEU A 336 15.39 6.25 -29.42
C LEU A 336 14.17 6.52 -30.28
N GLY A 337 13.16 5.66 -30.17
CA GLY A 337 11.94 5.84 -30.94
C GLY A 337 11.99 5.16 -32.29
N LEU A 338 13.01 4.33 -32.53
CA LEU A 338 13.18 3.71 -33.84
C LEU A 338 12.49 2.38 -33.94
N GLY A 339 11.65 2.08 -32.95
CA GLY A 339 10.88 0.86 -32.88
C GLY A 339 10.18 0.90 -31.52
N GLU A 340 9.35 -0.10 -31.26
CA GLU A 340 8.73 -0.29 -29.97
C GLU A 340 8.87 -1.78 -29.65
N LEU A 341 9.00 -2.14 -28.39
CA LEU A 341 9.46 -3.47 -28.09
C LEU A 341 8.87 -3.88 -26.75
N VAL A 342 8.53 -5.16 -26.63
CA VAL A 342 8.17 -5.77 -25.33
C VAL A 342 9.20 -6.86 -25.06
N THR A 343 10.00 -6.68 -24.01
CA THR A 343 11.02 -7.69 -23.66
C THR A 343 11.24 -7.67 -22.15
N ASN A 344 11.95 -8.67 -21.61
CA ASN A 344 12.04 -8.78 -20.16
C ASN A 344 13.22 -7.98 -19.67
N VAL A 345 13.01 -7.24 -18.57
CA VAL A 345 14.06 -6.44 -17.99
C VAL A 345 13.94 -6.35 -16.47
N ASN A 346 15.02 -5.89 -15.85
CA ASN A 346 15.07 -5.71 -14.43
C ASN A 346 14.86 -4.23 -14.08
N PRO A 348 12.93 -1.49 -10.71
CA PRO A 348 12.26 -1.36 -9.41
C PRO A 348 10.79 -1.82 -9.49
N ASN A 349 10.35 -2.58 -8.50
CA ASN A 349 8.98 -3.06 -8.43
C ASN A 349 8.03 -1.94 -8.03
N GLN A 350 7.01 -1.70 -8.85
CA GLN A 350 5.97 -0.76 -8.54
C GLN A 350 4.63 -1.46 -8.71
N GLY A 351 4.62 -2.78 -8.56
CA GLY A 351 3.41 -3.56 -8.68
C GLY A 351 3.45 -4.59 -9.79
N GLN A 352 4.49 -4.60 -10.61
CA GLN A 352 4.50 -5.52 -11.76
C GLN A 352 4.69 -6.96 -11.30
N VAL A 353 5.19 -7.14 -10.10
CA VAL A 353 5.15 -8.48 -9.48
C VAL A 353 4.45 -8.35 -8.16
N LEU A 354 3.38 -9.12 -7.99
CA LEU A 354 2.54 -9.05 -6.78
C LEU A 354 3.21 -9.62 -5.54
N ASN A 355 2.92 -9.02 -4.37
CA ASN A 355 3.35 -9.54 -3.08
C ASN A 355 4.87 -9.54 -2.86
N LEU A 356 5.59 -8.69 -3.59
CA LEU A 356 7.05 -8.59 -3.40
C LEU A 356 7.33 -7.15 -3.05
N PRO A 357 8.34 -6.88 -2.21
CA PRO A 357 8.47 -5.50 -1.73
C PRO A 357 8.57 -4.49 -2.88
N ILE A 358 8.03 -3.31 -2.68
CA ILE A 358 8.16 -2.30 -3.69
C ILE A 358 9.57 -1.66 -3.72
N GLN A 359 10.00 -1.22 -4.91
CA GLN A 359 11.36 -0.71 -5.14
C GLN A 359 12.38 -1.82 -5.40
N ALA A 360 12.14 -3.01 -4.88
CA ALA A 360 13.09 -4.08 -5.10
C ALA A 360 13.17 -4.31 -6.60
N ILE A 361 14.36 -4.70 -7.07
CA ILE A 361 14.61 -4.97 -8.49
C ILE A 361 14.01 -6.32 -8.88
N VAL A 362 12.97 -6.30 -9.69
CA VAL A 362 12.37 -7.52 -10.23
C VAL A 362 12.48 -7.59 -11.78
N GLU A 363 12.43 -8.79 -12.32
CA GLU A 363 12.47 -9.01 -13.75
C GLU A 363 11.07 -9.35 -14.28
N THR A 364 10.55 -8.51 -15.19
CA THR A 364 9.29 -8.78 -15.92
C THR A 364 9.43 -8.26 -17.34
N ASN A 365 8.43 -8.55 -18.16
CA ASN A 365 8.27 -7.84 -19.42
C ASN A 365 8.04 -6.37 -19.17
N ALA A 366 8.48 -5.56 -20.14
CA ALA A 366 8.29 -4.12 -20.08
C ALA A 366 8.09 -3.63 -21.51
N PHE A 367 7.30 -2.58 -21.64
CA PHE A 367 6.99 -1.95 -22.92
C PHE A 367 8.02 -0.87 -23.10
N ILE A 368 8.71 -0.89 -24.21
CA ILE A 368 9.79 0.05 -24.37
C ILE A 368 9.53 0.83 -25.62
N THR A 369 9.60 2.14 -25.49
CA THR A 369 9.41 3.00 -26.65
C THR A 369 10.22 4.27 -26.41
N ARG A 370 10.02 5.31 -27.22
CA ARG A 370 10.94 6.45 -27.13
C ARG A 370 11.10 6.90 -25.69
N ASN A 371 12.31 6.80 -25.14
CA ASN A 371 12.60 7.36 -23.82
C ASN A 371 11.62 6.84 -22.75
N ARG A 372 11.18 5.58 -22.87
CA ARG A 372 10.20 4.99 -21.94
C ARG A 372 10.48 3.53 -21.74
N VAL A 373 10.62 3.11 -20.49
CA VAL A 373 10.59 1.68 -20.17
C VAL A 373 9.48 1.47 -19.13
N GLN A 374 8.46 0.72 -19.48
CA GLN A 374 7.27 0.66 -18.67
C GLN A 374 6.92 -0.80 -18.37
N PRO A 375 7.11 -1.18 -17.11
CA PRO A 375 6.84 -2.56 -16.71
C PRO A 375 5.38 -2.95 -16.97
N ILE A 376 5.19 -4.21 -17.32
CA ILE A 376 3.88 -4.78 -17.55
C ILE A 376 3.49 -5.59 -16.31
N LEU A 377 2.30 -5.32 -15.78
CA LEU A 377 1.78 -6.06 -14.63
C LEU A 377 1.71 -7.55 -14.95
N SER A 378 2.46 -8.35 -14.22
CA SER A 378 2.63 -9.76 -14.55
C SER A 378 2.04 -10.74 -13.55
N GLY A 379 1.39 -10.24 -12.49
CA GLY A 379 0.72 -11.11 -11.52
C GLY A 379 1.64 -11.68 -10.45
N ALA A 380 1.26 -12.85 -9.93
CA ALA A 380 1.93 -13.50 -8.81
C ALA A 380 2.76 -14.72 -9.22
N LEU A 381 3.80 -15.01 -8.44
CA LEU A 381 4.55 -16.25 -8.55
C LEU A 381 3.76 -17.37 -7.88
N PRO A 382 4.13 -18.63 -8.12
CA PRO A 382 3.59 -19.67 -7.23
C PRO A 382 3.99 -19.34 -5.79
N LYS A 383 3.15 -19.72 -4.84
CA LYS A 383 3.34 -19.32 -3.44
C LYS A 383 4.71 -19.77 -2.88
N GLY A 384 5.09 -21.01 -3.15
CA GLY A 384 6.41 -21.50 -2.73
C GLY A 384 7.56 -20.68 -3.29
N VAL A 385 7.41 -20.24 -4.52
CA VAL A 385 8.46 -19.49 -5.21
C VAL A 385 8.51 -18.09 -4.66
N GLU A 386 7.33 -17.54 -4.35
CA GLU A 386 7.21 -16.19 -3.83
C GLU A 386 7.83 -16.09 -2.40
N LEU A 388 10.36 -17.96 -1.37
CA LEU A 388 11.80 -17.94 -1.58
C LEU A 388 12.26 -16.56 -2.10
N ALA A 389 11.50 -15.98 -3.02
CA ALA A 389 11.91 -14.74 -3.68
C ALA A 389 11.91 -13.58 -2.68
N ALA A 390 10.90 -13.53 -1.78
CA ALA A 390 10.86 -12.51 -0.74
C ALA A 390 12.07 -12.64 0.17
N ARG A 391 12.44 -13.88 0.45
CA ARG A 391 13.61 -14.13 1.26
C ARG A 391 14.92 -13.61 0.64
N HIS A 392 15.17 -13.92 -0.65
CA HIS A 392 16.34 -13.41 -1.36
C HIS A 392 16.32 -11.89 -1.51
N ILE A 393 15.14 -11.37 -1.82
CA ILE A 393 14.99 -9.94 -1.85
C ILE A 393 15.39 -9.26 -0.52
N SER A 394 14.89 -9.78 0.61
CA SER A 394 15.38 -9.34 1.94
C SER A 394 16.89 -9.23 1.96
N ASN A 395 17.55 -10.30 1.55
CA ASN A 395 19.01 -10.36 1.52
C ASN A 395 19.66 -9.36 0.59
N GLN A 396 19.10 -9.25 -0.61
CA GLN A 396 19.57 -8.25 -1.58
C GLN A 396 19.41 -6.80 -1.08
N GLU A 397 18.27 -6.47 -0.48
CA GLU A 397 18.07 -5.13 0.11
C GLU A 397 19.09 -4.87 1.23
N ALA A 398 19.31 -5.84 2.09
CA ALA A 398 20.26 -5.69 3.21
C ALA A 398 21.68 -5.50 2.69
N VAL A 399 22.03 -6.25 1.65
CA VAL A 399 23.37 -6.11 1.06
C VAL A 399 23.58 -4.70 0.51
N ALA A 400 22.59 -4.18 -0.20
CA ALA A 400 22.69 -2.85 -0.77
C ALA A 400 22.86 -1.83 0.34
N ASP A 401 22.02 -1.90 1.37
CA ASP A 401 22.20 -1.01 2.52
C ASP A 401 23.56 -1.21 3.21
N ALA A 402 23.87 -2.45 3.54
CA ALA A 402 25.13 -2.75 4.22
C ALA A 402 26.30 -2.13 3.47
N GLY A 403 26.30 -2.30 2.15
CA GLY A 403 27.37 -1.75 1.32
C GLY A 403 27.48 -0.24 1.39
N LEU A 404 26.36 0.46 1.23
CA LEU A 404 26.38 1.93 1.27
C LEU A 404 26.74 2.52 2.65
N THR A 405 26.46 1.78 3.71
CA THR A 405 26.71 2.27 5.06
C THR A 405 27.85 1.52 5.74
N LYS A 406 28.55 0.68 4.98
CA LYS A 406 29.65 -0.13 5.50
C LYS A 406 29.29 -0.90 6.79
N ASP A 407 28.07 -1.40 6.84
CA ASP A 407 27.59 -2.10 8.02
C ASP A 407 27.71 -3.62 7.84
N THR A 408 28.86 -4.16 8.22
CA THR A 408 29.13 -5.59 8.04
C THR A 408 28.22 -6.48 8.91
N GLY A 409 27.78 -5.94 10.05
CA GLY A 409 26.81 -6.66 10.86
C GLY A 409 25.57 -7.00 10.04
N LEU A 410 25.03 -6.01 9.34
CA LEU A 410 23.83 -6.24 8.53
C LEU A 410 24.08 -7.22 7.38
N ALA A 411 25.25 -7.11 6.76
CA ALA A 411 25.64 -8.03 5.68
C ALA A 411 25.73 -9.48 6.17
N PHE A 412 26.18 -9.65 7.41
CA PHE A 412 26.24 -10.99 7.99
C PHE A 412 24.85 -11.59 8.22
N GLN A 413 23.89 -10.74 8.61
CA GLN A 413 22.49 -11.16 8.70
C GLN A 413 21.98 -11.70 7.37
N ALA A 414 22.25 -10.99 6.28
CA ALA A 414 21.86 -11.49 4.97
C ALA A 414 22.58 -12.83 4.71
N PHE A 415 23.90 -12.82 4.89
CA PHE A 415 24.70 -14.03 4.78
C PHE A 415 24.05 -15.21 5.50
N LEU A 416 23.65 -14.99 6.75
CA LEU A 416 22.98 -16.03 7.54
C LEU A 416 21.61 -16.44 7.01
N ASN A 417 20.92 -15.50 6.38
CA ASN A 417 19.58 -15.77 5.87
C ASN A 417 19.59 -16.44 4.48
N ASP A 418 20.77 -16.69 3.93
CA ASP A 418 20.87 -17.28 2.58
C ASP A 418 20.67 -18.79 2.60
N PRO A 419 19.76 -19.29 1.76
CA PRO A 419 19.45 -20.73 1.71
C PRO A 419 20.70 -21.63 1.60
N LEU A 420 21.80 -21.15 1.01
CA LEU A 420 22.94 -22.06 0.85
C LEU A 420 23.81 -22.15 2.10
N VAL A 421 23.57 -21.25 3.06
CA VAL A 421 24.41 -21.21 4.25
C VAL A 421 23.77 -21.97 5.41
N GLN A 422 23.96 -23.28 5.41
CA GLN A 422 23.35 -24.18 6.41
C GLN A 422 24.38 -24.73 7.38
N ILE A 423 25.21 -23.87 7.94
CA ILE A 423 26.28 -24.30 8.81
C ILE A 423 26.09 -23.57 10.14
N ASP A 424 26.80 -24.01 11.19
CA ASP A 424 26.69 -23.37 12.49
C ASP A 424 27.04 -21.93 12.33
N ARG A 425 26.57 -21.12 13.27
CA ARG A 425 26.72 -19.68 13.19
C ARG A 425 28.19 -19.26 13.30
N SER A 426 28.94 -19.89 14.18
CA SER A 426 30.36 -19.54 14.33
C SER A 426 31.18 -19.95 13.12
N ASP A 427 30.84 -21.09 12.50
CA ASP A 427 31.51 -21.45 11.26
C ASP A 427 31.17 -20.38 10.21
N ALA A 428 29.91 -19.96 10.15
CA ALA A 428 29.52 -18.97 9.15
C ALA A 428 30.21 -17.61 9.38
N GLU A 429 30.35 -17.22 10.64
CA GLU A 429 30.97 -15.94 10.95
C GLU A 429 32.43 -15.98 10.54
N GLN A 430 33.06 -17.11 10.78
CA GLN A 430 34.46 -17.26 10.41
C GLN A 430 34.61 -17.27 8.88
N LEU A 431 33.81 -18.11 8.22
CA LEU A 431 33.77 -18.07 6.75
C LEU A 431 33.54 -16.65 6.23
N PHE A 432 32.51 -15.97 6.73
CA PHE A 432 32.16 -14.63 6.26
C PHE A 432 33.34 -13.66 6.40
N ASN A 433 33.94 -13.59 7.57
CA ASN A 433 35.10 -12.73 7.78
C ASN A 433 36.29 -13.05 6.88
N ASP A 434 36.54 -14.34 6.65
CA ASP A 434 37.61 -14.76 5.74
C ASP A 434 37.36 -14.26 4.32
N LEU A 436 35.50 -11.65 3.44
CA LEU A 436 35.57 -10.19 3.35
C LEU A 436 36.93 -9.69 2.89
N LEU B 3 -8.28 -19.37 -37.57
CA LEU B 3 -8.83 -19.93 -36.30
C LEU B 3 -10.36 -20.00 -36.35
N ASP B 4 -10.90 -21.21 -36.27
CA ASP B 4 -12.31 -21.41 -36.54
C ASP B 4 -13.12 -21.72 -35.29
N GLN B 5 -14.44 -21.69 -35.45
CA GLN B 5 -15.36 -22.01 -34.35
C GLN B 5 -15.25 -21.10 -33.13
N ILE B 6 -14.83 -19.85 -33.34
CA ILE B 6 -14.91 -18.87 -32.26
C ILE B 6 -16.38 -18.58 -31.96
N LYS B 7 -16.73 -18.49 -30.69
CA LYS B 7 -18.06 -17.99 -30.34
C LYS B 7 -18.00 -16.67 -29.59
N ILE B 8 -18.67 -15.67 -30.16
CA ILE B 8 -18.79 -14.35 -29.58
C ILE B 8 -20.22 -14.22 -29.14
N ALA B 9 -20.44 -13.84 -27.87
CA ALA B 9 -21.78 -13.50 -27.40
C ALA B 9 -21.90 -11.98 -27.43
N TYR B 10 -22.97 -11.47 -28.01
CA TYR B 10 -23.15 -10.04 -28.08
C TYR B 10 -24.39 -9.58 -27.32
N ILE B 11 -24.16 -8.93 -26.19
CA ILE B 11 -25.23 -8.37 -25.39
C ILE B 11 -25.47 -6.92 -25.81
N GLY B 12 -26.65 -6.68 -26.36
CA GLY B 12 -27.00 -5.40 -26.92
C GLY B 12 -26.93 -5.60 -28.42
N GLY B 13 -27.25 -6.82 -28.83
CA GLY B 13 -27.06 -7.30 -30.20
C GLY B 13 -27.96 -6.70 -31.26
N GLY B 14 -28.92 -5.88 -30.84
CA GLY B 14 -29.75 -5.10 -31.76
C GLY B 14 -29.15 -3.72 -31.96
N SER B 15 -27.94 -3.53 -31.44
CA SER B 15 -27.28 -2.23 -31.51
C SER B 15 -27.08 -1.78 -32.95
N GLN B 16 -27.37 -0.51 -33.23
CA GLN B 16 -27.18 0.01 -34.57
C GLN B 16 -25.88 0.82 -34.66
N GLY B 17 -25.00 0.65 -33.67
CA GLY B 17 -23.72 1.37 -33.64
C GLY B 17 -22.51 0.44 -33.47
N TRP B 18 -22.18 0.12 -32.22
CA TRP B 18 -21.09 -0.83 -31.96
C TRP B 18 -21.22 -2.18 -32.67
N ALA B 19 -22.42 -2.77 -32.71
CA ALA B 19 -22.60 -4.07 -33.39
C ALA B 19 -22.31 -4.00 -34.89
N ARG B 20 -22.81 -2.95 -35.55
CA ARG B 20 -22.53 -2.76 -36.98
C ARG B 20 -21.04 -2.64 -37.22
N SER B 21 -20.41 -1.82 -36.38
CA SER B 21 -19.00 -1.53 -36.47
C SER B 21 -18.19 -2.80 -36.28
N LEU B 22 -18.66 -3.65 -35.37
CA LEU B 22 -18.05 -4.95 -35.17
C LEU B 22 -18.32 -5.88 -36.37
N SER B 24 -18.64 -5.01 -39.53
CA SER B 24 -17.71 -4.61 -40.59
C SER B 24 -16.32 -5.20 -40.39
N ASP B 25 -15.79 -5.07 -39.18
CA ASP B 25 -14.42 -5.50 -38.92
C ASP B 25 -14.29 -7.02 -38.95
N LEU B 26 -15.28 -7.72 -38.40
CA LEU B 26 -15.30 -9.18 -38.52
C LEU B 26 -15.33 -9.62 -39.98
N SER B 27 -16.06 -8.88 -40.82
CA SER B 27 -16.22 -9.32 -42.19
C SER B 27 -14.91 -9.22 -42.98
N ILE B 28 -13.98 -8.35 -42.55
CA ILE B 28 -12.71 -8.24 -43.27
C ILE B 28 -11.49 -8.91 -42.63
N ASP B 29 -11.62 -9.48 -41.42
CA ASP B 29 -10.48 -10.15 -40.79
C ASP B 29 -10.46 -11.63 -41.19
N GLU B 30 -9.47 -12.01 -41.99
CA GLU B 30 -9.39 -13.37 -42.48
C GLU B 30 -8.78 -14.30 -41.44
N ARG B 31 -8.26 -13.72 -40.37
CA ARG B 31 -7.62 -14.49 -39.28
C ARG B 31 -8.58 -15.43 -38.52
N SER B 33 -12.88 -17.17 -37.81
CA SER B 33 -14.28 -17.39 -38.14
C SER B 33 -15.02 -18.06 -36.98
N GLY B 34 -16.35 -18.00 -37.03
CA GLY B 34 -17.15 -18.61 -35.96
C GLY B 34 -18.58 -18.11 -35.97
N THR B 35 -19.19 -18.03 -34.81
CA THR B 35 -20.57 -17.57 -34.69
C THR B 35 -20.71 -16.36 -33.75
N VAL B 36 -21.71 -15.53 -34.00
CA VAL B 36 -22.05 -14.45 -33.09
C VAL B 36 -23.48 -14.67 -32.60
N ALA B 37 -23.65 -14.91 -31.31
CA ALA B 37 -24.96 -14.93 -30.69
C ALA B 37 -25.41 -13.50 -30.34
N LEU B 38 -26.47 -13.04 -30.99
CA LEU B 38 -27.03 -11.71 -30.73
C LEU B 38 -28.16 -11.72 -29.69
N TYR B 39 -27.89 -11.11 -28.54
CA TYR B 39 -28.93 -11.00 -27.51
C TYR B 39 -29.28 -9.55 -27.23
N ASP B 40 -30.58 -9.27 -27.25
CA ASP B 40 -31.07 -7.94 -26.96
C ASP B 40 -32.43 -8.02 -26.26
N LEU B 41 -32.66 -7.14 -25.31
CA LEU B 41 -33.96 -7.06 -24.65
C LEU B 41 -35.04 -6.88 -25.71
N ASP B 42 -34.66 -6.26 -26.82
CA ASP B 42 -35.55 -6.00 -27.96
C ASP B 42 -35.23 -6.99 -29.08
N PHE B 43 -35.94 -8.11 -29.11
CA PHE B 43 -35.59 -9.20 -30.01
C PHE B 43 -35.66 -8.78 -31.47
N GLU B 44 -36.60 -7.89 -31.75
CA GLU B 44 -36.81 -7.40 -33.09
C GLU B 44 -35.56 -6.75 -33.67
N ALA B 45 -34.88 -5.93 -32.88
CA ALA B 45 -33.65 -5.33 -33.37
C ALA B 45 -32.53 -6.40 -33.52
N ALA B 46 -32.45 -7.33 -32.58
CA ALA B 46 -31.43 -8.39 -32.69
C ALA B 46 -31.57 -9.21 -33.99
N GLN B 47 -32.82 -9.43 -34.40
CA GLN B 47 -33.12 -10.29 -35.58
C GLN B 47 -32.78 -9.59 -36.89
N LYS B 48 -33.00 -8.29 -36.93
CA LYS B 48 -32.55 -7.51 -38.08
C LYS B 48 -31.02 -7.52 -38.21
N ASN B 49 -30.30 -7.47 -37.09
CA ASN B 49 -28.85 -7.63 -37.11
C ASN B 49 -28.44 -9.04 -37.55
N GLU B 50 -29.23 -10.05 -37.20
CA GLU B 50 -28.94 -11.40 -37.63
C GLU B 50 -29.06 -11.49 -39.14
N VAL B 51 -30.07 -10.85 -39.71
CA VAL B 51 -30.26 -10.83 -41.16
C VAL B 51 -29.17 -10.02 -41.85
N ILE B 52 -28.88 -8.85 -41.31
CA ILE B 52 -27.85 -8.01 -41.91
C ILE B 52 -26.47 -8.65 -41.79
N GLY B 53 -26.16 -9.21 -40.62
CA GLY B 53 -24.87 -9.84 -40.41
C GLY B 53 -24.64 -11.04 -41.33
N ASN B 54 -25.67 -11.86 -41.50
CA ASN B 54 -25.56 -13.01 -42.37
C ASN B 54 -25.49 -12.63 -43.86
N HIS B 55 -25.69 -11.36 -44.18
CA HIS B 55 -25.45 -10.91 -45.55
C HIS B 55 -24.08 -10.24 -45.71
N SER B 56 -23.32 -10.16 -44.63
CA SER B 56 -22.04 -9.45 -44.64
C SER B 56 -20.85 -10.37 -44.92
N GLY B 57 -19.88 -9.88 -45.70
CA GLY B 57 -18.62 -10.62 -45.92
C GLY B 57 -18.78 -11.99 -46.57
N ASN B 58 -18.01 -12.95 -46.09
CA ASN B 58 -17.95 -14.27 -46.72
C ASN B 58 -19.14 -15.15 -46.38
N GLY B 59 -19.34 -15.33 -45.08
CA GLY B 59 -20.02 -16.48 -44.50
C GLY B 59 -19.03 -16.92 -43.44
N ARG B 60 -17.96 -16.13 -43.31
CA ARG B 60 -16.95 -16.33 -42.30
C ARG B 60 -17.58 -16.35 -40.90
N TRP B 61 -18.61 -15.54 -40.70
CA TRP B 61 -19.27 -15.43 -39.41
C TRP B 61 -20.77 -15.64 -39.53
N ARG B 62 -21.30 -16.58 -38.75
CA ARG B 62 -22.72 -16.82 -38.74
C ARG B 62 -23.37 -16.15 -37.54
N TYR B 63 -24.40 -15.36 -37.81
CA TYR B 63 -25.08 -14.61 -36.76
C TYR B 63 -26.38 -15.31 -36.36
N GLU B 64 -26.68 -15.29 -35.06
CA GLU B 64 -27.98 -15.78 -34.62
C GLU B 64 -28.64 -14.95 -33.52
N ALA B 65 -29.84 -14.46 -33.75
CA ALA B 65 -30.58 -13.78 -32.69
C ALA B 65 -31.11 -14.81 -31.71
N VAL B 66 -30.75 -14.67 -30.43
CA VAL B 66 -31.16 -15.65 -29.43
C VAL B 66 -31.98 -14.98 -28.35
N SER B 67 -32.74 -15.76 -27.60
CA SER B 67 -33.79 -15.22 -26.77
C SER B 67 -33.36 -14.93 -25.34
N THR B 68 -32.33 -15.60 -24.86
CA THR B 68 -31.94 -15.40 -23.47
C THR B 68 -30.44 -15.23 -23.32
N LEU B 69 -30.03 -14.69 -22.17
CA LEU B 69 -28.63 -14.48 -21.86
C LEU B 69 -27.89 -15.80 -21.83
N LYS B 70 -28.44 -16.76 -21.08
CA LYS B 70 -27.83 -18.07 -20.95
C LYS B 70 -27.49 -18.63 -22.32
N LYS B 71 -28.41 -18.51 -23.26
CA LYS B 71 -28.19 -19.05 -24.58
C LYS B 71 -27.05 -18.33 -25.32
N ALA B 72 -26.96 -17.01 -25.15
CA ALA B 72 -25.92 -16.24 -25.79
C ALA B 72 -24.53 -16.62 -25.25
N LEU B 73 -24.42 -16.78 -23.95
CA LEU B 73 -23.14 -16.97 -23.31
C LEU B 73 -22.61 -18.40 -23.35
N SER B 74 -23.51 -19.36 -23.48
CA SER B 74 -23.09 -20.74 -23.41
C SER B 74 -21.93 -21.01 -24.37
N ALA B 75 -20.81 -21.46 -23.82
CA ALA B 75 -19.64 -21.74 -24.62
C ALA B 75 -19.00 -20.49 -25.29
N ALA B 76 -19.38 -19.28 -24.89
CA ALA B 76 -18.82 -18.11 -25.56
C ALA B 76 -17.33 -17.87 -25.19
N ASP B 77 -16.51 -17.51 -26.17
CA ASP B 77 -15.11 -17.18 -25.93
C ASP B 77 -14.92 -15.69 -25.65
N ILE B 78 -15.79 -14.89 -26.25
CA ILE B 78 -15.75 -13.43 -26.12
C ILE B 78 -17.15 -13.00 -25.78
N VAL B 79 -17.26 -12.05 -24.85
CA VAL B 79 -18.52 -11.39 -24.61
C VAL B 79 -18.38 -9.91 -24.87
N ILE B 80 -19.26 -9.39 -25.72
CA ILE B 80 -19.27 -7.96 -25.98
C ILE B 80 -20.53 -7.35 -25.40
N ILE B 81 -20.37 -6.20 -24.76
CA ILE B 81 -21.52 -5.54 -24.15
C ILE B 81 -21.62 -4.12 -24.60
N SER B 82 -22.78 -3.79 -25.14
CA SER B 82 -23.02 -2.50 -25.70
C SER B 82 -24.52 -2.25 -25.57
N ILE B 83 -24.94 -1.88 -24.37
CA ILE B 83 -26.34 -1.55 -24.14
C ILE B 83 -26.55 -0.08 -23.83
N LEU B 84 -27.82 0.31 -23.79
CA LEU B 84 -28.21 1.64 -23.38
C LEU B 84 -28.99 1.44 -22.10
N PRO B 85 -28.45 1.97 -20.99
CA PRO B 85 -29.12 1.90 -19.68
C PRO B 85 -30.37 2.78 -19.65
N GLY B 86 -31.49 2.27 -20.12
CA GLY B 86 -32.73 3.04 -20.18
C GLY B 86 -33.17 3.38 -21.59
N SER B 87 -34.09 4.33 -21.70
CA SER B 87 -34.68 4.69 -22.99
C SER B 87 -34.38 6.15 -23.30
N LEU B 88 -34.80 6.62 -24.46
CA LEU B 88 -34.50 7.99 -24.82
C LEU B 88 -35.23 8.94 -23.87
N ASP B 89 -36.36 8.50 -23.36
CA ASP B 89 -37.08 9.31 -22.39
C ASP B 89 -36.29 9.48 -21.10
N ASP B 90 -35.69 8.40 -20.61
CA ASP B 90 -34.83 8.46 -19.44
C ASP B 90 -33.72 9.45 -19.74
N GLU B 92 -33.63 11.91 -21.85
CA GLU B 92 -34.10 13.29 -21.89
C GLU B 92 -33.97 13.90 -20.52
N VAL B 93 -34.46 13.18 -19.52
CA VAL B 93 -34.30 13.60 -18.13
C VAL B 93 -32.81 13.73 -17.75
N ASP B 94 -32.03 12.68 -18.02
CA ASP B 94 -30.61 12.63 -17.71
C ASP B 94 -29.95 13.92 -18.15
N VAL B 95 -30.14 14.26 -19.41
CA VAL B 95 -29.39 15.29 -20.07
C VAL B 95 -29.94 16.71 -19.87
N HIS B 96 -31.26 16.87 -19.87
CA HIS B 96 -31.88 18.20 -19.88
C HIS B 96 -32.56 18.69 -18.58
N LEU B 97 -33.12 17.81 -17.79
CA LEU B 97 -33.78 18.29 -16.56
C LEU B 97 -32.91 19.24 -15.71
N PRO B 98 -31.62 18.92 -15.51
CA PRO B 98 -30.83 19.82 -14.67
C PRO B 98 -30.80 21.25 -15.20
N GLU B 99 -31.16 21.44 -16.45
CA GLU B 99 -31.17 22.78 -17.04
C GLU B 99 -32.08 23.71 -16.25
N ARG B 100 -33.14 23.17 -15.65
CA ARG B 100 -34.04 24.01 -14.87
C ARG B 100 -33.32 24.66 -13.70
N CYS B 101 -32.14 24.14 -13.39
CA CYS B 101 -31.32 24.68 -12.30
C CYS B 101 -30.11 25.40 -12.83
N GLY B 102 -30.03 25.58 -14.14
CA GLY B 102 -28.89 26.27 -14.72
C GLY B 102 -27.70 25.38 -15.05
N ILE B 103 -27.87 24.07 -14.89
CA ILE B 103 -26.81 23.12 -15.18
C ILE B 103 -26.89 22.56 -16.61
N TYR B 104 -25.86 22.82 -17.41
CA TYR B 104 -25.78 22.26 -18.75
C TYR B 104 -24.82 21.09 -18.82
N GLN B 105 -25.15 20.16 -19.71
CA GLN B 105 -24.36 18.97 -19.98
C GLN B 105 -24.25 18.78 -21.48
N SER B 106 -23.06 18.46 -21.95
CA SER B 106 -22.85 18.24 -23.37
C SER B 106 -23.24 16.82 -23.79
N VAL B 107 -23.02 15.86 -22.92
CA VAL B 107 -23.31 14.48 -23.28
C VAL B 107 -24.22 13.83 -22.25
N GLY B 108 -23.78 13.84 -21.00
CA GLY B 108 -24.61 13.32 -19.91
C GLY B 108 -24.59 11.82 -19.67
N ASP B 109 -23.59 11.12 -20.19
CA ASP B 109 -23.58 9.67 -20.11
C ASP B 109 -22.42 9.17 -19.25
N THR B 110 -21.65 10.08 -18.70
CA THR B 110 -20.42 9.74 -18.00
C THR B 110 -20.40 10.33 -16.58
N VAL B 111 -20.27 11.64 -16.46
CA VAL B 111 -20.33 12.28 -15.14
C VAL B 111 -21.43 13.33 -15.06
N GLY B 112 -21.25 14.30 -14.17
CA GLY B 112 -22.33 15.23 -13.86
C GLY B 112 -23.58 14.48 -13.41
N PRO B 113 -24.70 15.21 -13.30
CA PRO B 113 -26.00 14.68 -12.88
C PRO B 113 -26.50 13.56 -13.78
N GLY B 114 -26.44 13.78 -15.09
CA GLY B 114 -26.83 12.75 -16.05
C GLY B 114 -26.02 11.48 -15.81
N GLY B 115 -24.72 11.64 -15.67
CA GLY B 115 -23.84 10.49 -15.55
C GLY B 115 -24.11 9.75 -14.25
N ILE B 116 -24.33 10.51 -13.17
CA ILE B 116 -24.60 9.89 -11.88
C ILE B 116 -25.88 9.07 -11.94
N ILE B 117 -26.93 9.64 -12.52
CA ILE B 117 -28.23 8.97 -12.56
C ILE B 117 -28.22 7.82 -13.56
N ARG B 118 -27.65 8.05 -14.74
CA ARG B 118 -27.51 6.95 -15.68
C ARG B 118 -26.72 5.76 -15.09
N GLY B 119 -25.64 6.06 -14.39
CA GLY B 119 -24.88 5.02 -13.69
C GLY B 119 -25.71 4.22 -12.68
N LEU B 120 -26.54 4.89 -11.89
CA LEU B 120 -27.40 4.14 -10.93
C LEU B 120 -28.29 3.17 -11.67
N ARG B 121 -28.90 3.65 -12.74
CA ARG B 121 -29.76 2.83 -13.57
C ARG B 121 -28.99 1.64 -14.18
N ALA B 122 -27.72 1.84 -14.48
CA ALA B 122 -26.93 0.77 -15.14
C ALA B 122 -26.45 -0.33 -14.19
N VAL B 123 -26.29 0.01 -12.91
CA VAL B 123 -25.72 -0.93 -11.94
C VAL B 123 -26.40 -2.31 -11.93
N PRO B 124 -27.72 -2.36 -11.67
CA PRO B 124 -28.40 -3.67 -11.62
C PRO B 124 -28.42 -4.36 -12.99
N ILE B 125 -28.39 -3.62 -14.07
CA ILE B 125 -28.27 -4.26 -15.38
C ILE B 125 -26.93 -4.99 -15.46
N PHE B 126 -25.86 -4.33 -15.03
CA PHE B 126 -24.54 -4.95 -15.07
C PHE B 126 -24.30 -6.02 -14.00
N ALA B 127 -24.87 -5.82 -12.81
CA ALA B 127 -24.85 -6.87 -11.79
C ALA B 127 -25.38 -8.17 -12.37
N GLU B 128 -26.51 -8.07 -13.06
CA GLU B 128 -27.19 -9.25 -13.62
C GLU B 128 -26.39 -9.93 -14.74
N ILE B 129 -25.74 -9.11 -15.57
CA ILE B 129 -24.86 -9.63 -16.62
C ILE B 129 -23.62 -10.31 -16.04
N ALA B 130 -23.00 -9.69 -15.02
CA ALA B 130 -21.87 -10.29 -14.30
C ALA B 130 -22.20 -11.67 -13.72
N ARG B 131 -23.40 -11.80 -13.17
CA ARG B 131 -23.83 -13.09 -12.61
C ARG B 131 -24.06 -14.13 -13.69
N ALA B 132 -24.54 -13.69 -14.84
CA ALA B 132 -24.81 -14.61 -15.94
C ALA B 132 -23.49 -15.11 -16.50
N ILE B 133 -22.53 -14.18 -16.60
CA ILE B 133 -21.22 -14.51 -17.13
C ILE B 133 -20.50 -15.42 -16.17
N ARG B 134 -20.67 -15.15 -14.88
CA ARG B 134 -20.12 -16.04 -13.87
C ARG B 134 -20.71 -17.44 -14.01
N ASP B 135 -22.02 -17.54 -14.17
CA ASP B 135 -22.66 -18.85 -14.25
C ASP B 135 -22.39 -19.57 -15.58
N TYR B 136 -22.34 -18.84 -16.70
CA TYR B 136 -22.32 -19.48 -18.01
C TYR B 136 -21.06 -19.43 -18.86
N ALA B 137 -20.19 -18.44 -18.64
CA ALA B 137 -19.02 -18.31 -19.47
C ALA B 137 -17.94 -17.63 -18.66
N PRO B 138 -17.57 -18.23 -17.52
CA PRO B 138 -16.71 -17.53 -16.58
C PRO B 138 -15.28 -17.30 -17.08
N GLU B 139 -14.86 -18.04 -18.10
CA GLU B 139 -13.49 -17.95 -18.63
C GLU B 139 -13.44 -17.12 -19.91
N SER B 140 -14.56 -16.56 -20.33
CA SER B 140 -14.56 -15.67 -21.48
C SER B 140 -13.92 -14.32 -21.13
N TRP B 141 -13.41 -13.67 -22.17
CA TRP B 141 -13.01 -12.26 -22.09
C TRP B 141 -14.20 -11.42 -22.45
N VAL B 142 -14.45 -10.43 -21.60
CA VAL B 142 -15.57 -9.52 -21.74
C VAL B 142 -15.06 -8.15 -22.17
N ILE B 143 -15.67 -7.59 -23.20
CA ILE B 143 -15.33 -6.26 -23.64
C ILE B 143 -16.55 -5.38 -23.51
N ASN B 144 -16.47 -4.39 -22.63
CA ASN B 144 -17.57 -3.48 -22.41
C ASN B 144 -17.41 -2.18 -23.17
N TYR B 145 -18.46 -1.80 -23.91
CA TYR B 145 -18.55 -0.54 -24.62
C TYR B 145 -19.53 0.46 -23.98
N THR B 146 -20.30 -0.01 -23.00
CA THR B 146 -21.40 0.80 -22.43
C THR B 146 -20.88 1.99 -21.59
N ASN B 147 -21.56 3.14 -21.65
CA ASN B 147 -21.31 4.24 -20.70
C ASN B 147 -22.45 4.31 -19.66
N PRO B 148 -22.16 4.83 -18.44
CA PRO B 148 -20.87 5.35 -18.00
C PRO B 148 -19.90 4.20 -17.76
N SER B 150 -16.74 3.71 -16.47
CA SER B 150 -16.05 3.37 -15.25
C SER B 150 -16.95 2.64 -14.27
N VAL B 151 -18.21 3.06 -14.18
CA VAL B 151 -19.15 2.44 -13.26
C VAL B 151 -19.60 1.04 -13.70
N CYS B 152 -19.93 0.88 -14.98
CA CYS B 152 -20.39 -0.39 -15.54
C CYS B 152 -19.33 -1.49 -15.42
N THR B 153 -18.11 -1.14 -15.78
CA THR B 153 -17.01 -2.07 -15.71
C THR B 153 -16.71 -2.43 -14.27
N ARG B 154 -16.68 -1.42 -13.39
CA ARG B 154 -16.41 -1.66 -11.99
C ARG B 154 -17.44 -2.60 -11.35
N VAL B 155 -18.70 -2.43 -11.72
CA VAL B 155 -19.76 -3.32 -11.26
C VAL B 155 -19.50 -4.77 -11.69
N LEU B 156 -19.04 -4.96 -12.92
CA LEU B 156 -18.63 -6.30 -13.35
C LEU B 156 -17.67 -6.97 -12.35
N TYR B 157 -16.63 -6.24 -11.93
CA TYR B 157 -15.65 -6.78 -10.99
C TYR B 157 -16.14 -6.84 -9.52
N LYS B 158 -17.02 -5.94 -9.11
CA LYS B 158 -17.59 -6.02 -7.74
C LYS B 158 -18.45 -7.28 -7.62
N VAL B 159 -19.24 -7.55 -8.64
CA VAL B 159 -20.17 -8.69 -8.56
C VAL B 159 -19.51 -10.04 -8.88
N PHE B 160 -18.57 -10.04 -9.83
CA PHE B 160 -17.85 -11.27 -10.21
C PHE B 160 -16.35 -10.96 -10.20
N PRO B 161 -15.73 -11.02 -9.00
CA PRO B 161 -14.34 -10.62 -8.79
C PRO B 161 -13.35 -11.23 -9.76
N GLY B 162 -13.58 -12.48 -10.17
CA GLY B 162 -12.65 -13.21 -11.07
C GLY B 162 -12.94 -13.02 -12.56
N ILE B 163 -13.81 -12.07 -12.88
CA ILE B 163 -14.19 -11.82 -14.27
C ILE B 163 -13.00 -11.27 -15.07
N LYS B 164 -12.93 -11.62 -16.35
CA LYS B 164 -11.85 -11.12 -17.21
C LYS B 164 -12.47 -10.10 -18.15
N ALA B 165 -12.45 -8.84 -17.74
CA ALA B 165 -13.23 -7.83 -18.42
C ALA B 165 -12.44 -6.57 -18.67
N ILE B 166 -12.67 -5.96 -19.83
CA ILE B 166 -12.12 -4.63 -20.09
C ILE B 166 -13.20 -3.70 -20.63
N GLY B 167 -12.99 -2.39 -20.49
CA GLY B 167 -13.82 -1.40 -21.14
C GLY B 167 -13.07 -0.80 -22.32
N CYS B 168 -13.77 -0.63 -23.43
CA CYS B 168 -13.16 -0.04 -24.62
C CYS B 168 -13.86 1.21 -25.07
N CYS B 169 -13.03 2.20 -25.42
CA CYS B 169 -13.47 3.51 -25.85
C CYS B 169 -12.61 3.98 -27.01
N HIS B 170 -13.19 4.78 -27.91
CA HIS B 170 -12.41 5.22 -29.05
C HIS B 170 -11.83 6.65 -28.91
N GLU B 171 -12.10 7.32 -27.79
CA GLU B 171 -11.75 8.75 -27.69
C GLU B 171 -10.27 9.06 -27.84
N VAL B 172 -9.39 8.19 -27.32
CA VAL B 172 -7.97 8.48 -27.42
C VAL B 172 -7.54 8.48 -28.90
N PHE B 173 -8.19 7.67 -29.72
CA PHE B 173 -7.86 7.56 -31.15
C PHE B 173 -7.99 8.92 -31.83
N GLY B 174 -9.02 9.69 -31.45
CA GLY B 174 -9.27 11.01 -32.02
C GLY B 174 -8.13 11.99 -31.70
N THR B 175 -7.51 11.83 -30.54
CA THR B 175 -6.41 12.71 -30.16
C THR B 175 -5.15 12.32 -30.90
N GLN B 176 -4.93 11.02 -31.08
CA GLN B 176 -3.84 10.55 -31.92
C GLN B 176 -3.96 11.08 -33.35
N LYS B 177 -5.19 11.18 -33.85
CA LYS B 177 -5.39 11.69 -35.22
C LYS B 177 -5.02 13.16 -35.25
N LEU B 178 -5.42 13.87 -34.20
CA LEU B 178 -5.11 15.28 -34.06
C LEU B 178 -3.60 15.43 -34.08
N LEU B 179 -2.90 14.59 -33.35
CA LEU B 179 -1.45 14.69 -33.29
C LEU B 179 -0.79 14.30 -34.62
N ALA B 180 -1.34 13.30 -35.31
CA ALA B 180 -0.85 12.95 -36.63
C ALA B 180 -0.92 14.15 -37.59
N GLU B 181 -2.06 14.86 -37.61
CA GLU B 181 -2.19 16.04 -38.47
C GLU B 181 -1.28 17.20 -38.04
N VAL B 183 1.73 16.85 -36.68
CA VAL B 183 3.03 16.46 -37.20
C VAL B 183 3.19 16.89 -38.66
N THR B 184 2.14 16.71 -39.45
CA THR B 184 2.17 17.16 -40.84
C THR B 184 2.19 18.68 -40.94
N GLU B 185 1.29 19.34 -40.22
CA GLU B 185 1.21 20.79 -40.31
C GLU B 185 2.45 21.49 -39.75
N ARG B 186 3.04 20.95 -38.70
CA ARG B 186 4.18 21.60 -38.05
C ARG B 186 5.53 21.18 -38.64
N LEU B 187 5.63 19.92 -39.07
CA LEU B 187 6.90 19.40 -39.54
C LEU B 187 6.92 19.05 -41.01
N GLY B 188 5.77 19.06 -41.65
CA GLY B 188 5.71 18.80 -43.08
C GLY B 188 5.90 17.35 -43.43
N ILE B 189 5.92 16.49 -42.41
CA ILE B 189 6.10 15.05 -42.62
C ILE B 189 4.82 14.23 -42.47
N GLU B 190 4.65 13.27 -43.38
CA GLU B 190 3.47 12.41 -43.45
C GLU B 190 3.46 11.35 -42.37
N VAL B 191 2.28 11.04 -41.84
CA VAL B 191 2.17 9.98 -40.86
C VAL B 191 1.26 8.89 -41.42
N PRO B 192 1.82 7.69 -41.65
CA PRO B 192 1.05 6.58 -42.25
C PRO B 192 -0.25 6.23 -41.50
N ARG B 193 -0.17 6.05 -40.18
CA ARG B 193 -1.33 5.64 -39.36
C ARG B 193 -1.30 6.32 -38.00
N ARG B 194 -2.49 6.59 -37.46
CA ARG B 194 -2.52 7.20 -36.12
C ARG B 194 -1.89 6.30 -35.05
N GLU B 195 -1.84 5.00 -35.29
CA GLU B 195 -1.17 4.09 -34.36
C GLU B 195 0.30 4.45 -34.20
N ASP B 196 0.90 5.09 -35.20
CA ASP B 196 2.32 5.48 -35.13
C ASP B 196 2.55 6.64 -34.18
N ILE B 197 1.49 7.24 -33.68
CA ILE B 197 1.61 8.29 -32.68
C ILE B 197 1.61 7.51 -31.37
N ARG B 198 2.78 7.37 -30.77
CA ARG B 198 2.96 6.48 -29.62
C ARG B 198 2.79 7.32 -28.38
N VAL B 199 1.71 7.08 -27.66
CA VAL B 199 1.36 7.93 -26.53
C VAL B 199 1.32 7.17 -25.20
N ASN B 200 1.68 7.86 -24.13
CA ASN B 200 1.54 7.33 -22.79
C ASN B 200 0.31 8.00 -22.23
N VAL B 201 -0.80 7.26 -22.25
CA VAL B 201 -2.10 7.81 -21.94
C VAL B 201 -2.59 7.23 -20.62
N LEU B 202 -3.23 8.05 -19.80
CA LEU B 202 -3.72 7.57 -18.51
C LEU B 202 -4.83 8.46 -17.97
N GLY B 203 -5.57 7.94 -17.02
CA GLY B 203 -6.69 8.68 -16.42
C GLY B 203 -7.90 7.77 -16.26
N ILE B 204 -9.08 8.32 -16.42
CA ILE B 204 -10.30 7.53 -16.36
C ILE B 204 -11.05 7.85 -17.64
N ASN B 205 -11.95 6.96 -18.05
CA ASN B 205 -12.67 7.10 -19.31
C ASN B 205 -13.24 8.51 -19.52
N HIS B 206 -13.00 9.03 -20.73
CA HIS B 206 -13.36 10.37 -21.18
C HIS B 206 -12.61 11.50 -20.54
N PHE B 207 -11.65 11.16 -19.68
CA PHE B 207 -10.84 12.14 -18.98
C PHE B 207 -9.43 11.55 -18.90
N THR B 208 -8.91 11.22 -20.07
CA THR B 208 -7.59 10.65 -20.23
C THR B 208 -6.63 11.71 -20.68
N TRP B 209 -5.36 11.46 -20.39
CA TRP B 209 -4.34 12.46 -20.57
C TRP B 209 -3.07 11.82 -21.08
N ILE B 210 -2.40 12.50 -21.99
CA ILE B 210 -1.17 12.01 -22.57
C ILE B 210 -0.02 12.83 -21.99
N THR B 211 0.86 12.17 -21.24
CA THR B 211 1.98 12.84 -20.60
C THR B 211 3.30 12.64 -21.37
N LYS B 212 3.35 11.64 -22.25
CA LYS B 212 4.46 11.53 -23.20
C LYS B 212 3.92 11.07 -24.55
N ALA B 213 4.54 11.55 -25.63
CA ALA B 213 4.09 11.13 -26.95
C ALA B 213 5.21 11.31 -27.95
N SER B 214 5.23 10.44 -28.95
CA SER B 214 6.26 10.55 -29.97
C SER B 214 5.79 10.06 -31.35
N TYR B 215 6.43 10.58 -32.38
CA TYR B 215 6.32 9.95 -33.68
C TYR B 215 7.75 9.56 -34.00
N ARG B 216 7.98 8.24 -34.14
CA ARG B 216 9.35 7.73 -34.20
C ARG B 216 10.26 8.42 -33.17
N HIS B 217 11.32 9.07 -33.64
CA HIS B 217 12.31 9.63 -32.75
C HIS B 217 11.96 11.03 -32.24
N ILE B 218 10.83 11.57 -32.67
CA ILE B 218 10.47 12.96 -32.35
C ILE B 218 9.53 13.07 -31.14
N ASP B 219 9.92 13.89 -30.17
CA ASP B 219 9.09 14.14 -28.99
C ASP B 219 7.97 15.12 -29.35
N LEU B 220 6.73 14.72 -29.12
CA LEU B 220 5.60 15.52 -29.57
C LEU B 220 5.16 16.54 -28.54
N LEU B 221 5.53 16.37 -27.28
CA LEU B 221 5.06 17.34 -26.29
C LEU B 221 5.47 18.80 -26.58
N PRO B 222 6.76 19.06 -26.79
CA PRO B 222 7.21 20.43 -27.14
C PRO B 222 6.54 20.98 -28.41
N ILE B 223 6.21 20.10 -29.36
CA ILE B 223 5.50 20.55 -30.56
C ILE B 223 4.07 20.89 -30.24
N PHE B 224 3.44 20.09 -29.37
CA PHE B 224 2.07 20.40 -29.00
C PHE B 224 2.05 21.74 -28.26
N ARG B 225 3.11 22.03 -27.52
CA ARG B 225 3.26 23.34 -26.85
C ARG B 225 3.05 24.50 -27.83
N GLU B 226 3.76 24.47 -28.95
CA GLU B 226 3.74 25.59 -29.89
C GLU B 226 2.44 25.57 -30.65
N PHE B 227 2.04 24.37 -31.04
CA PHE B 227 0.78 24.13 -31.70
C PHE B 227 -0.41 24.69 -30.90
N SER B 228 -0.41 24.38 -29.62
CA SER B 228 -1.43 24.84 -28.72
C SER B 228 -1.38 26.38 -28.60
N ALA B 229 -0.18 26.93 -28.52
CA ALA B 229 0.00 28.39 -28.38
C ALA B 229 -0.47 29.12 -29.61
N HIS B 230 -0.19 28.57 -30.78
CA HIS B 230 -0.59 29.19 -32.02
C HIS B 230 -2.09 29.18 -32.26
N TYR B 231 -2.74 28.05 -31.99
CA TYR B 231 -4.15 27.88 -32.32
C TYR B 231 -5.08 27.96 -31.12
N GLY B 232 -4.57 28.41 -29.98
CA GLY B 232 -5.39 28.49 -28.76
C GLY B 232 -6.63 29.36 -28.90
N GLU B 233 -6.50 30.48 -29.59
CA GLU B 233 -7.64 31.41 -29.76
C GLU B 233 -8.53 30.98 -30.92
N SER B 234 -7.91 30.60 -32.02
CA SER B 234 -8.66 30.28 -33.24
C SER B 234 -9.23 28.88 -33.16
N GLY B 235 -8.55 28.02 -32.42
CA GLY B 235 -8.88 26.61 -32.46
C GLY B 235 -8.24 26.02 -33.70
N TYR B 236 -8.32 24.70 -33.84
CA TYR B 236 -7.73 24.04 -34.98
C TYR B 236 -8.64 22.93 -35.51
N GLU B 237 -8.99 23.02 -36.78
CA GLU B 237 -9.86 22.01 -37.36
C GLU B 237 -9.12 20.95 -38.19
N LEU B 238 -9.49 19.70 -38.01
CA LEU B 238 -8.96 18.63 -38.82
C LEU B 238 -9.15 18.94 -40.31
N GLU B 239 -8.31 18.36 -41.15
CA GLU B 239 -8.40 18.60 -42.59
C GLU B 239 -9.77 18.16 -43.09
N GLY B 240 -10.39 18.98 -43.94
CA GLY B 240 -11.70 18.65 -44.52
C GLY B 240 -12.87 18.77 -43.56
N GLU B 241 -12.62 19.34 -42.39
CA GLU B 241 -13.67 19.46 -41.37
C GLU B 241 -13.91 20.90 -40.96
N CYS B 242 -15.12 21.16 -40.50
CA CYS B 242 -15.45 22.44 -39.87
C CYS B 242 -16.15 22.06 -38.56
N TRP B 243 -15.87 22.80 -37.50
CA TRP B 243 -16.38 22.38 -36.18
C TRP B 243 -17.92 22.35 -36.13
N ARG B 244 -18.56 23.13 -37.01
CA ARG B 244 -20.00 23.16 -37.06
C ARG B 244 -20.62 22.03 -37.89
N ASP B 245 -19.81 21.18 -38.51
CA ASP B 245 -20.37 20.11 -39.33
C ASP B 245 -21.29 19.16 -38.57
N SER B 246 -20.98 18.83 -37.32
CA SER B 246 -21.87 17.96 -36.52
C SER B 246 -21.64 18.14 -35.02
N VAL B 247 -22.56 17.63 -34.20
CA VAL B 247 -22.42 17.80 -32.73
C VAL B 247 -21.19 17.09 -32.19
N PHE B 248 -20.60 16.19 -32.98
CA PHE B 248 -19.35 15.53 -32.59
C PHE B 248 -18.07 16.31 -32.92
N CYS B 249 -18.17 17.37 -33.72
CA CYS B 249 -16.97 18.09 -34.14
C CYS B 249 -16.57 19.18 -33.17
N SER B 250 -15.32 19.61 -33.26
CA SER B 250 -14.79 20.66 -32.41
C SER B 250 -13.55 21.31 -33.03
N ALA B 251 -13.06 22.39 -32.44
CA ALA B 251 -11.82 22.97 -32.91
C ALA B 251 -10.74 22.81 -31.85
N HIS B 252 -10.98 21.89 -30.91
CA HIS B 252 -9.97 21.56 -29.90
C HIS B 252 -9.55 22.73 -29.01
N ARG B 253 -10.39 23.75 -28.94
CA ARG B 253 -10.15 24.86 -28.03
C ARG B 253 -10.14 24.43 -26.56
N VAL B 254 -11.00 23.49 -26.19
CA VAL B 254 -11.10 23.06 -24.79
C VAL B 254 -9.85 22.29 -24.42
N ALA B 255 -9.40 21.42 -25.32
CA ALA B 255 -8.15 20.67 -25.13
C ALA B 255 -6.94 21.61 -25.01
N PHE B 256 -6.85 22.60 -25.92
CA PHE B 256 -5.75 23.57 -25.86
C PHE B 256 -5.75 24.33 -24.54
N ASP B 257 -6.92 24.78 -24.11
CA ASP B 257 -7.06 25.45 -22.83
C ASP B 257 -6.60 24.57 -21.64
N LEU B 258 -7.06 23.33 -21.59
CA LEU B 258 -6.62 22.41 -20.54
C LEU B 258 -5.13 22.13 -20.58
N PHE B 259 -4.55 22.00 -21.78
CA PHE B 259 -3.13 21.81 -21.88
C PHE B 259 -2.32 22.97 -21.28
N GLU B 260 -2.73 24.21 -21.57
CA GLU B 260 -2.06 25.38 -21.01
C GLU B 260 -2.08 25.30 -19.49
N THR B 261 -3.21 24.93 -18.93
CA THR B 261 -3.31 24.89 -17.48
C THR B 261 -2.51 23.75 -16.85
N TYR B 262 -2.54 22.56 -17.44
CA TYR B 262 -2.02 21.36 -16.75
C TYR B 262 -0.75 20.77 -17.32
N GLY B 263 -0.41 21.06 -18.57
CA GLY B 263 0.84 20.56 -19.16
C GLY B 263 0.83 19.13 -19.69
N ALA B 264 -0.35 18.50 -19.68
CA ALA B 264 -0.50 17.21 -20.34
C ALA B 264 -1.53 17.37 -21.43
N ILE B 265 -1.50 16.52 -22.43
CA ILE B 265 -2.42 16.62 -23.53
C ILE B 265 -3.72 15.90 -23.22
N PRO B 266 -4.83 16.64 -23.14
CA PRO B 266 -6.15 16.09 -22.93
C PRO B 266 -6.48 15.14 -24.07
N ALA B 267 -6.98 13.96 -23.75
CA ALA B 267 -7.08 12.93 -24.78
C ALA B 267 -8.49 12.41 -24.99
N ALA B 268 -9.45 13.32 -25.11
CA ALA B 268 -10.80 12.97 -25.49
C ALA B 268 -11.41 14.20 -26.17
N GLY B 269 -12.53 14.02 -26.86
CA GLY B 269 -13.12 15.18 -27.51
C GLY B 269 -13.50 16.25 -26.50
N ASP B 270 -13.46 17.51 -26.92
CA ASP B 270 -13.94 18.64 -26.13
C ASP B 270 -15.29 18.41 -25.43
N ARG B 271 -16.23 17.78 -26.13
CA ARG B 271 -17.55 17.54 -25.55
C ARG B 271 -17.50 16.64 -24.29
N HIS B 272 -16.54 15.72 -24.23
CA HIS B 272 -16.35 14.90 -23.03
C HIS B 272 -15.58 15.63 -21.95
N LEU B 273 -14.44 16.20 -22.33
CA LEU B 273 -13.57 16.90 -21.37
C LEU B 273 -14.32 17.92 -20.58
N ALA B 274 -15.22 18.64 -21.26
CA ALA B 274 -15.91 19.79 -20.67
C ALA B 274 -16.79 19.42 -19.46
N GLU B 275 -17.20 18.17 -19.38
CA GLU B 275 -18.09 17.75 -18.30
C GLU B 275 -17.35 17.44 -16.97
N PHE B 276 -16.03 17.34 -17.02
CA PHE B 276 -15.24 16.91 -15.84
C PHE B 276 -14.75 18.00 -14.89
N LEU B 277 -14.78 19.26 -15.33
CA LEU B 277 -14.23 20.32 -14.49
C LEU B 277 -14.86 21.69 -14.70
N PRO B 278 -14.69 22.57 -13.70
CA PRO B 278 -15.15 23.95 -13.80
C PRO B 278 -14.53 24.62 -15.01
N GLY B 279 -15.30 25.46 -15.68
CA GLY B 279 -14.77 26.28 -16.73
C GLY B 279 -15.96 26.91 -17.42
N PRO B 280 -15.70 27.87 -18.32
CA PRO B 280 -16.77 28.49 -19.05
C PRO B 280 -17.32 27.62 -20.20
N TYR B 281 -16.84 26.38 -20.34
CA TYR B 281 -17.07 25.63 -21.58
C TYR B 281 -18.54 25.34 -21.88
N LEU B 282 -19.24 24.80 -20.89
CA LEU B 282 -20.57 24.26 -21.09
C LEU B 282 -21.65 25.31 -21.28
N LYS B 283 -21.38 26.54 -20.84
CA LYS B 283 -22.34 27.63 -20.96
C LYS B 283 -22.01 28.54 -22.12
N GLN B 284 -20.87 28.33 -22.77
CA GLN B 284 -20.51 29.08 -23.96
C GLN B 284 -19.88 28.15 -25.02
N PRO B 285 -20.62 27.12 -25.43
CA PRO B 285 -20.07 26.13 -26.37
C PRO B 285 -19.70 26.73 -27.72
N GLU B 286 -20.50 27.68 -28.19
CA GLU B 286 -20.16 28.35 -29.45
C GLU B 286 -18.81 29.02 -29.35
N VAL B 287 -18.58 29.75 -28.27
CA VAL B 287 -17.29 30.43 -28.08
C VAL B 287 -16.13 29.42 -28.01
N TRP B 288 -16.42 28.23 -27.48
CA TRP B 288 -15.38 27.24 -27.30
C TRP B 288 -15.31 26.26 -28.45
N LYS B 289 -16.18 26.48 -29.44
CA LYS B 289 -16.19 25.73 -30.70
C LYS B 289 -16.40 24.23 -30.58
N PHE B 290 -17.33 23.85 -29.73
CA PHE B 290 -17.85 22.49 -29.72
C PHE B 290 -19.34 22.61 -29.43
N HIS B 291 -20.02 21.47 -29.34
CA HIS B 291 -21.45 21.45 -29.20
C HIS B 291 -21.90 20.60 -27.99
N LEU B 292 -23.09 20.90 -27.50
CA LEU B 292 -23.83 19.98 -26.67
C LEU B 292 -24.63 19.05 -27.59
N THR B 293 -24.91 17.84 -27.13
CA THR B 293 -25.76 16.90 -27.87
C THR B 293 -27.15 16.84 -27.24
N PRO B 294 -28.17 17.43 -27.89
CA PRO B 294 -29.49 17.46 -27.29
C PRO B 294 -30.26 16.19 -27.61
N ILE B 295 -31.34 15.94 -26.91
CA ILE B 295 -32.10 14.73 -27.17
C ILE B 295 -32.84 14.72 -28.52
N SER B 296 -33.14 15.89 -29.08
CA SER B 296 -33.77 15.92 -30.39
C SER B 296 -32.81 15.29 -31.38
N PHE B 297 -31.51 15.57 -31.21
CA PHE B 297 -30.51 14.97 -32.07
C PHE B 297 -30.54 13.45 -31.94
N ARG B 298 -30.61 12.94 -30.72
CA ARG B 298 -30.59 11.49 -30.53
C ARG B 298 -31.84 10.87 -31.12
N LYS B 299 -32.97 11.51 -30.94
CA LYS B 299 -34.23 11.01 -31.50
C LYS B 299 -34.17 10.96 -33.02
N GLN B 300 -33.67 12.04 -33.60
CA GLN B 300 -33.57 12.09 -35.04
C GLN B 300 -32.61 11.01 -35.50
N ASP B 301 -31.49 10.89 -34.82
CA ASP B 301 -30.49 9.95 -35.27
C ASP B 301 -30.97 8.50 -35.17
N ARG B 302 -31.69 8.20 -34.11
CA ARG B 302 -32.27 6.89 -33.98
C ARG B 302 -33.21 6.61 -35.16
N ALA B 303 -34.03 7.59 -35.52
CA ALA B 303 -35.01 7.37 -36.58
C ALA B 303 -34.32 7.13 -37.93
N GLU B 304 -33.22 7.85 -38.21
CA GLU B 304 -32.55 7.57 -39.48
C GLU B 304 -31.68 6.28 -39.49
N LYS B 305 -31.21 5.83 -38.32
CA LYS B 305 -30.57 4.52 -38.23
C LYS B 305 -31.62 3.43 -38.48
N ARG B 306 -32.80 3.59 -37.89
CA ARG B 306 -33.89 2.66 -38.17
C ARG B 306 -34.17 2.61 -39.67
N GLN B 307 -34.25 3.78 -40.31
CA GLN B 307 -34.50 3.78 -41.75
C GLN B 307 -33.39 3.08 -42.50
N GLU B 308 -32.15 3.34 -42.11
CA GLU B 308 -31.00 2.66 -42.73
C GLU B 308 -31.10 1.14 -42.61
N THR B 309 -31.24 0.65 -41.38
CA THR B 309 -31.50 -0.75 -41.12
C THR B 309 -32.57 -1.37 -42.03
N GLU B 310 -33.72 -0.71 -42.16
CA GLU B 310 -34.82 -1.26 -42.95
C GLU B 310 -34.47 -1.29 -44.42
N ARG B 311 -33.72 -0.28 -44.86
CA ARG B 311 -33.21 -0.28 -46.22
C ARG B 311 -32.29 -1.48 -46.47
N LEU B 312 -31.30 -1.67 -45.61
CA LEU B 312 -30.34 -2.76 -45.76
C LEU B 312 -31.04 -4.12 -45.89
N ILE B 313 -32.10 -4.28 -45.13
CA ILE B 313 -32.85 -5.51 -45.20
C ILE B 313 -33.60 -5.62 -46.53
N VAL B 314 -34.45 -4.64 -46.80
CA VAL B 314 -35.18 -4.61 -48.06
C VAL B 314 -34.29 -4.93 -49.24
N GLN B 315 -33.09 -4.37 -49.28
CA GLN B 315 -32.15 -4.60 -50.36
C GLN B 315 -31.25 -5.82 -50.14
N GLN B 316 -31.48 -6.54 -49.04
CA GLN B 316 -30.70 -7.73 -48.72
C GLN B 316 -29.19 -7.50 -48.75
N ARG B 317 -28.77 -6.35 -48.26
CA ARG B 317 -27.35 -6.04 -48.16
C ARG B 317 -26.84 -6.23 -46.73
N GLY B 318 -25.52 -6.41 -46.60
CA GLY B 318 -24.87 -6.42 -45.29
C GLY B 318 -24.17 -5.09 -45.05
N VAL B 319 -23.32 -5.01 -44.04
CA VAL B 319 -22.60 -3.78 -43.75
C VAL B 319 -21.47 -3.59 -44.74
N ALA B 320 -20.92 -2.38 -44.80
CA ALA B 320 -19.73 -2.19 -45.62
C ALA B 320 -18.60 -3.10 -45.12
N GLU B 321 -17.88 -3.69 -46.04
CA GLU B 321 -16.68 -4.41 -45.69
C GLU B 321 -15.55 -3.40 -45.65
N LYS B 322 -15.52 -2.63 -44.56
CA LYS B 322 -14.57 -1.53 -44.43
C LYS B 322 -14.20 -1.32 -42.95
N ALA B 323 -12.91 -1.18 -42.67
CA ALA B 323 -12.46 -0.99 -41.29
C ALA B 323 -13.23 0.15 -40.63
N SER B 324 -13.60 -0.02 -39.37
CA SER B 324 -14.34 1.02 -38.65
C SER B 324 -13.39 2.00 -37.98
N GLY B 325 -12.14 1.61 -37.80
CA GLY B 325 -11.22 2.37 -36.97
C GLY B 325 -11.30 1.98 -35.50
N GLU B 326 -12.13 0.99 -35.17
CA GLU B 326 -12.17 0.47 -33.79
C GLU B 326 -11.10 -0.60 -33.62
N GLU B 327 -10.83 -1.01 -32.38
CA GLU B 327 -9.80 -2.01 -32.09
C GLU B 327 -10.40 -3.31 -31.54
N GLY B 328 -11.73 -3.38 -31.52
CA GLY B 328 -12.44 -4.51 -30.95
C GLY B 328 -12.01 -5.84 -31.52
N VAL B 329 -12.05 -5.95 -32.83
CA VAL B 329 -11.67 -7.18 -33.50
C VAL B 329 -10.16 -7.45 -33.36
N ASN B 330 -9.35 -6.40 -33.45
CA ASN B 330 -7.93 -6.53 -33.20
C ASN B 330 -7.65 -7.10 -31.79
N ILE B 331 -8.37 -6.61 -30.79
CA ILE B 331 -8.20 -7.06 -29.42
C ILE B 331 -8.62 -8.51 -29.31
N ILE B 332 -9.77 -8.85 -29.90
CA ILE B 332 -10.22 -10.23 -29.92
C ILE B 332 -9.17 -11.15 -30.55
N ALA B 333 -8.62 -10.76 -31.69
CA ALA B 333 -7.59 -11.57 -32.34
C ALA B 333 -6.39 -11.70 -31.40
N ALA B 334 -5.95 -10.58 -30.83
CA ALA B 334 -4.85 -10.64 -29.85
C ALA B 334 -5.18 -11.63 -28.70
N LEU B 335 -6.35 -11.51 -28.12
CA LEU B 335 -6.71 -12.39 -27.01
C LEU B 335 -6.71 -13.86 -27.41
N LEU B 336 -6.90 -14.13 -28.71
CA LEU B 336 -6.93 -15.51 -29.16
C LEU B 336 -5.55 -15.97 -29.61
N GLY B 337 -4.58 -15.06 -29.56
CA GLY B 337 -3.19 -15.43 -29.84
C GLY B 337 -2.77 -15.21 -31.28
N LEU B 338 -3.54 -14.42 -32.01
CA LEU B 338 -3.33 -14.22 -33.42
C LEU B 338 -2.57 -12.94 -33.76
N GLY B 339 -2.02 -12.27 -32.75
CA GLY B 339 -1.16 -11.11 -32.98
C GLY B 339 -1.22 -10.17 -31.78
N GLU B 340 -0.11 -10.03 -31.08
CA GLU B 340 -0.12 -9.24 -29.86
C GLU B 340 -0.27 -7.73 -30.11
N LEU B 341 -0.68 -7.00 -29.09
CA LEU B 341 -1.13 -5.65 -29.27
C LEU B 341 -0.94 -4.83 -27.99
N VAL B 342 -0.51 -3.59 -28.15
CA VAL B 342 -0.52 -2.63 -27.05
C VAL B 342 -1.52 -1.52 -27.40
N THR B 343 -2.61 -1.42 -26.63
CA THR B 343 -3.65 -0.41 -26.89
C THR B 343 -4.27 0.05 -25.56
N ASN B 344 -5.00 1.16 -25.57
CA ASN B 344 -5.59 1.70 -24.33
C ASN B 344 -6.91 1.01 -23.98
N VAL B 345 -7.04 0.61 -22.72
CA VAL B 345 -8.23 -0.07 -22.23
C VAL B 345 -8.53 0.37 -20.80
N ASN B 346 -9.77 0.13 -20.37
CA ASN B 346 -10.18 0.44 -19.01
C ASN B 346 -10.17 -0.84 -18.19
N PRO B 348 -9.26 -2.44 -13.80
CA PRO B 348 -9.04 -2.10 -12.39
C PRO B 348 -7.61 -1.64 -12.18
N ASN B 349 -7.42 -0.59 -11.39
CA ASN B 349 -6.09 -0.06 -11.13
C ASN B 349 -5.34 -0.95 -10.13
N GLN B 350 -4.16 -1.40 -10.54
CA GLN B 350 -3.26 -2.12 -9.65
C GLN B 350 -1.91 -1.43 -9.66
N GLY B 351 -1.88 -0.13 -9.90
CA GLY B 351 -0.62 0.60 -9.87
C GLY B 351 -0.27 1.28 -11.19
N GLN B 352 -1.06 1.02 -12.24
CA GLN B 352 -0.73 1.54 -13.59
C GLN B 352 -0.97 3.04 -13.74
N VAL B 353 -1.74 3.61 -12.84
CA VAL B 353 -1.83 5.06 -12.69
C VAL B 353 -1.49 5.32 -11.24
N LEU B 354 -0.46 6.13 -10.98
CA LEU B 354 -0.05 6.41 -9.61
C LEU B 354 -1.08 7.23 -8.86
N ASN B 355 -1.14 7.03 -7.54
CA ASN B 355 -1.88 7.90 -6.63
C ASN B 355 -3.40 7.88 -6.77
N LEU B 356 -3.94 6.91 -7.49
CA LEU B 356 -5.39 6.76 -7.61
C LEU B 356 -5.79 5.46 -6.90
N PRO B 357 -7.00 5.39 -6.31
CA PRO B 357 -7.36 4.20 -5.54
C PRO B 357 -7.18 2.91 -6.33
N ILE B 358 -6.77 1.85 -5.66
CA ILE B 358 -6.60 0.59 -6.34
C ILE B 358 -7.95 -0.08 -6.59
N GLN B 359 -8.05 -0.85 -7.67
CA GLN B 359 -9.35 -1.43 -8.07
C GLN B 359 -10.23 -0.49 -8.88
N ALA B 360 -10.00 0.81 -8.76
CA ALA B 360 -10.81 1.75 -9.51
C ALA B 360 -10.52 1.51 -10.98
N ILE B 361 -11.55 1.66 -11.81
CA ILE B 361 -11.41 1.48 -13.24
C ILE B 361 -10.68 2.66 -13.86
N VAL B 362 -9.46 2.40 -14.34
CA VAL B 362 -8.65 3.43 -14.97
C VAL B 362 -8.31 3.05 -16.41
N GLU B 363 -8.09 4.06 -17.26
CA GLU B 363 -7.73 3.82 -18.65
C GLU B 363 -6.25 4.00 -18.86
N THR B 364 -5.56 2.96 -19.38
CA THR B 364 -4.13 3.05 -19.77
C THR B 364 -3.84 2.12 -20.93
N ASN B 365 -2.61 2.18 -21.45
CA ASN B 365 -2.14 1.15 -22.34
C ASN B 365 -2.08 -0.18 -21.61
N ALA B 366 -2.30 -1.24 -22.35
CA ALA B 366 -2.10 -2.59 -21.85
C ALA B 366 -1.52 -3.44 -22.98
N PHE B 367 -0.82 -4.49 -22.59
CA PHE B 367 -0.27 -5.49 -23.50
C PHE B 367 -1.29 -6.61 -23.58
N ILE B 368 -1.69 -6.93 -24.80
CA ILE B 368 -2.74 -7.91 -25.01
C ILE B 368 -2.15 -9.03 -25.85
N THR B 369 -2.23 -10.25 -25.31
CA THR B 369 -1.75 -11.42 -26.04
C THR B 369 -2.63 -12.59 -25.62
N ARG B 370 -2.24 -13.81 -25.95
CA ARG B 370 -3.19 -14.92 -25.78
C ARG B 370 -3.76 -14.96 -24.37
N ASN B 371 -5.07 -14.81 -24.24
CA ASN B 371 -5.74 -14.92 -22.94
C ASN B 371 -5.19 -13.95 -21.87
N ARG B 372 -4.59 -12.83 -22.29
CA ARG B 372 -3.92 -11.93 -21.35
C ARG B 372 -4.14 -10.48 -21.68
N VAL B 373 -4.68 -9.72 -20.74
CA VAL B 373 -4.68 -8.26 -20.82
C VAL B 373 -3.88 -7.73 -19.62
N GLN B 374 -2.78 -7.03 -19.88
CA GLN B 374 -1.83 -6.69 -18.84
C GLN B 374 -1.50 -5.20 -18.88
N PRO B 375 -2.04 -4.44 -17.94
CA PRO B 375 -1.81 -3.01 -17.95
C PRO B 375 -0.31 -2.69 -17.88
N ILE B 376 0.05 -1.57 -18.45
CA ILE B 376 1.40 -1.05 -18.47
C ILE B 376 1.47 0.11 -17.46
N LEU B 377 2.49 0.09 -16.60
CA LEU B 377 2.68 1.16 -15.62
C LEU B 377 2.91 2.47 -16.38
N SER B 378 2.06 3.46 -16.14
CA SER B 378 2.06 4.70 -16.92
C SER B 378 2.37 5.95 -16.12
N GLY B 379 2.58 5.78 -14.81
CA GLY B 379 2.98 6.91 -13.97
C GLY B 379 1.85 7.78 -13.45
N ALA B 380 2.14 9.07 -13.32
CA ALA B 380 1.29 9.99 -12.61
C ALA B 380 0.72 11.02 -13.57
N LEU B 381 -0.49 11.50 -13.24
CA LEU B 381 -1.14 12.62 -13.93
C LEU B 381 -0.59 13.92 -13.39
N PRO B 382 -0.80 15.04 -14.12
CA PRO B 382 -0.45 16.31 -13.48
C PRO B 382 -1.25 16.43 -12.18
N LYS B 383 -0.68 17.12 -11.20
CA LYS B 383 -1.28 17.16 -9.87
C LYS B 383 -2.73 17.65 -9.88
N GLY B 384 -3.01 18.69 -10.65
CA GLY B 384 -4.38 19.26 -10.68
C GLY B 384 -5.40 18.30 -11.28
N VAL B 385 -4.98 17.57 -12.31
CA VAL B 385 -5.82 16.58 -12.96
C VAL B 385 -6.03 15.38 -12.03
N GLU B 386 -5.02 15.05 -11.25
CA GLU B 386 -5.09 13.92 -10.32
C GLU B 386 -6.11 14.18 -9.22
N LEU B 388 -8.71 16.18 -9.58
CA LEU B 388 -10.00 16.03 -10.24
C LEU B 388 -10.38 14.55 -10.45
N ALA B 389 -9.44 13.75 -10.94
CA ALA B 389 -9.69 12.32 -11.16
C ALA B 389 -10.04 11.54 -9.87
N ALA B 390 -9.33 11.83 -8.78
CA ALA B 390 -9.58 11.17 -7.51
C ALA B 390 -11.00 11.47 -7.08
N ARG B 391 -11.38 12.72 -7.30
CA ARG B 391 -12.69 13.17 -6.92
C ARG B 391 -13.80 12.45 -7.70
N HIS B 392 -13.69 12.41 -9.03
CA HIS B 392 -14.64 11.64 -9.86
C HIS B 392 -14.64 10.13 -9.54
N ILE B 393 -13.46 9.55 -9.31
CA ILE B 393 -13.39 8.15 -8.91
C ILE B 393 -14.18 7.94 -7.60
N SER B 394 -13.95 8.81 -6.62
CA SER B 394 -14.79 8.85 -5.40
C SER B 394 -16.26 8.67 -5.71
N ASN B 395 -16.77 9.49 -6.61
CA ASN B 395 -18.18 9.49 -6.96
C ASN B 395 -18.62 8.23 -7.67
N GLN B 396 -17.74 7.77 -8.56
CA GLN B 396 -18.00 6.55 -9.32
C GLN B 396 -18.05 5.32 -8.42
N GLU B 397 -17.13 5.21 -7.47
CA GLU B 397 -17.16 4.11 -6.51
C GLU B 397 -18.45 4.15 -5.70
N ALA B 398 -18.81 5.34 -5.23
CA ALA B 398 -20.07 5.50 -4.44
C ALA B 398 -21.32 5.12 -5.26
N VAL B 399 -21.32 5.44 -6.55
CA VAL B 399 -22.48 5.10 -7.38
C VAL B 399 -22.58 3.60 -7.56
N ALA B 400 -21.44 2.96 -7.81
CA ALA B 400 -21.41 1.52 -7.94
C ALA B 400 -21.91 0.87 -6.64
N ASP B 401 -21.37 1.29 -5.50
CA ASP B 401 -21.90 0.79 -4.21
C ASP B 401 -23.38 1.12 -4.00
N ALA B 402 -23.75 2.37 -4.21
CA ALA B 402 -25.11 2.80 -3.97
C ALA B 402 -26.06 1.95 -4.78
N GLY B 403 -25.68 1.67 -6.02
CA GLY B 403 -26.51 0.89 -6.93
C GLY B 403 -26.67 -0.56 -6.54
N LEU B 404 -25.64 -1.16 -5.94
CA LEU B 404 -25.68 -2.57 -5.54
C LEU B 404 -26.43 -2.81 -4.23
N THR B 405 -26.52 -1.79 -3.40
CA THR B 405 -27.14 -1.91 -2.10
C THR B 405 -28.40 -1.06 -2.04
N LYS B 406 -28.70 -0.36 -3.14
CA LYS B 406 -29.87 0.48 -3.17
C LYS B 406 -29.81 1.48 -2.02
N ASP B 407 -28.73 2.25 -1.97
CA ASP B 407 -28.60 3.31 -0.97
C ASP B 407 -28.61 4.66 -1.70
N THR B 408 -29.78 5.28 -1.80
CA THR B 408 -29.91 6.53 -2.53
C THR B 408 -29.22 7.67 -1.78
N GLY B 409 -29.20 7.60 -0.46
CA GLY B 409 -28.44 8.57 0.34
C GLY B 409 -26.99 8.64 -0.12
N LEU B 410 -26.35 7.49 -0.30
CA LEU B 410 -24.96 7.50 -0.75
C LEU B 410 -24.81 8.06 -2.17
N ALA B 411 -25.74 7.71 -3.04
CA ALA B 411 -25.73 8.20 -4.44
C ALA B 411 -25.90 9.71 -4.49
N PHE B 412 -26.68 10.24 -3.55
CA PHE B 412 -26.88 11.70 -3.46
C PHE B 412 -25.61 12.41 -2.99
N GLN B 413 -24.87 11.78 -2.09
CA GLN B 413 -23.54 12.27 -1.72
C GLN B 413 -22.64 12.44 -2.94
N ALA B 414 -22.57 11.40 -3.77
CA ALA B 414 -21.82 11.46 -5.03
C ALA B 414 -22.34 12.61 -5.88
N PHE B 415 -23.66 12.71 -6.01
CA PHE B 415 -24.34 13.77 -6.79
C PHE B 415 -23.84 15.14 -6.35
N LEU B 416 -23.89 15.36 -5.03
CA LEU B 416 -23.45 16.61 -4.43
C LEU B 416 -21.96 16.85 -4.59
N ASN B 417 -21.17 15.78 -4.71
CA ASN B 417 -19.72 15.91 -4.91
C ASN B 417 -19.29 16.12 -6.37
N ASP B 418 -20.24 16.09 -7.31
CA ASP B 418 -19.92 16.28 -8.73
C ASP B 418 -19.64 17.73 -9.13
N PRO B 419 -18.55 17.96 -9.88
CA PRO B 419 -18.12 19.31 -10.26
C PRO B 419 -19.17 20.15 -10.98
N LEU B 420 -20.21 19.52 -11.52
CA LEU B 420 -21.20 20.29 -12.26
C LEU B 420 -22.41 20.69 -11.39
N VAL B 421 -22.56 20.07 -10.23
CA VAL B 421 -23.70 20.32 -9.38
C VAL B 421 -23.37 21.45 -8.40
N GLN B 422 -23.47 22.69 -8.88
CA GLN B 422 -23.07 23.87 -8.12
C GLN B 422 -24.27 24.70 -7.75
N ILE B 423 -25.21 24.10 -7.04
CA ILE B 423 -26.48 24.74 -6.74
C ILE B 423 -26.74 24.49 -5.27
N ASP B 424 -27.71 25.17 -4.68
CA ASP B 424 -28.01 24.97 -3.28
C ASP B 424 -28.33 23.52 -3.02
N ARG B 425 -28.11 23.07 -1.79
CA ARG B 425 -28.35 21.68 -1.44
C ARG B 425 -29.80 21.25 -1.62
N SER B 426 -30.75 22.11 -1.28
CA SER B 426 -32.15 21.70 -1.35
C SER B 426 -32.66 21.66 -2.81
N ASP B 427 -32.13 22.52 -3.67
CA ASP B 427 -32.37 22.42 -5.10
C ASP B 427 -31.82 21.11 -5.68
N ALA B 428 -30.58 20.77 -5.32
CA ALA B 428 -29.98 19.54 -5.82
C ALA B 428 -30.79 18.30 -5.38
N GLU B 429 -31.29 18.31 -4.15
CA GLU B 429 -32.08 17.17 -3.64
C GLU B 429 -33.41 17.01 -4.38
N GLN B 430 -34.06 18.12 -4.67
CA GLN B 430 -35.27 18.09 -5.46
C GLN B 430 -34.94 17.60 -6.88
N LEU B 431 -33.85 18.09 -7.45
CA LEU B 431 -33.42 17.67 -8.78
C LEU B 431 -33.08 16.18 -8.78
N PHE B 432 -32.27 15.77 -7.81
CA PHE B 432 -31.85 14.38 -7.73
C PHE B 432 -33.06 13.48 -7.65
N ASN B 433 -33.98 13.80 -6.75
CA ASN B 433 -35.17 12.98 -6.53
C ASN B 433 -36.02 12.93 -7.78
N ASP B 434 -36.14 14.07 -8.45
CA ASP B 434 -36.89 14.12 -9.71
C ASP B 434 -36.25 13.25 -10.80
N LEU B 436 -34.42 10.54 -10.27
CA LEU B 436 -34.58 9.14 -9.92
C LEU B 436 -35.94 8.63 -10.41
N LEU C 3 -21.07 -5.03 37.16
CA LEU C 3 -21.76 -5.42 35.91
C LEU C 3 -22.05 -6.92 35.92
N ASP C 4 -23.29 -7.28 35.63
CA ASP C 4 -23.78 -8.62 35.95
C ASP C 4 -24.41 -9.34 34.79
N GLN C 5 -24.60 -10.64 34.96
CA GLN C 5 -25.12 -11.49 33.89
C GLN C 5 -24.26 -11.39 32.62
N ILE C 6 -22.95 -11.38 32.80
CA ILE C 6 -22.01 -11.55 31.71
C ILE C 6 -21.94 -13.02 31.41
N LYS C 7 -21.76 -13.36 30.14
CA LYS C 7 -21.64 -14.74 29.76
C LYS C 7 -20.31 -14.95 29.05
N ILE C 8 -19.51 -15.87 29.59
CA ILE C 8 -18.23 -16.20 29.01
C ILE C 8 -18.25 -17.65 28.60
N ALA C 9 -17.90 -17.92 27.34
CA ALA C 9 -17.73 -19.29 26.88
C ALA C 9 -16.25 -19.64 26.91
N TYR C 10 -15.92 -20.79 27.50
CA TYR C 10 -14.54 -21.22 27.58
C TYR C 10 -14.34 -22.51 26.79
N ILE C 11 -13.70 -22.40 25.62
CA ILE C 11 -13.39 -23.56 24.82
C ILE C 11 -12.04 -24.14 25.19
N GLY C 12 -12.06 -25.39 25.65
CA GLY C 12 -10.87 -26.02 26.21
C GLY C 12 -10.99 -25.97 27.72
N GLY C 13 -12.24 -25.90 28.19
CA GLY C 13 -12.53 -25.66 29.62
C GLY C 13 -12.26 -26.83 30.58
N GLY C 14 -11.68 -27.90 30.05
CA GLY C 14 -11.22 -29.00 30.91
C GLY C 14 -9.80 -28.66 31.31
N SER C 15 -9.37 -27.48 30.88
CA SER C 15 -8.00 -27.05 31.06
C SER C 15 -7.56 -27.17 32.53
N GLN C 16 -6.26 -27.05 32.75
CA GLN C 16 -5.73 -27.13 34.10
C GLN C 16 -4.71 -26.00 34.22
N GLY C 17 -4.55 -25.28 33.11
CA GLY C 17 -3.71 -24.10 33.06
C GLY C 17 -4.59 -22.86 33.05
N TRP C 18 -4.81 -22.32 31.85
CA TRP C 18 -5.55 -21.06 31.72
C TRP C 18 -6.90 -21.04 32.45
N ALA C 19 -7.64 -22.14 32.42
CA ALA C 19 -8.94 -22.18 33.07
C ALA C 19 -8.83 -21.90 34.57
N ARG C 20 -7.94 -22.61 35.24
CA ARG C 20 -7.79 -22.47 36.69
C ARG C 20 -7.38 -21.05 37.02
N SER C 21 -6.46 -20.56 36.20
CA SER C 21 -5.89 -19.24 36.32
C SER C 21 -6.98 -18.19 36.10
N LEU C 22 -7.85 -18.45 35.13
CA LEU C 22 -9.00 -17.60 34.90
C LEU C 22 -9.97 -17.63 36.08
N SER C 24 -9.33 -18.14 39.24
CA SER C 24 -8.76 -17.31 40.27
C SER C 24 -9.08 -15.85 40.00
N ASP C 25 -8.69 -15.36 38.83
CA ASP C 25 -8.85 -13.95 38.50
C ASP C 25 -10.32 -13.55 38.56
N LEU C 26 -11.18 -14.44 38.09
CA LEU C 26 -12.60 -14.14 38.12
C LEU C 26 -13.10 -14.00 39.55
N SER C 27 -12.71 -14.96 40.40
CA SER C 27 -13.22 -15.01 41.76
C SER C 27 -12.84 -13.79 42.60
N ILE C 28 -11.85 -13.01 42.17
CA ILE C 28 -11.50 -11.82 42.94
C ILE C 28 -11.83 -10.44 42.30
N ASP C 29 -12.23 -10.41 41.02
CA ASP C 29 -12.64 -9.12 40.43
C ASP C 29 -14.05 -8.74 40.89
N GLU C 30 -14.16 -7.59 41.57
CA GLU C 30 -15.44 -7.18 42.12
C GLU C 30 -16.31 -6.44 41.09
N ARG C 31 -15.72 -6.10 39.95
CA ARG C 31 -16.41 -5.28 38.95
C ARG C 31 -17.49 -6.05 38.20
N SER C 33 -19.81 -10.02 37.30
CA SER C 33 -20.40 -11.28 37.68
C SER C 33 -21.19 -11.85 36.49
N GLY C 34 -21.41 -13.16 36.49
CA GLY C 34 -22.21 -13.78 35.43
C GLY C 34 -21.98 -15.27 35.43
N THR C 35 -21.95 -15.87 34.25
CA THR C 35 -21.70 -17.31 34.14
C THR C 35 -20.61 -17.66 33.12
N VAL C 36 -20.00 -18.82 33.34
CA VAL C 36 -18.98 -19.39 32.46
C VAL C 36 -19.45 -20.74 31.95
N ALA C 37 -19.64 -20.87 30.63
CA ALA C 37 -19.97 -22.15 30.01
C ALA C 37 -18.71 -22.86 29.58
N LEU C 38 -18.42 -23.97 30.24
CA LEU C 38 -17.18 -24.70 30.02
C LEU C 38 -17.39 -25.77 28.96
N TYR C 39 -16.63 -25.71 27.87
CA TYR C 39 -16.77 -26.75 26.87
C TYR C 39 -15.43 -27.40 26.63
N ASP C 40 -15.45 -28.71 26.35
CA ASP C 40 -14.23 -29.46 26.17
C ASP C 40 -14.54 -30.83 25.53
N LEU C 41 -13.83 -31.18 24.47
CA LEU C 41 -14.07 -32.48 23.87
C LEU C 41 -14.24 -33.49 25.01
N ASP C 42 -13.38 -33.38 26.03
CA ASP C 42 -13.43 -34.28 27.19
C ASP C 42 -14.43 -33.73 28.21
N PHE C 43 -15.66 -34.23 28.13
CA PHE C 43 -16.74 -33.69 28.95
C PHE C 43 -16.43 -33.85 30.44
N GLU C 44 -15.86 -34.99 30.79
CA GLU C 44 -15.57 -35.27 32.19
C GLU C 44 -14.69 -34.19 32.82
N ALA C 45 -13.68 -33.74 32.09
CA ALA C 45 -12.76 -32.74 32.62
C ALA C 45 -13.41 -31.37 32.73
N ALA C 46 -14.27 -31.03 31.78
CA ALA C 46 -15.02 -29.80 31.89
C ALA C 46 -15.87 -29.85 33.16
N GLN C 47 -16.48 -31.00 33.40
CA GLN C 47 -17.31 -31.18 34.61
C GLN C 47 -16.55 -30.90 35.91
N LYS C 48 -15.34 -31.44 36.01
CA LYS C 48 -14.53 -31.22 37.21
C LYS C 48 -14.12 -29.77 37.41
N ASN C 49 -13.91 -29.02 36.32
CA ASN C 49 -13.71 -27.59 36.44
C ASN C 49 -15.01 -26.93 36.89
N GLU C 50 -16.13 -27.45 36.40
CA GLU C 50 -17.42 -27.00 36.83
C GLU C 50 -17.49 -27.16 38.34
N VAL C 51 -17.27 -28.38 38.81
CA VAL C 51 -17.33 -28.62 40.26
C VAL C 51 -16.40 -27.64 40.98
N ILE C 52 -15.14 -27.63 40.57
CA ILE C 52 -14.15 -26.80 41.26
C ILE C 52 -14.39 -25.32 41.09
N GLY C 53 -14.89 -24.91 39.92
CA GLY C 53 -15.23 -23.50 39.73
C GLY C 53 -16.34 -23.07 40.65
N ASN C 54 -17.31 -23.95 40.86
CA ASN C 54 -18.46 -23.60 41.67
C ASN C 54 -18.18 -23.68 43.17
N HIS C 55 -16.94 -24.02 43.53
CA HIS C 55 -16.48 -23.95 44.91
C HIS C 55 -15.54 -22.77 45.04
N SER C 56 -15.59 -21.88 44.05
CA SER C 56 -14.68 -20.74 44.03
C SER C 56 -15.43 -19.43 44.22
N GLY C 57 -14.70 -18.36 44.53
CA GLY C 57 -15.30 -17.03 44.65
C GLY C 57 -16.55 -16.98 45.52
N ASN C 58 -17.38 -15.97 45.29
CA ASN C 58 -18.58 -15.78 46.11
C ASN C 58 -19.79 -16.50 45.53
N GLY C 59 -19.61 -17.17 44.40
CA GLY C 59 -20.75 -17.51 43.56
C GLY C 59 -20.97 -16.28 42.69
N ARG C 60 -19.96 -15.42 42.67
CA ARG C 60 -19.88 -14.31 41.75
C ARG C 60 -20.04 -14.85 40.34
N TRP C 61 -19.41 -16.00 40.10
CA TRP C 61 -19.48 -16.65 38.79
C TRP C 61 -20.06 -18.07 38.90
N ARG C 62 -21.11 -18.33 38.15
CA ARG C 62 -21.67 -19.67 38.10
C ARG C 62 -21.09 -20.42 36.91
N TYR C 63 -20.61 -21.63 37.16
CA TYR C 63 -19.93 -22.40 36.14
C TYR C 63 -20.79 -23.55 35.70
N GLU C 64 -20.64 -23.94 34.45
CA GLU C 64 -21.43 -25.01 33.94
C GLU C 64 -20.74 -25.72 32.79
N ALA C 65 -20.56 -27.02 32.92
CA ALA C 65 -20.01 -27.80 31.85
C ALA C 65 -21.09 -27.98 30.78
N VAL C 66 -20.74 -27.74 29.52
CA VAL C 66 -21.73 -27.90 28.46
C VAL C 66 -21.15 -28.80 27.39
N SER C 67 -22.01 -29.55 26.72
CA SER C 67 -21.55 -30.63 25.85
C SER C 67 -21.30 -30.19 24.41
N THR C 68 -21.71 -28.98 24.05
CA THR C 68 -21.56 -28.54 22.67
C THR C 68 -21.05 -27.12 22.55
N LEU C 69 -20.24 -26.87 21.53
CA LEU C 69 -19.83 -25.54 21.18
C LEU C 69 -21.02 -24.63 21.18
N LYS C 70 -22.04 -25.05 20.43
CA LYS C 70 -23.20 -24.19 20.18
C LYS C 70 -23.81 -23.74 21.49
N LYS C 71 -23.91 -24.67 22.41
CA LYS C 71 -24.49 -24.37 23.71
C LYS C 71 -23.58 -23.39 24.42
N ALA C 72 -22.29 -23.70 24.42
CA ALA C 72 -21.32 -22.82 25.07
C ALA C 72 -21.38 -21.41 24.48
N LEU C 73 -21.48 -21.33 23.15
CA LEU C 73 -21.31 -20.04 22.49
C LEU C 73 -22.54 -19.15 22.56
N SER C 74 -23.71 -19.78 22.68
CA SER C 74 -24.98 -19.05 22.65
C SER C 74 -25.05 -17.86 23.62
N ALA C 75 -25.34 -16.68 23.07
CA ALA C 75 -25.40 -15.45 23.86
C ALA C 75 -24.10 -15.12 24.63
N ALA C 76 -22.97 -15.63 24.19
CA ALA C 76 -21.70 -15.34 24.87
C ALA C 76 -21.18 -13.95 24.55
N ASP C 77 -20.79 -13.19 25.57
CA ASP C 77 -20.11 -11.91 25.36
C ASP C 77 -18.63 -12.12 25.05
N ILE C 78 -18.05 -13.13 25.69
CA ILE C 78 -16.61 -13.33 25.60
C ILE C 78 -16.40 -14.80 25.29
N VAL C 79 -15.48 -15.08 24.39
CA VAL C 79 -15.09 -16.45 24.06
C VAL C 79 -13.60 -16.59 24.35
N ILE C 80 -13.23 -17.56 25.18
CA ILE C 80 -11.83 -17.84 25.47
C ILE C 80 -11.46 -19.17 24.86
N ILE C 81 -10.33 -19.22 24.20
CA ILE C 81 -9.92 -20.47 23.59
C ILE C 81 -8.55 -20.87 24.11
N SER C 82 -8.49 -22.03 24.74
CA SER C 82 -7.26 -22.51 25.28
C SER C 82 -7.22 -24.01 25.12
N ILE C 83 -6.82 -24.49 23.95
CA ILE C 83 -6.80 -25.91 23.74
C ILE C 83 -5.42 -26.41 23.48
N LEU C 84 -5.31 -27.72 23.42
CA LEU C 84 -4.10 -28.40 23.04
C LEU C 84 -4.44 -29.06 21.72
N PRO C 85 -3.79 -28.63 20.64
CA PRO C 85 -4.10 -29.21 19.33
C PRO C 85 -3.51 -30.61 19.25
N GLY C 86 -4.29 -31.62 19.60
CA GLY C 86 -3.82 -33.00 19.58
C GLY C 86 -3.35 -33.37 20.98
N SER C 87 -2.70 -34.54 21.09
CA SER C 87 -2.30 -35.06 22.41
C SER C 87 -0.81 -34.87 22.72
N LEU C 88 -0.44 -35.29 23.92
CA LEU C 88 0.95 -35.22 24.35
C LEU C 88 1.78 -36.24 23.59
N ASP C 89 1.16 -37.32 23.12
CA ASP C 89 1.89 -38.24 22.27
C ASP C 89 2.22 -37.62 20.93
N ASP C 90 1.25 -36.90 20.35
CA ASP C 90 1.54 -36.18 19.11
C ASP C 90 2.70 -35.25 19.39
N GLU C 92 5.11 -35.44 21.64
CA GLU C 92 6.36 -36.20 21.64
C GLU C 92 6.96 -36.28 20.24
N VAL C 93 6.14 -36.51 19.22
CA VAL C 93 6.63 -36.56 17.85
C VAL C 93 7.12 -35.16 17.43
N ASP C 94 6.25 -34.15 17.53
CA ASP C 94 6.60 -32.78 17.17
C ASP C 94 7.98 -32.39 17.68
N VAL C 95 8.20 -32.62 18.97
CA VAL C 95 9.31 -32.02 19.67
C VAL C 95 10.60 -32.83 19.65
N HIS C 96 10.51 -34.16 19.60
CA HIS C 96 11.67 -35.04 19.75
C HIS C 96 12.02 -35.83 18.50
N LEU C 97 11.04 -36.19 17.69
CA LEU C 97 11.36 -36.94 16.49
C LEU C 97 12.48 -36.30 15.63
N PRO C 98 12.50 -34.96 15.47
CA PRO C 98 13.53 -34.33 14.62
C PRO C 98 14.97 -34.48 15.16
N GLU C 99 15.08 -34.94 16.40
CA GLU C 99 16.40 -35.13 17.00
C GLU C 99 17.23 -36.14 16.22
N ARG C 100 16.58 -37.13 15.62
CA ARG C 100 17.26 -38.14 14.81
C ARG C 100 18.00 -37.53 13.64
N CYS C 101 17.61 -36.32 13.23
CA CYS C 101 18.32 -35.61 12.16
C CYS C 101 19.19 -34.51 12.73
N GLY C 102 19.38 -34.50 14.05
CA GLY C 102 20.23 -33.50 14.69
C GLY C 102 19.54 -32.16 14.98
N ILE C 103 18.22 -32.13 14.85
CA ILE C 103 17.43 -30.93 15.17
C ILE C 103 16.88 -30.96 16.59
N TYR C 104 17.31 -29.99 17.40
CA TYR C 104 16.82 -29.86 18.78
C TYR C 104 15.85 -28.69 18.93
N GLN C 105 14.84 -28.86 19.78
CA GLN C 105 13.84 -27.84 20.01
C GLN C 105 13.64 -27.68 21.51
N SER C 106 13.59 -26.42 21.99
CA SER C 106 13.33 -26.17 23.41
C SER C 106 11.85 -26.24 23.81
N VAL C 107 10.97 -25.77 22.93
CA VAL C 107 9.55 -25.79 23.24
C VAL C 107 8.76 -26.48 22.14
N GLY C 108 8.96 -26.07 20.89
CA GLY C 108 8.33 -26.75 19.74
C GLY C 108 6.83 -26.59 19.60
N ASP C 109 6.27 -25.49 20.08
CA ASP C 109 4.82 -25.29 19.98
C ASP C 109 4.50 -24.08 19.10
N THR C 110 5.54 -23.49 18.50
CA THR C 110 5.46 -22.17 17.90
C THR C 110 6.06 -22.16 16.48
N VAL C 111 7.37 -22.33 16.34
CA VAL C 111 7.98 -22.52 15.01
C VAL C 111 8.85 -23.79 15.01
N GLY C 112 9.78 -23.87 14.06
CA GLY C 112 10.56 -25.10 13.91
C GLY C 112 9.69 -26.21 13.35
N PRO C 113 10.25 -27.43 13.22
CA PRO C 113 9.48 -28.55 12.64
C PRO C 113 8.23 -28.85 13.47
N GLY C 114 8.38 -28.81 14.79
CA GLY C 114 7.27 -29.06 15.71
C GLY C 114 6.20 -28.00 15.63
N GLY C 115 6.60 -26.74 15.53
CA GLY C 115 5.65 -25.65 15.37
C GLY C 115 4.83 -25.81 14.10
N ILE C 116 5.50 -26.13 12.99
CA ILE C 116 4.85 -26.29 11.70
C ILE C 116 3.82 -27.41 11.72
N ILE C 117 4.20 -28.55 12.27
CA ILE C 117 3.33 -29.70 12.32
C ILE C 117 2.17 -29.43 13.26
N ARG C 118 2.46 -28.85 14.41
CA ARG C 118 1.39 -28.54 15.35
C ARG C 118 0.40 -27.52 14.75
N GLY C 119 0.92 -26.52 14.05
CA GLY C 119 0.05 -25.61 13.30
C GLY C 119 -0.89 -26.36 12.36
N LEU C 120 -0.33 -27.23 11.52
CA LEU C 120 -1.13 -27.99 10.55
C LEU C 120 -2.27 -28.67 11.26
N ARG C 121 -1.93 -29.36 12.34
CA ARG C 121 -2.91 -29.98 13.22
C ARG C 121 -3.99 -29.01 13.73
N ALA C 122 -3.58 -27.80 14.08
CA ALA C 122 -4.51 -26.85 14.73
C ALA C 122 -5.45 -26.11 13.74
N VAL C 123 -5.08 -26.06 12.47
CA VAL C 123 -5.90 -25.37 11.46
C VAL C 123 -7.38 -25.81 11.39
N PRO C 124 -7.64 -27.11 11.14
CA PRO C 124 -9.05 -27.54 11.05
C PRO C 124 -9.82 -27.33 12.36
N ILE C 125 -9.13 -27.46 13.48
CA ILE C 125 -9.75 -27.23 14.77
C ILE C 125 -10.17 -25.78 14.91
N PHE C 126 -9.32 -24.84 14.47
CA PHE C 126 -9.69 -23.43 14.58
C PHE C 126 -10.70 -22.98 13.52
N ALA C 127 -10.66 -23.57 12.34
CA ALA C 127 -11.65 -23.29 11.29
C ALA C 127 -13.04 -23.63 11.81
N GLU C 128 -13.12 -24.77 12.47
CA GLU C 128 -14.37 -25.19 13.08
C GLU C 128 -14.84 -24.24 14.18
N ILE C 129 -13.94 -23.85 15.08
CA ILE C 129 -14.30 -22.89 16.10
C ILE C 129 -14.73 -21.56 15.46
N ALA C 130 -14.04 -21.15 14.42
CA ALA C 130 -14.38 -19.90 13.73
C ALA C 130 -15.78 -19.92 13.13
N ARG C 131 -16.18 -21.05 12.55
CA ARG C 131 -17.52 -21.18 12.00
C ARG C 131 -18.59 -21.12 13.13
N ALA C 132 -18.34 -21.78 14.24
CA ALA C 132 -19.29 -21.77 15.36
C ALA C 132 -19.47 -20.36 15.91
N ILE C 133 -18.37 -19.65 16.09
CA ILE C 133 -18.46 -18.29 16.61
C ILE C 133 -19.23 -17.43 15.64
N ARG C 134 -18.98 -17.61 14.36
CA ARG C 134 -19.69 -16.85 13.33
C ARG C 134 -21.18 -17.16 13.41
N ASP C 135 -21.52 -18.44 13.55
CA ASP C 135 -22.91 -18.84 13.53
C ASP C 135 -23.63 -18.54 14.85
N TYR C 136 -22.93 -18.63 15.97
CA TYR C 136 -23.62 -18.53 17.26
C TYR C 136 -23.28 -17.32 18.14
N ALA C 137 -22.19 -16.62 17.85
CA ALA C 137 -21.76 -15.55 18.74
C ALA C 137 -20.90 -14.54 18.00
N PRO C 138 -21.36 -14.11 16.82
CA PRO C 138 -20.56 -13.25 15.93
C PRO C 138 -20.13 -11.94 16.58
N GLU C 139 -20.86 -11.47 17.58
CA GLU C 139 -20.56 -10.16 18.16
C GLU C 139 -19.69 -10.27 19.40
N SER C 140 -19.32 -11.49 19.77
CA SER C 140 -18.48 -11.66 20.95
C SER C 140 -17.04 -11.24 20.69
N TRP C 141 -16.36 -10.87 21.77
CA TRP C 141 -14.92 -10.71 21.71
C TRP C 141 -14.30 -12.07 22.02
N VAL C 142 -13.26 -12.41 21.26
CA VAL C 142 -12.66 -13.73 21.30
C VAL C 142 -11.23 -13.62 21.76
N ILE C 143 -10.89 -14.30 22.85
CA ILE C 143 -9.51 -14.29 23.31
C ILE C 143 -8.87 -15.66 23.17
N ASN C 144 -7.86 -15.74 22.29
CA ASN C 144 -7.09 -16.95 22.06
C ASN C 144 -5.80 -17.04 22.89
N TYR C 145 -5.59 -18.20 23.51
CA TYR C 145 -4.40 -18.48 24.32
C TYR C 145 -3.58 -19.62 23.74
N THR C 146 -4.12 -20.29 22.72
CA THR C 146 -3.52 -21.50 22.15
C THR C 146 -2.33 -21.24 21.24
N ASN C 147 -1.34 -22.12 21.29
CA ASN C 147 -0.21 -22.08 20.36
C ASN C 147 -0.34 -23.20 19.32
N PRO C 148 0.19 -23.00 18.09
CA PRO C 148 0.99 -21.84 17.63
C PRO C 148 0.12 -20.60 17.39
N SER C 150 0.29 -17.40 16.21
CA SER C 150 0.09 -16.64 14.99
C SER C 150 -0.81 -17.39 14.02
N VAL C 151 -0.60 -18.69 13.85
CA VAL C 151 -1.43 -19.51 12.95
C VAL C 151 -2.90 -19.66 13.39
N CYS C 152 -3.13 -20.11 14.62
CA CYS C 152 -4.48 -20.23 15.18
C CYS C 152 -5.27 -18.96 15.03
N THR C 153 -4.71 -17.85 15.47
CA THR C 153 -5.43 -16.60 15.43
C THR C 153 -5.71 -16.21 13.97
N ARG C 154 -4.73 -16.42 13.08
CA ARG C 154 -4.90 -16.10 11.67
C ARG C 154 -6.01 -16.97 11.06
N VAL C 155 -6.08 -18.24 11.48
CA VAL C 155 -7.12 -19.10 10.94
C VAL C 155 -8.46 -18.50 11.28
N LEU C 156 -8.58 -17.93 12.48
CA LEU C 156 -9.84 -17.35 12.90
C LEU C 156 -10.33 -16.28 11.89
N TYR C 157 -9.44 -15.36 11.55
CA TYR C 157 -9.76 -14.30 10.61
C TYR C 157 -9.97 -14.76 9.17
N LYS C 158 -9.20 -15.76 8.72
CA LYS C 158 -9.34 -16.27 7.36
C LYS C 158 -10.70 -16.92 7.16
N VAL C 159 -11.20 -17.57 8.20
CA VAL C 159 -12.46 -18.30 8.10
C VAL C 159 -13.66 -17.42 8.44
N PHE C 160 -13.51 -16.52 9.40
CA PHE C 160 -14.58 -15.59 9.77
C PHE C 160 -14.01 -14.16 9.77
N PRO C 161 -13.91 -13.55 8.58
CA PRO C 161 -13.28 -12.24 8.38
C PRO C 161 -13.73 -11.16 9.37
N GLY C 162 -14.99 -11.20 9.81
CA GLY C 162 -15.55 -10.15 10.67
C GLY C 162 -15.37 -10.45 12.15
N ILE C 163 -14.66 -11.52 12.46
CA ILE C 163 -14.48 -11.91 13.85
C ILE C 163 -13.73 -10.83 14.64
N LYS C 164 -14.09 -10.71 15.90
CA LYS C 164 -13.42 -9.79 16.80
C LYS C 164 -12.56 -10.62 17.75
N ALA C 165 -11.31 -10.85 17.34
CA ALA C 165 -10.46 -11.82 18.02
C ALA C 165 -9.07 -11.27 18.29
N ILE C 166 -8.56 -11.58 19.47
CA ILE C 166 -7.17 -11.28 19.81
C ILE C 166 -6.45 -12.50 20.34
N GLY C 167 -5.14 -12.52 20.20
CA GLY C 167 -4.29 -13.55 20.81
C GLY C 167 -3.56 -12.96 21.99
N CYS C 168 -3.62 -13.65 23.14
CA CYS C 168 -2.99 -13.16 24.37
C CYS C 168 -1.89 -14.08 24.84
N CYS C 169 -0.79 -13.46 25.23
CA CYS C 169 0.40 -14.18 25.66
C CYS C 169 1.05 -13.43 26.82
N HIS C 170 1.74 -14.16 27.68
CA HIS C 170 2.24 -13.54 28.91
C HIS C 170 3.75 -13.34 28.88
N GLU C 171 4.39 -13.61 27.73
CA GLU C 171 5.85 -13.61 27.64
C GLU C 171 6.42 -12.24 27.88
N VAL C 172 5.77 -11.22 27.33
CA VAL C 172 6.32 -9.89 27.46
C VAL C 172 6.39 -9.48 28.93
N PHE C 173 5.42 -9.91 29.74
CA PHE C 173 5.41 -9.56 31.17
C PHE C 173 6.73 -9.91 31.85
N GLY C 174 7.27 -11.09 31.51
CA GLY C 174 8.57 -11.55 32.01
C GLY C 174 9.76 -10.61 31.77
N THR C 175 9.79 -9.96 30.62
CA THR C 175 10.85 -9.00 30.33
C THR C 175 10.58 -7.68 31.05
N GLN C 176 9.31 -7.34 31.21
CA GLN C 176 8.97 -6.17 32.01
C GLN C 176 9.44 -6.40 33.44
N LYS C 177 9.29 -7.62 33.95
CA LYS C 177 9.77 -7.94 35.29
C LYS C 177 11.29 -7.85 35.37
N LEU C 178 11.95 -8.34 34.32
CA LEU C 178 13.39 -8.26 34.25
C LEU C 178 13.80 -6.81 34.32
N LEU C 179 13.13 -5.96 33.54
CA LEU C 179 13.50 -4.55 33.45
C LEU C 179 13.24 -3.83 34.79
N ALA C 180 12.18 -4.24 35.48
CA ALA C 180 11.88 -3.74 36.80
C ALA C 180 13.01 -4.08 37.79
N GLU C 181 13.53 -5.30 37.73
CA GLU C 181 14.64 -5.65 38.64
C GLU C 181 15.90 -4.89 38.30
N VAL C 183 16.04 -1.85 36.97
CA VAL C 183 15.90 -0.50 37.53
C VAL C 183 16.40 -0.49 38.99
N THR C 184 15.94 -1.44 39.78
CA THR C 184 16.33 -1.55 41.17
C THR C 184 17.82 -1.79 41.34
N GLU C 185 18.35 -2.71 40.54
CA GLU C 185 19.75 -3.09 40.67
C GLU C 185 20.67 -2.03 40.15
N ARG C 186 20.27 -1.36 39.06
CA ARG C 186 21.12 -0.37 38.43
C ARG C 186 20.93 1.01 39.07
N LEU C 187 19.74 1.29 39.57
CA LEU C 187 19.44 2.62 40.06
C LEU C 187 19.10 2.70 41.54
N GLY C 188 18.88 1.56 42.18
CA GLY C 188 18.52 1.56 43.59
C GLY C 188 17.06 1.83 43.85
N ILE C 189 16.34 2.38 42.87
CA ILE C 189 14.93 2.73 43.07
C ILE C 189 13.97 1.57 42.86
N GLU C 190 12.97 1.48 43.74
CA GLU C 190 11.95 0.46 43.66
C GLU C 190 10.96 0.76 42.54
N VAL C 191 10.31 -0.29 42.06
CA VAL C 191 9.32 -0.18 41.01
C VAL C 191 8.10 -0.89 41.53
N PRO C 192 6.99 -0.16 41.71
CA PRO C 192 5.76 -0.72 42.30
C PRO C 192 5.19 -1.93 41.55
N ARG C 193 5.13 -1.85 40.23
CA ARG C 193 4.54 -2.92 39.42
C ARG C 193 5.19 -3.01 38.06
N ARG C 194 5.26 -4.23 37.52
CA ARG C 194 5.80 -4.40 36.18
C ARG C 194 5.04 -3.56 35.15
N GLU C 195 3.77 -3.29 35.42
CA GLU C 195 2.97 -2.39 34.58
C GLU C 195 3.66 -1.06 34.35
N ASP C 196 4.35 -0.55 35.37
CA ASP C 196 5.01 0.75 35.26
C ASP C 196 6.22 0.75 34.34
N ILE C 197 6.62 -0.42 33.83
CA ILE C 197 7.70 -0.47 32.85
C ILE C 197 6.97 -0.30 31.54
N ARG C 198 7.11 0.87 30.94
CA ARG C 198 6.26 1.24 29.81
C ARG C 198 7.07 1.00 28.56
N VAL C 199 6.67 -0.02 27.81
CA VAL C 199 7.48 -0.49 26.70
C VAL C 199 6.76 -0.39 25.38
N ASN C 200 7.51 -0.08 24.34
CA ASN C 200 6.98 -0.15 22.99
C ASN C 200 7.39 -1.52 22.43
N VAL C 201 6.46 -2.45 22.44
CA VAL C 201 6.80 -3.82 22.08
C VAL C 201 6.20 -4.20 20.72
N LEU C 202 6.94 -4.94 19.91
CA LEU C 202 6.42 -5.32 18.60
C LEU C 202 7.12 -6.55 18.03
N GLY C 203 6.46 -7.20 17.06
CA GLY C 203 7.00 -8.42 16.47
C GLY C 203 5.90 -9.46 16.32
N ILE C 204 6.27 -10.73 16.42
CA ILE C 204 5.28 -11.81 16.37
C ILE C 204 5.39 -12.62 17.66
N ASN C 205 4.36 -13.42 17.95
CA ASN C 205 4.29 -14.11 19.24
C ASN C 205 5.54 -14.95 19.50
N HIS C 206 6.07 -14.82 20.71
CA HIS C 206 7.33 -15.45 21.14
C HIS C 206 8.56 -14.90 20.46
N PHE C 207 8.38 -13.92 19.58
CA PHE C 207 9.53 -13.26 18.93
C PHE C 207 9.23 -11.75 18.93
N THR C 208 8.96 -11.22 20.13
CA THR C 208 8.67 -9.82 20.36
C THR C 208 9.93 -9.06 20.75
N TRP C 209 9.94 -7.77 20.42
CA TRP C 209 11.07 -6.90 20.69
C TRP C 209 10.62 -5.57 21.26
N ILE C 210 11.47 -4.96 22.07
CA ILE C 210 11.15 -3.70 22.68
C ILE C 210 12.16 -2.69 22.17
N THR C 211 11.66 -1.70 21.43
CA THR C 211 12.54 -0.74 20.79
C THR C 211 12.61 0.56 21.60
N LYS C 212 11.65 0.73 22.50
CA LYS C 212 11.65 1.87 23.43
C LYS C 212 11.08 1.40 24.75
N ALA C 213 11.62 1.90 25.84
CA ALA C 213 11.16 1.54 27.17
C ALA C 213 11.44 2.63 28.19
N SER C 214 10.56 2.78 29.17
CA SER C 214 10.83 3.74 30.22
C SER C 214 10.21 3.37 31.57
N TYR C 215 10.77 3.95 32.62
CA TYR C 215 10.17 3.95 33.93
C TYR C 215 10.02 5.42 34.35
N ARG C 216 8.79 5.92 34.41
CA ARG C 216 8.56 7.36 34.53
C ARG C 216 9.43 8.12 33.54
N HIS C 217 10.25 9.03 34.05
CA HIS C 217 11.06 9.91 33.22
C HIS C 217 12.36 9.28 32.73
N ILE C 218 12.63 8.04 33.11
CA ILE C 218 13.92 7.41 32.83
C ILE C 218 13.86 6.51 31.58
N ASP C 219 14.74 6.76 30.63
CA ASP C 219 14.88 5.93 29.45
C ASP C 219 15.64 4.64 29.82
N LEU C 220 15.02 3.49 29.60
CA LEU C 220 15.64 2.21 29.97
C LEU C 220 16.58 1.61 28.91
N LEU C 221 16.56 2.11 27.68
CA LEU C 221 17.41 1.51 26.64
C LEU C 221 18.91 1.66 26.93
N PRO C 222 19.34 2.88 27.23
CA PRO C 222 20.75 3.09 27.52
C PRO C 222 21.14 2.29 28.76
N ILE C 223 20.20 2.14 29.70
CA ILE C 223 20.46 1.38 30.92
C ILE C 223 20.58 -0.12 30.65
N PHE C 224 19.66 -0.67 29.88
CA PHE C 224 19.75 -2.06 29.47
C PHE C 224 21.07 -2.33 28.77
N ARG C 225 21.53 -1.37 27.97
CA ARG C 225 22.79 -1.48 27.29
C ARG C 225 23.95 -1.72 28.29
N GLU C 226 23.97 -0.97 29.39
CA GLU C 226 25.00 -1.14 30.43
C GLU C 226 24.83 -2.47 31.10
N PHE C 227 23.60 -2.75 31.48
CA PHE C 227 23.17 -3.99 32.13
C PHE C 227 23.62 -5.21 31.32
N SER C 228 23.40 -5.09 30.02
CA SER C 228 23.69 -6.11 29.03
C SER C 228 25.20 -6.33 28.92
N ALA C 229 25.95 -5.23 28.87
CA ALA C 229 27.41 -5.26 28.83
C ALA C 229 28.00 -5.90 30.08
N HIS C 230 27.42 -5.59 31.23
CA HIS C 230 27.95 -6.08 32.49
C HIS C 230 27.66 -7.56 32.75
N TYR C 231 26.47 -8.04 32.40
CA TYR C 231 26.07 -9.42 32.66
C TYR C 231 25.99 -10.36 31.46
N GLY C 232 26.44 -9.89 30.30
CA GLY C 232 26.38 -10.72 29.10
C GLY C 232 26.99 -12.11 29.28
N GLU C 233 28.18 -12.17 29.88
CA GLU C 233 28.90 -13.44 30.05
C GLU C 233 28.34 -14.28 31.21
N SER C 234 28.16 -13.66 32.37
CA SER C 234 27.66 -14.38 33.54
C SER C 234 26.17 -14.72 33.46
N GLY C 235 25.42 -13.91 32.72
CA GLY C 235 23.98 -13.97 32.82
C GLY C 235 23.53 -13.11 34.00
N TYR C 236 22.22 -12.94 34.13
CA TYR C 236 21.61 -12.29 35.28
C TYR C 236 20.41 -13.11 35.71
N GLU C 237 20.35 -13.43 36.99
CA GLU C 237 19.25 -14.24 37.52
C GLU C 237 18.34 -13.39 38.39
N LEU C 238 17.03 -13.58 38.26
CA LEU C 238 16.09 -12.79 39.06
C LEU C 238 16.32 -13.01 40.56
N GLU C 239 16.13 -11.95 41.34
CA GLU C 239 16.39 -12.00 42.78
C GLU C 239 15.73 -13.23 43.39
N GLY C 240 16.45 -13.91 44.28
CA GLY C 240 15.95 -15.13 44.91
C GLY C 240 15.73 -16.27 43.93
N GLU C 241 16.42 -16.24 42.79
CA GLU C 241 16.27 -17.28 41.78
C GLU C 241 17.58 -17.87 41.26
N CYS C 242 17.51 -19.09 40.74
CA CYS C 242 18.64 -19.71 40.09
C CYS C 242 18.13 -20.31 38.77
N TRP C 243 18.84 -20.08 37.68
CA TRP C 243 18.33 -20.51 36.38
C TRP C 243 18.07 -22.01 36.32
N ARG C 244 18.73 -22.78 37.17
CA ARG C 244 18.44 -24.22 37.28
C ARG C 244 17.18 -24.61 38.07
N ASP C 245 16.43 -23.66 38.61
CA ASP C 245 15.25 -24.02 39.41
C ASP C 245 14.19 -24.76 38.61
N SER C 246 14.02 -24.40 37.33
CA SER C 246 13.05 -25.08 36.52
C SER C 246 13.34 -24.84 35.04
N VAL C 247 12.66 -25.59 34.18
CA VAL C 247 12.87 -25.48 32.74
C VAL C 247 12.38 -24.14 32.17
N PHE C 248 11.55 -23.43 32.93
CA PHE C 248 11.06 -22.11 32.57
C PHE C 248 12.02 -20.99 32.94
N CYS C 249 13.07 -21.31 33.69
CA CYS C 249 14.03 -20.28 34.13
C CYS C 249 15.25 -20.13 33.21
N SER C 250 15.89 -18.95 33.26
CA SER C 250 17.08 -18.70 32.46
C SER C 250 17.93 -17.62 33.10
N ALA C 251 19.11 -17.36 32.57
CA ALA C 251 19.90 -16.23 33.03
C ALA C 251 19.91 -15.12 32.00
N HIS C 252 18.99 -15.16 31.04
CA HIS C 252 18.87 -14.09 30.02
C HIS C 252 20.07 -13.92 29.14
N ARG C 253 20.94 -14.94 29.07
CA ARG C 253 22.13 -14.82 28.23
C ARG C 253 21.76 -14.67 26.73
N VAL C 254 20.72 -15.36 26.32
CA VAL C 254 20.27 -15.29 24.93
C VAL C 254 19.75 -13.88 24.63
N ALA C 255 18.93 -13.35 25.52
CA ALA C 255 18.40 -12.00 25.35
C ALA C 255 19.52 -11.00 25.27
N PHE C 256 20.52 -11.14 26.14
CA PHE C 256 21.67 -10.24 26.09
C PHE C 256 22.41 -10.40 24.77
N ASP C 257 22.55 -11.63 24.33
CA ASP C 257 23.25 -11.86 23.08
C ASP C 257 22.49 -11.22 21.89
N LEU C 258 21.16 -11.38 21.88
CA LEU C 258 20.31 -10.79 20.83
C LEU C 258 20.29 -9.26 20.88
N PHE C 259 20.29 -8.70 22.09
CA PHE C 259 20.42 -7.26 22.20
C PHE C 259 21.72 -6.74 21.59
N GLU C 260 22.86 -7.32 21.93
CA GLU C 260 24.10 -6.80 21.37
C GLU C 260 24.05 -6.83 19.85
N THR C 261 23.46 -7.87 19.27
CA THR C 261 23.43 -8.00 17.82
C THR C 261 22.47 -7.02 17.16
N TYR C 262 21.28 -6.88 17.73
CA TYR C 262 20.21 -6.13 17.07
C TYR C 262 19.88 -4.77 17.67
N GLY C 263 20.14 -4.56 18.96
CA GLY C 263 19.94 -3.22 19.54
C GLY C 263 18.53 -2.91 20.01
N ALA C 264 17.66 -3.92 20.00
CA ALA C 264 16.38 -3.86 20.68
C ALA C 264 16.35 -4.99 21.69
N ILE C 265 15.53 -4.84 22.72
CA ILE C 265 15.48 -5.81 23.80
C ILE C 265 14.53 -6.96 23.42
N PRO C 266 15.05 -8.17 23.30
CA PRO C 266 14.17 -9.29 23.01
C PRO C 266 13.21 -9.45 24.17
N ALA C 267 11.94 -9.70 23.90
CA ALA C 267 10.94 -9.69 24.96
C ALA C 267 10.18 -10.98 25.03
N ALA C 268 10.91 -12.08 25.10
CA ALA C 268 10.36 -13.38 25.46
C ALA C 268 11.46 -14.20 26.15
N GLY C 269 11.07 -15.26 26.87
CA GLY C 269 12.07 -16.10 27.51
C GLY C 269 13.06 -16.65 26.51
N ASP C 270 14.31 -16.82 26.97
CA ASP C 270 15.36 -17.42 26.17
C ASP C 270 14.88 -18.71 25.46
N ARG C 271 14.17 -19.57 26.17
CA ARG C 271 13.69 -20.82 25.59
C ARG C 271 12.81 -20.62 24.33
N HIS C 272 12.09 -19.52 24.24
CA HIS C 272 11.32 -19.27 23.01
C HIS C 272 12.17 -18.60 21.94
N LEU C 273 12.97 -17.61 22.34
CA LEU C 273 13.77 -16.84 21.38
C LEU C 273 14.66 -17.76 20.59
N ALA C 274 15.25 -18.71 21.29
CA ALA C 274 16.24 -19.62 20.72
C ALA C 274 15.69 -20.44 19.54
N GLU C 275 14.39 -20.63 19.45
CA GLU C 275 13.85 -21.38 18.32
C GLU C 275 13.69 -20.56 17.00
N PHE C 276 13.90 -19.25 17.06
CA PHE C 276 13.54 -18.38 15.90
C PHE C 276 14.71 -18.04 14.98
N LEU C 277 15.95 -18.15 15.46
CA LEU C 277 17.10 -17.75 14.67
C LEU C 277 18.27 -18.70 14.83
N PRO C 278 19.21 -18.64 13.87
CA PRO C 278 20.39 -19.47 13.95
C PRO C 278 21.20 -19.06 15.17
N GLY C 279 21.76 -20.04 15.86
CA GLY C 279 22.68 -19.77 16.95
C GLY C 279 23.06 -21.06 17.64
N PRO C 280 24.07 -20.99 18.52
CA PRO C 280 24.53 -22.18 19.23
C PRO C 280 23.69 -22.47 20.46
N TYR C 281 22.56 -21.76 20.62
CA TYR C 281 21.81 -21.80 21.89
C TYR C 281 21.27 -23.18 22.16
N LEU C 282 20.53 -23.74 21.20
CA LEU C 282 19.78 -24.97 21.41
C LEU C 282 20.65 -26.20 21.67
N LYS C 283 21.87 -26.17 21.15
CA LYS C 283 22.76 -27.31 21.31
C LYS C 283 23.78 -27.12 22.41
N GLN C 284 23.82 -25.91 22.97
CA GLN C 284 24.63 -25.63 24.14
C GLN C 284 23.79 -24.89 25.19
N PRO C 285 22.69 -25.51 25.63
CA PRO C 285 21.77 -24.79 26.52
C PRO C 285 22.41 -24.44 27.85
N GLU C 286 23.30 -25.28 28.35
CA GLU C 286 23.94 -24.94 29.62
C GLU C 286 24.92 -23.76 29.54
N VAL C 287 25.69 -23.65 28.47
CA VAL C 287 26.48 -22.45 28.28
C VAL C 287 25.56 -21.22 28.20
N TRP C 288 24.36 -21.40 27.65
CA TRP C 288 23.49 -20.25 27.41
C TRP C 288 22.49 -20.08 28.55
N LYS C 289 22.63 -20.93 29.56
CA LYS C 289 21.85 -20.90 30.80
C LYS C 289 20.34 -20.88 30.65
N PHE C 290 19.82 -21.78 29.83
CA PHE C 290 18.38 -21.99 29.76
C PHE C 290 18.17 -23.50 29.50
N HIS C 291 16.92 -23.94 29.46
CA HIS C 291 16.63 -25.35 29.29
C HIS C 291 15.75 -25.61 28.07
N LEU C 292 15.82 -26.85 27.57
CA LEU C 292 14.80 -27.39 26.68
C LEU C 292 13.74 -28.03 27.55
N THR C 293 12.51 -28.06 27.07
CA THR C 293 11.43 -28.72 27.80
C THR C 293 11.09 -30.04 27.09
N PRO C 294 11.52 -31.19 27.65
CA PRO C 294 11.19 -32.48 27.05
C PRO C 294 9.73 -32.83 27.29
N ILE C 295 9.15 -33.64 26.42
CA ILE C 295 7.73 -33.96 26.57
C ILE C 295 7.48 -34.82 27.82
N SER C 296 8.53 -35.42 28.37
CA SER C 296 8.40 -36.22 29.58
C SER C 296 8.05 -35.31 30.78
N PHE C 297 8.55 -34.09 30.75
CA PHE C 297 8.23 -33.14 31.79
C PHE C 297 6.76 -32.72 31.74
N ARG C 298 6.25 -32.52 30.53
CA ARG C 298 4.85 -32.17 30.34
C ARG C 298 3.91 -33.29 30.78
N LYS C 299 4.32 -34.54 30.56
CA LYS C 299 3.51 -35.67 31.00
C LYS C 299 3.50 -35.78 32.51
N GLN C 300 4.66 -35.66 33.14
CA GLN C 300 4.70 -35.65 34.59
C GLN C 300 3.83 -34.50 35.10
N ASP C 301 3.95 -33.33 34.47
CA ASP C 301 3.27 -32.19 34.99
C ASP C 301 1.76 -32.37 34.93
N ARG C 302 1.31 -33.00 33.85
CA ARG C 302 -0.11 -33.21 33.68
C ARG C 302 -0.69 -34.17 34.71
N ALA C 303 0.10 -35.18 35.06
CA ALA C 303 -0.33 -36.19 36.02
C ALA C 303 -0.54 -35.58 37.40
N GLU C 304 0.37 -34.72 37.83
CA GLU C 304 0.17 -34.08 39.11
C GLU C 304 -1.05 -33.16 39.09
N LYS C 305 -1.18 -32.36 38.03
CA LYS C 305 -2.36 -31.51 37.92
C LYS C 305 -3.64 -32.32 38.03
N ARG C 306 -3.60 -33.56 37.53
CA ARG C 306 -4.76 -34.45 37.62
C ARG C 306 -5.03 -34.94 39.03
N GLN C 307 -3.96 -35.16 39.79
CA GLN C 307 -4.09 -35.54 41.20
C GLN C 307 -4.57 -34.34 42.00
N GLU C 308 -3.99 -33.16 41.73
CA GLU C 308 -4.47 -31.95 42.37
C GLU C 308 -5.96 -31.79 42.09
N THR C 309 -6.34 -31.94 40.83
CA THR C 309 -7.74 -31.86 40.47
C THR C 309 -8.56 -32.67 41.46
N GLU C 310 -8.35 -33.99 41.44
CA GLU C 310 -9.15 -34.91 42.24
C GLU C 310 -9.09 -34.62 43.74
N ARG C 311 -7.98 -34.02 44.18
CA ARG C 311 -7.86 -33.58 45.56
C ARG C 311 -8.91 -32.55 45.86
N LEU C 312 -8.96 -31.51 45.03
CA LEU C 312 -9.92 -30.42 45.22
C LEU C 312 -11.36 -30.94 45.21
N ILE C 313 -11.67 -31.81 44.26
CA ILE C 313 -13.02 -32.38 44.14
C ILE C 313 -13.42 -33.17 45.39
N VAL C 314 -12.46 -33.90 45.94
CA VAL C 314 -12.68 -34.72 47.12
C VAL C 314 -12.91 -33.88 48.38
N GLN C 315 -12.20 -32.77 48.51
CA GLN C 315 -12.33 -31.92 49.69
C GLN C 315 -13.32 -30.77 49.49
N GLN C 316 -14.11 -30.84 48.42
CA GLN C 316 -15.03 -29.75 48.11
C GLN C 316 -14.35 -28.38 48.14
N ARG C 317 -13.09 -28.31 47.68
CA ARG C 317 -12.35 -27.04 47.65
C ARG C 317 -12.23 -26.48 46.24
N GLY C 318 -12.07 -25.17 46.15
CA GLY C 318 -11.83 -24.50 44.87
C GLY C 318 -10.40 -23.98 44.74
N VAL C 319 -10.15 -23.17 43.71
CA VAL C 319 -8.85 -22.56 43.50
C VAL C 319 -8.60 -21.47 44.53
N ALA C 320 -7.42 -20.86 44.47
CA ALA C 320 -7.06 -19.80 45.40
C ALA C 320 -7.54 -18.43 44.91
N GLU C 321 -8.05 -17.62 45.82
CA GLU C 321 -8.51 -16.29 45.46
C GLU C 321 -7.30 -15.37 45.40
N LYS C 322 -6.53 -15.49 44.31
CA LYS C 322 -5.26 -14.82 44.17
C LYS C 322 -4.94 -14.43 42.72
N ALA C 323 -4.47 -13.20 42.50
CA ALA C 323 -4.15 -12.73 41.16
C ALA C 323 -3.16 -13.67 40.48
N SER C 324 -3.46 -14.08 39.25
CA SER C 324 -2.64 -15.04 38.53
C SER C 324 -1.43 -14.38 37.88
N GLY C 325 -1.54 -13.10 37.59
CA GLY C 325 -0.49 -12.36 36.88
C GLY C 325 -0.89 -12.12 35.42
N GLU C 326 -1.92 -12.81 34.94
CA GLU C 326 -2.43 -12.63 33.56
C GLU C 326 -3.25 -11.34 33.42
N GLU C 327 -3.48 -10.91 32.17
CA GLU C 327 -4.28 -9.72 31.89
C GLU C 327 -5.67 -10.08 31.35
N GLY C 328 -5.94 -11.38 31.25
CA GLY C 328 -7.20 -11.85 30.66
C GLY C 328 -8.47 -11.21 31.19
N VAL C 329 -8.70 -11.38 32.49
CA VAL C 329 -9.88 -10.85 33.12
C VAL C 329 -9.89 -9.34 33.03
N ASN C 330 -8.72 -8.75 33.12
CA ASN C 330 -8.58 -7.32 33.01
C ASN C 330 -8.91 -6.79 31.61
N ILE C 331 -8.64 -7.62 30.59
CA ILE C 331 -8.97 -7.28 29.22
C ILE C 331 -10.48 -7.39 29.04
N ILE C 332 -11.06 -8.44 29.61
CA ILE C 332 -12.51 -8.59 29.57
C ILE C 332 -13.20 -7.37 30.18
N ALA C 333 -12.74 -6.97 31.37
CA ALA C 333 -13.34 -5.82 32.04
C ALA C 333 -13.24 -4.57 31.15
N ALA C 334 -12.08 -4.39 30.51
CA ALA C 334 -11.89 -3.24 29.63
C ALA C 334 -12.83 -3.33 28.41
N LEU C 335 -12.97 -4.53 27.88
CA LEU C 335 -13.89 -4.73 26.75
C LEU C 335 -15.34 -4.45 27.12
N LEU C 336 -15.69 -4.63 28.39
CA LEU C 336 -17.06 -4.36 28.83
C LEU C 336 -17.30 -2.91 29.26
N GLY C 337 -16.23 -2.12 29.29
CA GLY C 337 -16.37 -0.71 29.56
C GLY C 337 -16.01 -0.35 30.98
N LEU C 338 -15.53 -1.35 31.72
CA LEU C 338 -15.27 -1.21 33.15
C LEU C 338 -13.85 -0.80 33.47
N GLY C 339 -13.20 -0.14 32.52
CA GLY C 339 -11.82 0.29 32.67
C GLY C 339 -11.31 0.40 31.25
N GLU C 340 -10.20 1.11 31.08
CA GLU C 340 -9.55 1.09 29.79
C GLU C 340 -8.09 0.74 29.98
N LEU C 341 -7.47 0.26 28.92
CA LEU C 341 -6.26 -0.51 29.09
C LEU C 341 -5.42 -0.46 27.84
N VAL C 342 -4.13 -0.32 28.04
CA VAL C 342 -3.15 -0.44 26.98
C VAL C 342 -2.24 -1.60 27.35
N THR C 343 -2.30 -2.67 26.56
CA THR C 343 -1.50 -3.85 26.84
C THR C 343 -1.19 -4.57 25.52
N ASN C 344 -0.23 -5.49 25.52
CA ASN C 344 0.18 -6.19 24.28
C ASN C 344 -0.79 -7.30 23.90
N VAL C 345 -1.11 -7.38 22.60
CA VAL C 345 -2.02 -8.39 22.04
C VAL C 345 -1.57 -8.81 20.65
N ASN C 346 -2.06 -9.95 20.20
CA ASN C 346 -1.84 -10.42 18.86
C ASN C 346 -3.08 -10.16 18.00
N PRO C 348 -4.44 -8.86 13.63
CA PRO C 348 -4.02 -8.68 12.24
C PRO C 348 -3.30 -7.35 12.02
N ASN C 349 -2.25 -7.35 11.22
CA ASN C 349 -1.45 -6.16 10.95
C ASN C 349 -2.13 -5.22 9.98
N GLN C 350 -2.38 -3.98 10.41
CA GLN C 350 -2.89 -2.94 9.53
C GLN C 350 -1.99 -1.71 9.58
N GLY C 351 -0.69 -1.91 9.77
CA GLY C 351 0.22 -0.78 9.91
C GLY C 351 0.87 -0.66 11.27
N GLN C 352 0.40 -1.43 12.28
CA GLN C 352 0.98 -1.27 13.62
C GLN C 352 2.43 -1.76 13.70
N VAL C 353 2.80 -2.70 12.82
CA VAL C 353 4.22 -3.00 12.65
C VAL C 353 4.61 -2.69 11.21
N LEU C 354 5.60 -1.84 11.03
CA LEU C 354 6.06 -1.46 9.68
C LEU C 354 6.72 -2.59 8.91
N ASN C 355 6.54 -2.61 7.59
CA ASN C 355 7.31 -3.48 6.73
C ASN C 355 7.04 -4.97 6.91
N LEU C 356 5.87 -5.32 7.43
CA LEU C 356 5.50 -6.71 7.64
C LEU C 356 4.17 -6.86 6.92
N PRO C 357 3.88 -8.03 6.35
CA PRO C 357 2.64 -8.07 5.53
C PRO C 357 1.40 -7.62 6.29
N ILE C 358 0.43 -7.07 5.58
CA ILE C 358 -0.81 -6.75 6.25
C ILE C 358 -1.69 -8.01 6.43
N GLN C 359 -2.51 -8.02 7.47
CA GLN C 359 -3.33 -9.19 7.85
C GLN C 359 -2.58 -10.24 8.66
N ALA C 360 -1.25 -10.25 8.56
CA ALA C 360 -0.46 -11.22 9.34
C ALA C 360 -0.68 -10.90 10.82
N ILE C 361 -0.76 -11.93 11.66
CA ILE C 361 -0.93 -11.72 13.09
C ILE C 361 0.39 -11.23 13.71
N VAL C 362 0.38 -9.99 14.23
CA VAL C 362 1.54 -9.42 14.88
C VAL C 362 1.21 -9.01 16.34
N GLU C 363 2.25 -8.87 17.18
CA GLU C 363 2.03 -8.52 18.59
C GLU C 363 2.47 -7.09 18.83
N THR C 364 1.54 -6.25 19.26
CA THR C 364 1.87 -4.89 19.67
C THR C 364 0.98 -4.50 20.84
N ASN C 365 1.30 -3.39 21.48
CA ASN C 365 0.32 -2.69 22.30
C ASN C 365 -0.93 -2.34 21.54
N ALA C 366 -2.06 -2.42 22.24
CA ALA C 366 -3.31 -1.93 21.73
C ALA C 366 -4.05 -1.18 22.84
N PHE C 367 -4.94 -0.29 22.41
CA PHE C 367 -5.78 0.48 23.31
C PHE C 367 -7.06 -0.31 23.39
N ILE C 368 -7.45 -0.67 24.61
CA ILE C 368 -8.63 -1.50 24.77
C ILE C 368 -9.67 -0.75 25.58
N THR C 369 -10.88 -0.71 25.06
CA THR C 369 -11.96 -0.04 25.77
C THR C 369 -13.29 -0.69 25.42
N ARG C 370 -14.41 -0.08 25.81
CA ARG C 370 -15.67 -0.77 25.63
C ARG C 370 -15.79 -1.31 24.20
N ASN C 371 -15.87 -2.62 24.03
CA ASN C 371 -16.07 -3.25 22.70
C ASN C 371 -15.07 -2.77 21.63
N ARG C 372 -13.80 -2.58 22.02
CA ARG C 372 -12.81 -1.99 21.14
C ARG C 372 -11.43 -2.43 21.53
N VAL C 373 -10.71 -3.06 20.59
CA VAL C 373 -9.28 -3.27 20.72
C VAL C 373 -8.64 -2.64 19.50
N GLN C 374 -7.81 -1.63 19.71
CA GLN C 374 -7.27 -0.84 18.62
C GLN C 374 -5.76 -0.78 18.76
N PRO C 375 -5.04 -1.38 17.79
CA PRO C 375 -3.59 -1.44 17.90
C PRO C 375 -2.97 -0.05 17.80
N ILE C 376 -1.78 0.08 18.41
CA ILE C 376 -1.06 1.33 18.47
C ILE C 376 0.10 1.21 17.50
N LEU C 377 0.29 2.23 16.68
CA LEU C 377 1.38 2.23 15.73
C LEU C 377 2.69 2.14 16.50
N SER C 378 3.49 1.13 16.22
CA SER C 378 4.69 0.89 17.02
C SER C 378 6.01 0.96 16.26
N GLY C 379 5.93 1.31 14.98
CA GLY C 379 7.14 1.47 14.17
C GLY C 379 7.75 0.17 13.63
N ALA C 380 9.07 0.20 13.44
CA ALA C 380 9.82 -0.85 12.76
C ALA C 380 10.65 -1.66 13.73
N LEU C 381 10.94 -2.91 13.35
CA LEU C 381 11.89 -3.76 14.03
C LEU C 381 13.30 -3.40 13.54
N PRO C 382 14.34 -3.76 14.31
CA PRO C 382 15.68 -3.61 13.70
C PRO C 382 15.73 -4.43 12.42
N LYS C 383 16.55 -4.03 11.47
CA LYS C 383 16.50 -4.66 10.14
C LYS C 383 16.67 -6.20 10.15
N GLY C 384 17.65 -6.73 10.86
CA GLY C 384 17.89 -8.18 10.85
C GLY C 384 16.74 -8.96 11.48
N VAL C 385 16.04 -8.31 12.39
CA VAL C 385 14.94 -8.94 13.09
C VAL C 385 13.73 -8.93 12.18
N GLU C 386 13.55 -7.83 11.48
CA GLU C 386 12.45 -7.72 10.55
C GLU C 386 12.58 -8.78 9.44
N LEU C 388 14.03 -11.75 9.69
CA LEU C 388 13.66 -13.02 10.27
C LEU C 388 12.13 -13.15 10.42
N ALA C 389 11.48 -12.09 10.91
CA ALA C 389 10.06 -12.14 11.23
C ALA C 389 9.23 -12.29 9.95
N ALA C 390 9.61 -11.56 8.90
CA ALA C 390 8.96 -11.70 7.58
C ALA C 390 9.05 -13.14 7.13
N ARG C 391 10.21 -13.74 7.30
CA ARG C 391 10.39 -15.13 6.92
C ARG C 391 9.50 -16.10 7.72
N HIS C 392 9.47 -15.94 9.03
CA HIS C 392 8.50 -16.70 9.85
C HIS C 392 7.04 -16.42 9.46
N ILE C 393 6.70 -15.15 9.27
CA ILE C 393 5.34 -14.83 8.90
C ILE C 393 4.98 -15.58 7.63
N SER C 394 5.88 -15.56 6.65
CA SER C 394 5.73 -16.36 5.43
C SER C 394 5.36 -17.81 5.69
N ASN C 395 6.11 -18.48 6.56
CA ASN C 395 5.84 -19.87 6.89
C ASN C 395 4.50 -20.01 7.55
N GLN C 396 4.19 -19.06 8.40
CA GLN C 396 2.93 -19.06 9.14
C GLN C 396 1.70 -18.94 8.23
N GLU C 397 1.75 -18.03 7.26
CA GLU C 397 0.65 -17.84 6.32
C GLU C 397 0.49 -19.09 5.48
N ALA C 398 1.61 -19.67 5.07
CA ALA C 398 1.62 -20.87 4.25
C ALA C 398 1.02 -22.05 5.03
N VAL C 399 1.32 -22.16 6.32
CA VAL C 399 0.68 -23.20 7.14
C VAL C 399 -0.84 -23.00 7.23
N ALA C 400 -1.25 -21.78 7.53
CA ALA C 400 -2.69 -21.49 7.60
C ALA C 400 -3.40 -21.91 6.31
N ASP C 401 -2.85 -21.48 5.17
CA ASP C 401 -3.45 -21.83 3.87
C ASP C 401 -3.37 -23.33 3.60
N ALA C 402 -2.21 -23.93 3.87
CA ALA C 402 -2.04 -25.35 3.65
C ALA C 402 -3.10 -26.15 4.43
N GLY C 403 -3.28 -25.82 5.71
CA GLY C 403 -4.30 -26.48 6.53
C GLY C 403 -5.72 -26.31 6.01
N LEU C 404 -6.08 -25.09 5.62
CA LEU C 404 -7.42 -24.82 5.09
C LEU C 404 -7.75 -25.54 3.77
N THR C 405 -6.75 -25.69 2.92
CA THR C 405 -6.97 -26.32 1.61
C THR C 405 -6.41 -27.73 1.51
N LYS C 406 -5.94 -28.28 2.62
CA LYS C 406 -5.32 -29.59 2.60
C LYS C 406 -4.25 -29.72 1.51
N ASP C 407 -3.23 -28.87 1.57
CA ASP C 407 -2.15 -28.88 0.59
C ASP C 407 -0.80 -29.14 1.29
N THR C 408 -0.45 -30.42 1.42
CA THR C 408 0.77 -30.84 2.08
C THR C 408 1.99 -30.26 1.33
N GLY C 409 1.90 -30.20 0.01
CA GLY C 409 2.93 -29.56 -0.81
C GLY C 409 3.31 -28.18 -0.29
N LEU C 410 2.30 -27.37 0.01
CA LEU C 410 2.58 -26.03 0.55
C LEU C 410 3.15 -26.10 1.96
N ALA C 411 2.63 -27.00 2.78
CA ALA C 411 3.13 -27.20 4.13
C ALA C 411 4.62 -27.53 4.13
N PHE C 412 5.03 -28.39 3.21
CA PHE C 412 6.43 -28.78 3.11
C PHE C 412 7.35 -27.62 2.73
N GLN C 413 6.88 -26.73 1.84
CA GLN C 413 7.62 -25.52 1.48
C GLN C 413 7.89 -24.67 2.71
N ALA C 414 6.89 -24.52 3.56
CA ALA C 414 7.07 -23.78 4.80
C ALA C 414 8.07 -24.50 5.73
N PHE C 415 7.94 -25.83 5.83
CA PHE C 415 8.83 -26.65 6.65
C PHE C 415 10.27 -26.43 6.22
N LEU C 416 10.45 -26.45 4.90
CA LEU C 416 11.75 -26.25 4.30
C LEU C 416 12.32 -24.87 4.57
N ASN C 417 11.45 -23.87 4.74
CA ASN C 417 11.87 -22.49 4.88
C ASN C 417 12.13 -22.11 6.35
N ASP C 418 11.98 -23.08 7.24
CA ASP C 418 12.12 -22.82 8.68
C ASP C 418 13.59 -22.84 9.11
N PRO C 419 13.99 -21.79 9.84
CA PRO C 419 15.40 -21.63 10.19
C PRO C 419 15.96 -22.85 10.94
N LEU C 420 15.12 -23.61 11.64
CA LEU C 420 15.65 -24.77 12.37
C LEU C 420 15.83 -26.00 11.51
N VAL C 421 15.31 -25.96 10.27
CA VAL C 421 15.36 -27.14 9.43
C VAL C 421 16.54 -27.08 8.48
N GLN C 422 17.74 -27.31 9.04
CA GLN C 422 18.98 -27.22 8.25
C GLN C 422 19.49 -28.60 7.90
N ILE C 423 18.71 -29.36 7.16
CA ILE C 423 19.15 -30.66 6.74
C ILE C 423 18.96 -30.79 5.24
N ASP C 424 19.46 -31.88 4.68
CA ASP C 424 19.28 -32.18 3.28
C ASP C 424 17.80 -32.31 2.98
N ARG C 425 17.41 -31.92 1.76
CA ARG C 425 16.00 -31.89 1.40
C ARG C 425 15.32 -33.26 1.59
N SER C 426 15.99 -34.31 1.13
CA SER C 426 15.42 -35.66 1.22
C SER C 426 15.30 -36.16 2.66
N ASP C 427 16.25 -35.80 3.51
CA ASP C 427 16.10 -36.04 4.94
C ASP C 427 14.90 -35.27 5.49
N ALA C 428 14.72 -34.03 5.04
CA ALA C 428 13.60 -33.22 5.53
C ALA C 428 12.28 -33.77 5.04
N GLU C 429 12.27 -34.31 3.82
CA GLU C 429 11.02 -34.86 3.28
C GLU C 429 10.57 -36.06 4.11
N GLN C 430 11.50 -36.97 4.34
CA GLN C 430 11.23 -38.15 5.15
C GLN C 430 10.77 -37.73 6.54
N LEU C 431 11.46 -36.75 7.10
CA LEU C 431 11.12 -36.28 8.44
C LEU C 431 9.69 -35.74 8.44
N PHE C 432 9.39 -34.86 7.48
CA PHE C 432 8.08 -34.24 7.36
C PHE C 432 6.97 -35.28 7.25
N ASN C 433 7.12 -36.22 6.33
CA ASN C 433 6.12 -37.29 6.15
C ASN C 433 5.94 -38.14 7.40
N ASP C 434 7.03 -38.45 8.10
CA ASP C 434 6.96 -39.19 9.36
C ASP C 434 6.19 -38.44 10.44
N LEU C 436 3.89 -35.91 9.75
CA LEU C 436 2.52 -35.94 9.22
C LEU C 436 2.00 -37.36 9.29
N LEU D 3 9.67 17.07 38.13
CA LEU D 3 10.85 17.09 37.21
C LEU D 3 11.26 18.53 36.88
N ASP D 4 12.52 18.84 37.09
CA ASP D 4 12.96 20.23 37.03
C ASP D 4 13.87 20.49 35.85
N GLN D 5 14.26 21.75 35.68
CA GLN D 5 15.05 22.22 34.54
C GLN D 5 14.52 21.85 33.14
N ILE D 6 13.22 21.68 33.00
CA ILE D 6 12.61 21.53 31.69
C ILE D 6 12.69 22.87 30.94
N LYS D 7 12.97 22.83 29.65
CA LYS D 7 12.86 24.03 28.85
C LYS D 7 11.80 23.94 27.75
N ILE D 8 10.90 24.92 27.75
CA ILE D 8 9.88 25.04 26.77
C ILE D 8 10.12 26.30 25.97
N ALA D 9 10.22 26.15 24.65
CA ALA D 9 10.24 27.28 23.74
C ALA D 9 8.81 27.60 23.30
N TYR D 10 8.40 28.86 23.46
CA TYR D 10 7.11 29.26 22.95
C TYR D 10 7.23 30.23 21.77
N ILE D 11 6.89 29.75 20.57
CA ILE D 11 6.84 30.60 19.40
C ILE D 11 5.45 31.19 19.22
N GLY D 12 5.39 32.51 19.30
CA GLY D 12 4.13 33.25 19.37
C GLY D 12 3.87 33.54 20.84
N GLY D 13 4.97 33.68 21.58
CA GLY D 13 4.92 33.91 23.03
C GLY D 13 4.44 35.29 23.44
N GLY D 14 4.03 36.10 22.47
CA GLY D 14 3.37 37.36 22.78
C GLY D 14 1.89 37.11 22.94
N SER D 15 1.47 35.88 22.65
CA SER D 15 0.05 35.53 22.63
C SER D 15 -0.73 36.01 23.84
N GLN D 16 -2.00 36.30 23.62
CA GLN D 16 -2.92 36.61 24.70
C GLN D 16 -4.05 35.58 24.70
N GLY D 17 -3.72 34.36 24.29
CA GLY D 17 -4.70 33.27 24.17
C GLY D 17 -4.12 31.93 24.63
N TRP D 18 -3.51 31.20 23.70
CA TRP D 18 -2.77 29.97 24.06
C TRP D 18 -1.64 30.23 25.06
N ALA D 19 -0.98 31.38 24.96
CA ALA D 19 0.04 31.77 25.96
C ALA D 19 -0.52 31.79 27.39
N ARG D 20 -1.58 32.53 27.61
CA ARG D 20 -2.18 32.67 28.94
C ARG D 20 -2.73 31.35 29.49
N SER D 21 -3.38 30.59 28.64
CA SER D 21 -3.92 29.30 29.04
C SER D 21 -2.78 28.38 29.45
N LEU D 22 -1.64 28.49 28.76
CA LEU D 22 -0.48 27.71 29.16
C LEU D 22 0.10 28.13 30.51
N SER D 24 -1.45 29.50 33.02
CA SER D 24 -2.34 29.01 34.07
C SER D 24 -2.05 27.55 34.36
N ASP D 25 -2.06 26.73 33.31
CA ASP D 25 -1.89 25.29 33.48
C ASP D 25 -0.52 24.96 34.01
N LEU D 26 0.50 25.70 33.60
CA LEU D 26 1.82 25.42 34.12
C LEU D 26 1.87 25.68 35.63
N SER D 27 1.21 26.75 36.06
CA SER D 27 1.39 27.17 37.44
C SER D 27 0.72 26.20 38.40
N ILE D 28 -0.20 25.37 37.93
CA ILE D 28 -0.86 24.43 38.85
C ILE D 28 -0.34 22.99 38.80
N ASP D 29 0.49 22.67 37.81
CA ASP D 29 1.04 21.31 37.71
C ASP D 29 2.30 21.20 38.55
N GLU D 30 2.21 20.54 39.70
CA GLU D 30 3.35 20.41 40.58
C GLU D 30 4.29 19.29 40.12
N ARG D 31 3.94 18.66 39.01
CA ARG D 31 4.76 17.55 38.47
C ARG D 31 6.05 18.04 37.83
N SER D 33 8.89 21.60 36.66
CA SER D 33 9.46 22.90 36.89
C SER D 33 10.49 23.15 35.78
N GLY D 34 10.68 24.42 35.45
CA GLY D 34 11.70 24.82 34.47
C GLY D 34 11.54 26.26 33.98
N THR D 35 11.92 26.48 32.73
CA THR D 35 11.83 27.80 32.12
C THR D 35 11.09 27.79 30.79
N VAL D 36 10.48 28.93 30.47
CA VAL D 36 9.80 29.14 29.23
C VAL D 36 10.45 30.32 28.50
N ALA D 37 11.03 30.04 27.33
CA ALA D 37 11.52 31.11 26.46
C ALA D 37 10.38 31.64 25.56
N LEU D 38 10.01 32.90 25.77
CA LEU D 38 8.93 33.50 24.98
C LEU D 38 9.47 34.23 23.76
N TYR D 39 9.14 33.72 22.58
CA TYR D 39 9.49 34.40 21.32
C TYR D 39 8.23 34.88 20.59
N ASP D 40 8.34 36.07 20.00
CA ASP D 40 7.25 36.62 19.22
C ASP D 40 7.83 37.70 18.31
N LEU D 41 7.36 37.80 17.07
CA LEU D 41 7.87 38.83 16.20
C LEU D 41 7.79 40.19 16.89
N ASP D 42 6.76 40.37 17.72
CA ASP D 42 6.60 41.56 18.55
C ASP D 42 7.24 41.33 19.92
N PHE D 43 8.50 41.74 20.07
CA PHE D 43 9.23 41.53 21.31
C PHE D 43 8.57 42.16 22.53
N GLU D 44 7.97 43.33 22.35
CA GLU D 44 7.27 43.97 23.48
C GLU D 44 6.11 43.11 23.99
N ALA D 45 5.38 42.45 23.09
CA ALA D 45 4.29 41.58 23.55
C ALA D 45 4.84 40.38 24.34
N ALA D 46 5.94 39.79 23.87
CA ALA D 46 6.60 38.71 24.61
C ALA D 46 7.07 39.18 26.00
N GLN D 47 7.54 40.41 26.07
CA GLN D 47 8.09 40.95 27.32
C GLN D 47 7.01 41.07 28.38
N LYS D 48 5.83 41.49 27.96
CA LYS D 48 4.70 41.58 28.84
C LYS D 48 4.29 40.23 29.41
N ASN D 49 4.31 39.19 28.56
CA ASN D 49 3.99 37.86 29.04
C ASN D 49 5.06 37.35 30.00
N GLU D 50 6.29 37.81 29.79
CA GLU D 50 7.39 37.56 30.72
C GLU D 50 7.10 38.15 32.11
N VAL D 51 6.75 39.43 32.15
CA VAL D 51 6.46 40.11 33.42
C VAL D 51 5.26 39.45 34.12
N ILE D 52 4.18 39.27 33.37
CA ILE D 52 2.99 38.62 33.88
C ILE D 52 3.29 37.18 34.29
N GLY D 53 4.14 36.52 33.52
CA GLY D 53 4.47 35.14 33.80
C GLY D 53 5.30 34.99 35.06
N ASN D 54 6.18 35.95 35.29
CA ASN D 54 7.04 35.88 36.46
C ASN D 54 6.38 36.45 37.73
N HIS D 55 5.06 36.63 37.68
CA HIS D 55 4.24 36.89 38.87
C HIS D 55 3.33 35.68 39.10
N SER D 56 3.43 34.67 38.23
CA SER D 56 2.52 33.52 38.24
C SER D 56 3.16 32.30 38.92
N GLY D 57 2.32 31.45 39.52
CA GLY D 57 2.81 30.22 40.17
C GLY D 57 3.73 30.41 41.37
N ASN D 58 4.47 29.37 41.71
CA ASN D 58 5.35 29.42 42.87
C ASN D 58 6.71 29.95 42.50
N GLY D 59 6.87 30.41 41.26
CA GLY D 59 8.18 30.53 40.68
C GLY D 59 8.51 29.11 40.23
N ARG D 60 7.46 28.33 39.96
CA ARG D 60 7.66 27.00 39.44
C ARG D 60 8.30 27.11 38.05
N TRP D 61 7.80 28.06 37.27
CA TRP D 61 8.30 28.28 35.93
C TRP D 61 8.85 29.69 35.76
N ARG D 62 10.10 29.80 35.31
CA ARG D 62 10.66 31.11 35.03
C ARG D 62 10.49 31.44 33.53
N TYR D 63 10.03 32.66 33.25
CA TYR D 63 9.75 33.11 31.89
C TYR D 63 10.80 34.10 31.42
N GLU D 64 11.14 34.02 30.14
CA GLU D 64 12.13 34.92 29.56
C GLU D 64 11.81 35.24 28.12
N ALA D 65 11.65 36.54 27.82
CA ALA D 65 11.38 36.96 26.46
C ALA D 65 12.69 36.99 25.72
N VAL D 66 12.79 36.25 24.63
CA VAL D 66 14.03 36.20 23.86
C VAL D 66 13.73 36.70 22.46
N SER D 67 14.70 37.33 21.82
CA SER D 67 14.45 38.03 20.59
C SER D 67 14.73 37.24 19.30
N THR D 68 15.42 36.10 19.39
CA THR D 68 15.61 35.28 18.20
C THR D 68 15.11 33.83 18.38
N LEU D 69 14.80 33.17 17.27
CA LEU D 69 14.40 31.76 17.26
C LEU D 69 15.49 30.87 17.82
N LYS D 70 16.71 31.10 17.36
CA LYS D 70 17.88 30.40 17.87
C LYS D 70 17.90 30.38 19.39
N LYS D 71 17.77 31.55 20.00
CA LYS D 71 17.89 31.62 21.44
C LYS D 71 16.71 30.93 22.14
N ALA D 72 15.54 31.03 21.54
CA ALA D 72 14.36 30.39 22.07
C ALA D 72 14.48 28.88 22.01
N LEU D 73 14.96 28.37 20.88
CA LEU D 73 14.93 26.93 20.59
C LEU D 73 16.05 26.12 21.21
N SER D 74 17.22 26.71 21.35
CA SER D 74 18.37 25.93 21.76
C SER D 74 18.17 25.33 23.14
N ALA D 75 18.49 24.05 23.25
CA ALA D 75 18.26 23.26 24.45
C ALA D 75 16.79 23.08 24.85
N ALA D 76 15.85 23.41 23.96
CA ALA D 76 14.42 23.22 24.31
C ALA D 76 13.98 21.75 24.33
N ASP D 77 13.19 21.36 25.33
CA ASP D 77 12.61 20.01 25.35
C ASP D 77 11.30 19.98 24.58
N ILE D 78 10.58 21.10 24.61
CA ILE D 78 9.24 21.19 24.06
C ILE D 78 9.20 22.50 23.29
N VAL D 79 8.65 22.46 22.08
CA VAL D 79 8.42 23.68 21.32
C VAL D 79 6.94 23.85 21.08
N ILE D 80 6.39 24.98 21.53
CA ILE D 80 4.99 25.29 21.26
C ILE D 80 4.88 26.41 20.24
N ILE D 81 3.98 26.24 19.29
CA ILE D 81 3.80 27.20 18.21
C ILE D 81 2.35 27.66 18.18
N SER D 82 2.17 28.96 18.37
CA SER D 82 0.83 29.50 18.46
C SER D 82 0.82 30.87 17.84
N ILE D 83 0.84 30.96 16.52
CA ILE D 83 0.97 32.25 15.89
C ILE D 83 -0.25 32.60 15.06
N LEU D 84 -0.36 33.88 14.73
CA LEU D 84 -1.30 34.34 13.72
C LEU D 84 -0.50 34.55 12.45
N PRO D 85 -0.81 33.78 11.40
CA PRO D 85 -0.17 33.90 10.08
C PRO D 85 -0.60 35.17 9.37
N GLY D 86 0.17 36.23 9.50
CA GLY D 86 -0.23 37.52 8.97
C GLY D 86 -0.96 38.31 10.05
N SER D 87 -1.78 39.25 9.63
CA SER D 87 -2.41 40.17 10.58
C SER D 87 -3.92 40.14 10.47
N LEU D 88 -4.56 40.97 11.28
CA LEU D 88 -6.01 41.00 11.30
C LEU D 88 -6.56 41.62 10.03
N ASP D 89 -5.80 42.53 9.43
CA ASP D 89 -6.20 43.08 8.13
C ASP D 89 -6.18 42.00 7.03
N ASP D 90 -5.12 41.19 6.99
CA ASP D 90 -5.05 40.08 6.04
C ASP D 90 -6.29 39.21 6.22
N GLU D 92 -9.16 40.04 7.40
CA GLU D 92 -10.37 40.71 6.96
C GLU D 92 -10.65 40.34 5.51
N VAL D 93 -9.60 40.34 4.70
CA VAL D 93 -9.66 39.87 3.32
C VAL D 93 -10.04 38.38 3.24
N ASP D 94 -9.32 37.53 3.96
CA ASP D 94 -9.64 36.08 4.00
C ASP D 94 -11.13 35.85 4.19
N VAL D 95 -11.67 36.43 5.25
CA VAL D 95 -13.01 36.11 5.73
C VAL D 95 -14.15 36.82 5.02
N HIS D 96 -13.91 38.05 4.58
CA HIS D 96 -15.01 38.92 4.11
C HIS D 96 -14.99 39.21 2.60
N LEU D 97 -13.81 39.36 1.99
CA LEU D 97 -13.78 39.62 0.56
C LEU D 97 -14.68 38.69 -0.30
N PRO D 98 -14.62 37.37 -0.08
CA PRO D 98 -15.43 36.47 -0.93
C PRO D 98 -16.94 36.73 -0.91
N GLU D 99 -17.40 37.50 0.08
CA GLU D 99 -18.81 37.88 0.19
C GLU D 99 -19.29 38.62 -1.07
N ARG D 100 -18.40 39.40 -1.68
CA ARG D 100 -18.74 40.10 -2.91
C ARG D 100 -19.16 39.13 -4.02
N CYS D 101 -18.80 37.86 -3.87
CA CYS D 101 -19.20 36.81 -4.81
C CYS D 101 -20.25 35.92 -4.26
N GLY D 102 -20.84 36.28 -3.12
CA GLY D 102 -21.90 35.46 -2.55
C GLY D 102 -21.42 34.31 -1.68
N ILE D 103 -20.12 34.30 -1.35
CA ILE D 103 -19.56 33.28 -0.46
C ILE D 103 -19.38 33.77 0.99
N TYR D 104 -20.04 33.09 1.91
CA TYR D 104 -19.90 33.43 3.32
C TYR D 104 -19.06 32.38 4.04
N GLN D 105 -18.36 32.82 5.07
CA GLN D 105 -17.53 31.96 5.87
C GLN D 105 -17.77 32.31 7.33
N SER D 106 -17.88 31.30 8.19
CA SER D 106 -18.04 31.57 9.62
C SER D 106 -16.73 31.83 10.35
N VAL D 107 -15.67 31.14 9.94
CA VAL D 107 -14.36 31.37 10.56
C VAL D 107 -13.25 31.79 9.59
N GLY D 108 -13.05 31.00 8.53
CA GLY D 108 -12.10 31.36 7.48
C GLY D 108 -10.63 31.11 7.81
N ASP D 109 -10.39 30.19 8.74
CA ASP D 109 -9.03 29.98 9.17
C ASP D 109 -8.58 28.59 8.81
N THR D 110 -9.50 27.80 8.25
CA THR D 110 -9.26 26.37 8.02
C THR D 110 -9.39 25.98 6.53
N VAL D 111 -10.60 25.98 6.00
CA VAL D 111 -10.83 25.67 4.59
C VAL D 111 -11.52 26.82 3.88
N GLY D 112 -12.13 26.54 2.74
CA GLY D 112 -12.69 27.61 1.93
C GLY D 112 -11.61 28.56 1.46
N PRO D 113 -12.02 29.67 0.83
CA PRO D 113 -11.07 30.63 0.28
C PRO D 113 -10.16 31.22 1.34
N GLY D 114 -10.72 31.63 2.46
CA GLY D 114 -9.90 32.20 3.52
C GLY D 114 -8.88 31.22 4.03
N GLY D 115 -9.32 29.99 4.27
CA GLY D 115 -8.41 28.96 4.74
C GLY D 115 -7.29 28.70 3.73
N ILE D 116 -7.64 28.63 2.45
CA ILE D 116 -6.64 28.42 1.38
C ILE D 116 -5.63 29.56 1.36
N ILE D 117 -6.14 30.78 1.48
CA ILE D 117 -5.24 31.92 1.44
C ILE D 117 -4.38 32.03 2.68
N ARG D 118 -5.00 31.76 3.83
CA ARG D 118 -4.27 31.86 5.08
C ARG D 118 -3.19 30.80 5.04
N GLY D 119 -3.55 29.60 4.58
CA GLY D 119 -2.56 28.53 4.36
C GLY D 119 -1.35 28.97 3.54
N LEU D 120 -1.58 29.63 2.41
CA LEU D 120 -0.45 30.08 1.57
C LEU D 120 0.47 30.98 2.37
N ARG D 121 -0.14 31.85 3.17
CA ARG D 121 0.58 32.78 4.02
C ARG D 121 1.39 32.03 5.09
N ALA D 122 0.78 31.06 5.75
CA ALA D 122 1.46 30.29 6.81
C ALA D 122 2.60 29.40 6.30
N VAL D 123 2.50 28.91 5.07
CA VAL D 123 3.48 27.95 4.59
C VAL D 123 4.94 28.38 4.77
N PRO D 124 5.33 29.54 4.22
CA PRO D 124 6.72 29.97 4.40
C PRO D 124 7.13 30.25 5.87
N ILE D 125 6.17 30.61 6.71
CA ILE D 125 6.49 30.86 8.11
C ILE D 125 6.85 29.54 8.78
N PHE D 126 6.08 28.51 8.48
CA PHE D 126 6.34 27.22 9.08
C PHE D 126 7.56 26.51 8.51
N ALA D 127 7.83 26.73 7.22
CA ALA D 127 9.05 26.26 6.61
C ALA D 127 10.22 26.84 7.40
N GLU D 128 10.17 28.14 7.68
CA GLU D 128 11.26 28.76 8.44
C GLU D 128 11.38 28.23 9.88
N ILE D 129 10.26 27.95 10.51
CA ILE D 129 10.26 27.42 11.87
C ILE D 129 10.80 26.00 11.90
N ALA D 130 10.42 25.22 10.91
CA ALA D 130 10.87 23.84 10.80
C ALA D 130 12.38 23.73 10.58
N ARG D 131 12.93 24.61 9.75
CA ARG D 131 14.37 24.69 9.58
C ARG D 131 15.07 25.05 10.89
N ALA D 132 14.53 26.02 11.61
CA ALA D 132 15.13 26.42 12.88
C ALA D 132 15.11 25.26 13.89
N ILE D 133 13.98 24.56 13.96
CA ILE D 133 13.86 23.44 14.88
C ILE D 133 14.83 22.33 14.48
N ARG D 134 15.00 22.14 13.18
CA ARG D 134 15.96 21.15 12.68
C ARG D 134 17.34 21.58 13.13
N ASP D 135 17.65 22.87 12.96
CA ASP D 135 18.99 23.35 13.26
C ASP D 135 19.31 23.42 14.75
N TYR D 136 18.34 23.75 15.60
CA TYR D 136 18.66 24.06 16.99
C TYR D 136 18.05 23.19 18.07
N ALA D 137 17.05 22.38 17.69
CA ALA D 137 16.34 21.53 18.67
C ALA D 137 15.70 20.33 17.98
N PRO D 138 16.48 19.62 17.15
CA PRO D 138 15.94 18.50 16.41
C PRO D 138 15.24 17.44 17.28
N GLU D 139 15.61 17.31 18.55
CA GLU D 139 15.02 16.25 19.37
C GLU D 139 13.80 16.67 20.18
N SER D 140 13.47 17.95 20.13
CA SER D 140 12.31 18.46 20.88
C SER D 140 11.00 17.89 20.37
N TRP D 141 10.00 17.78 21.24
CA TRP D 141 8.64 17.56 20.78
C TRP D 141 8.01 18.93 20.51
N VAL D 142 7.31 19.02 19.39
CA VAL D 142 6.74 20.27 18.87
C VAL D 142 5.23 20.13 18.92
N ILE D 143 4.58 21.10 19.58
CA ILE D 143 3.15 21.10 19.62
C ILE D 143 2.61 22.31 18.87
N ASN D 144 1.91 22.07 17.77
CA ASN D 144 1.35 23.18 17.00
C ASN D 144 -0.12 23.52 17.32
N TYR D 145 -0.41 24.78 17.60
CA TYR D 145 -1.80 25.22 17.79
C TYR D 145 -2.33 26.07 16.64
N THR D 146 -1.44 26.51 15.78
CA THR D 146 -1.80 27.42 14.70
C THR D 146 -2.70 26.79 13.63
N ASN D 147 -3.68 27.58 13.14
CA ASN D 147 -4.45 27.20 11.97
C ASN D 147 -3.98 28.02 10.77
N PRO D 148 -4.04 27.44 9.54
CA PRO D 148 -4.73 26.18 9.23
C PRO D 148 -3.89 24.97 9.62
N SER D 150 -3.97 21.46 9.60
CA SER D 150 -3.52 20.44 8.67
C SER D 150 -2.35 20.93 7.83
N VAL D 151 -2.51 22.07 7.17
CA VAL D 151 -1.44 22.60 6.31
C VAL D 151 -0.19 22.95 7.11
N CYS D 152 -0.39 23.62 8.25
CA CYS D 152 0.75 24.06 9.08
C CYS D 152 1.59 22.90 9.58
N THR D 153 0.93 21.89 10.13
CA THR D 153 1.63 20.72 10.63
C THR D 153 2.33 19.97 9.50
N ARG D 154 1.63 19.78 8.38
CA ARG D 154 2.22 19.10 7.23
C ARG D 154 3.52 19.74 6.75
N VAL D 155 3.52 21.07 6.66
CA VAL D 155 4.71 21.80 6.23
C VAL D 155 5.90 21.46 7.14
N LEU D 156 5.64 21.33 8.44
CA LEU D 156 6.70 20.97 9.38
C LEU D 156 7.38 19.65 8.94
N TYR D 157 6.58 18.66 8.59
CA TYR D 157 7.09 17.37 8.16
C TYR D 157 7.69 17.38 6.74
N LYS D 158 7.11 18.15 5.81
CA LYS D 158 7.70 18.27 4.45
C LYS D 158 9.07 18.88 4.52
N VAL D 159 9.23 19.92 5.35
CA VAL D 159 10.49 20.63 5.44
C VAL D 159 11.51 19.92 6.34
N PHE D 160 11.04 19.27 7.42
CA PHE D 160 11.92 18.52 8.34
C PHE D 160 11.29 17.16 8.64
N PRO D 161 11.56 16.19 7.76
CA PRO D 161 10.87 14.91 7.79
C PRO D 161 10.98 14.17 9.12
N GLY D 162 12.11 14.29 9.81
CA GLY D 162 12.27 13.58 11.11
C GLY D 162 11.72 14.38 12.29
N ILE D 163 11.09 15.52 12.02
CA ILE D 163 10.57 16.31 13.12
C ILE D 163 9.59 15.49 13.98
N LYS D 164 9.55 15.81 15.26
CA LYS D 164 8.62 15.18 16.17
C LYS D 164 7.53 16.19 16.59
N ALA D 165 6.43 16.19 15.86
CA ALA D 165 5.44 17.27 15.93
C ALA D 165 4.04 16.72 15.92
N ILE D 166 3.18 17.31 16.74
CA ILE D 166 1.76 17.07 16.70
C ILE D 166 1.00 18.39 16.62
N GLY D 167 -0.22 18.35 16.13
CA GLY D 167 -1.11 19.50 16.16
C GLY D 167 -2.15 19.20 17.23
N CYS D 168 -2.48 20.22 18.03
CA CYS D 168 -3.49 20.08 19.11
C CYS D 168 -4.58 21.10 18.93
N CYS D 169 -5.79 20.62 19.16
CA CYS D 169 -6.99 21.42 19.02
C CYS D 169 -7.95 20.99 20.12
N HIS D 170 -8.80 21.89 20.58
CA HIS D 170 -9.73 21.59 21.67
C HIS D 170 -11.17 21.27 21.23
N GLU D 171 -11.46 21.29 19.93
CA GLU D 171 -12.85 21.11 19.45
C GLU D 171 -13.49 19.81 19.89
N VAL D 172 -12.76 18.71 19.85
CA VAL D 172 -13.38 17.48 20.22
C VAL D 172 -13.85 17.53 21.68
N PHE D 173 -13.14 18.27 22.54
CA PHE D 173 -13.53 18.37 23.95
C PHE D 173 -14.95 18.90 24.11
N GLY D 174 -15.31 19.88 23.29
CA GLY D 174 -16.68 20.42 23.26
C GLY D 174 -17.75 19.37 22.99
N THR D 175 -17.44 18.41 22.13
CA THR D 175 -18.43 17.38 21.83
C THR D 175 -18.53 16.36 22.96
N GLN D 176 -17.42 16.10 23.64
CA GLN D 176 -17.45 15.23 24.82
C GLN D 176 -18.32 15.86 25.92
N LYS D 177 -18.26 17.19 26.06
CA LYS D 177 -19.13 17.88 27.04
C LYS D 177 -20.58 17.69 26.62
N LEU D 178 -20.84 17.85 25.33
CA LEU D 178 -22.20 17.70 24.86
C LEU D 178 -22.65 16.33 25.29
N LEU D 179 -21.84 15.33 25.00
CA LEU D 179 -22.21 13.96 25.28
C LEU D 179 -22.36 13.68 26.79
N ALA D 180 -21.52 14.33 27.60
CA ALA D 180 -21.61 14.17 29.04
C ALA D 180 -22.97 14.70 29.50
N GLU D 181 -23.33 15.90 29.03
CA GLU D 181 -24.60 16.50 29.41
C GLU D 181 -25.79 15.70 28.91
N VAL D 183 -25.82 12.36 28.59
CA VAL D 183 -25.96 11.21 29.47
C VAL D 183 -26.79 11.58 30.71
N THR D 184 -26.47 12.73 31.28
CA THR D 184 -27.22 13.23 32.43
C THR D 184 -28.67 13.48 32.10
N GLU D 185 -28.91 14.15 30.98
CA GLU D 185 -30.27 14.48 30.61
C GLU D 185 -31.09 13.24 30.25
N ARG D 186 -30.47 12.32 29.52
CA ARG D 186 -31.20 11.17 28.99
C ARG D 186 -31.21 9.99 29.96
N LEU D 187 -30.24 9.98 30.88
CA LEU D 187 -30.12 8.87 31.80
C LEU D 187 -30.21 9.33 33.25
N GLY D 188 -30.15 10.65 33.45
CA GLY D 188 -30.20 11.20 34.80
C GLY D 188 -28.93 10.93 35.59
N ILE D 189 -28.05 10.08 35.06
CA ILE D 189 -26.82 9.74 35.77
C ILE D 189 -25.68 10.70 35.47
N GLU D 190 -24.88 10.99 36.48
CA GLU D 190 -23.86 12.04 36.37
C GLU D 190 -22.56 11.58 35.73
N VAL D 191 -21.79 12.54 35.23
CA VAL D 191 -20.51 12.24 34.60
C VAL D 191 -19.47 13.17 35.19
N PRO D 192 -18.48 12.61 35.91
CA PRO D 192 -17.48 13.38 36.65
C PRO D 192 -16.60 14.26 35.77
N ARG D 193 -16.26 13.76 34.58
CA ARG D 193 -15.25 14.38 33.76
C ARG D 193 -15.55 14.15 32.28
N ARG D 194 -15.39 15.19 31.46
CA ARG D 194 -15.64 15.02 30.02
C ARG D 194 -14.77 13.90 29.44
N GLU D 195 -13.63 13.64 30.08
CA GLU D 195 -12.71 12.58 29.66
C GLU D 195 -13.27 11.16 29.84
N ASP D 196 -14.23 10.99 30.73
CA ASP D 196 -14.88 9.69 30.90
C ASP D 196 -15.74 9.35 29.69
N ILE D 197 -16.00 10.34 28.85
CA ILE D 197 -16.70 10.08 27.59
C ILE D 197 -15.64 9.58 26.63
N ARG D 198 -15.63 8.28 26.40
CA ARG D 198 -14.52 7.66 25.67
C ARG D 198 -14.92 7.45 24.23
N VAL D 199 -14.31 8.25 23.37
CA VAL D 199 -14.76 8.34 21.98
C VAL D 199 -13.70 7.82 21.02
N ASN D 200 -14.14 7.07 20.01
CA ASN D 200 -13.26 6.78 18.90
C ASN D 200 -13.44 7.91 17.87
N VAL D 201 -12.48 8.82 17.83
CA VAL D 201 -12.62 10.03 17.04
C VAL D 201 -11.62 10.06 15.89
N LEU D 202 -12.04 10.54 14.71
CA LEU D 202 -11.14 10.52 13.54
C LEU D 202 -11.60 11.48 12.46
N GLY D 203 -10.67 11.86 11.60
CA GLY D 203 -10.97 12.79 10.51
C GLY D 203 -9.78 13.72 10.37
N ILE D 204 -10.07 14.95 9.98
CA ILE D 204 -9.05 15.97 9.89
C ILE D 204 -9.50 17.11 10.80
N ASN D 205 -8.61 18.01 11.14
CA ASN D 205 -8.92 19.07 12.10
C ASN D 205 -10.16 19.90 11.70
N HIS D 206 -11.03 20.15 12.68
CA HIS D 206 -12.31 20.87 12.54
C HIS D 206 -13.38 20.10 11.77
N PHE D 207 -13.06 18.87 11.39
CA PHE D 207 -13.97 18.01 10.65
C PHE D 207 -13.65 16.59 11.11
N THR D 208 -13.77 16.39 12.42
CA THR D 208 -13.57 15.11 13.09
C THR D 208 -14.90 14.48 13.40
N TRP D 209 -14.92 13.15 13.43
CA TRP D 209 -16.15 12.41 13.61
C TRP D 209 -15.93 11.33 14.66
N ILE D 210 -16.98 11.03 15.41
CA ILE D 210 -16.93 10.01 16.44
C ILE D 210 -17.79 8.85 15.99
N THR D 211 -17.19 7.69 15.80
CA THR D 211 -17.90 6.57 15.22
C THR D 211 -18.25 5.52 16.29
N LYS D 212 -17.54 5.57 17.41
CA LYS D 212 -17.93 4.81 18.60
C LYS D 212 -17.68 5.66 19.82
N ALA D 213 -18.53 5.55 20.82
CA ALA D 213 -18.40 6.37 22.01
C ALA D 213 -19.12 5.70 23.18
N SER D 214 -18.58 5.86 24.38
CA SER D 214 -19.21 5.22 25.53
C SER D 214 -18.96 5.97 26.81
N TYR D 215 -19.80 5.68 27.80
CA TYR D 215 -19.55 6.07 29.17
C TYR D 215 -19.56 4.76 29.95
N ARG D 216 -18.40 4.35 30.47
CA ARG D 216 -18.28 3.04 31.09
C ARG D 216 -18.90 1.98 30.22
N HIS D 217 -19.85 1.24 30.78
CA HIS D 217 -20.43 0.12 30.05
C HIS D 217 -21.55 0.52 29.08
N ILE D 218 -21.85 1.82 28.99
CA ILE D 218 -22.97 2.27 28.17
C ILE D 218 -22.54 2.77 26.76
N ASP D 219 -23.20 2.26 25.72
CA ASP D 219 -22.96 2.70 24.35
C ASP D 219 -23.66 4.02 24.08
N LEU D 220 -22.94 5.06 23.66
CA LEU D 220 -23.54 6.36 23.53
C LEU D 220 -24.19 6.65 22.19
N LEU D 221 -23.90 5.85 21.17
CA LEU D 221 -24.41 6.19 19.84
C LEU D 221 -25.92 6.04 19.67
N PRO D 222 -26.48 4.91 20.13
CA PRO D 222 -27.93 4.73 20.13
C PRO D 222 -28.61 5.83 20.94
N ILE D 223 -27.97 6.26 22.01
CA ILE D 223 -28.49 7.38 22.78
C ILE D 223 -28.40 8.72 22.05
N PHE D 224 -27.32 8.92 21.29
CA PHE D 224 -27.22 10.14 20.52
C PHE D 224 -28.26 10.12 19.40
N ARG D 225 -28.60 8.93 18.93
CA ARG D 225 -29.62 8.82 17.88
C ARG D 225 -30.95 9.38 18.38
N GLU D 226 -31.37 8.97 19.58
CA GLU D 226 -32.61 9.48 20.16
C GLU D 226 -32.50 10.98 20.50
N PHE D 227 -31.38 11.35 21.10
CA PHE D 227 -31.07 12.74 21.45
C PHE D 227 -31.20 13.65 20.22
N SER D 228 -30.54 13.24 19.15
CA SER D 228 -30.49 14.02 17.93
C SER D 228 -31.87 14.12 17.28
N ALA D 229 -32.62 13.02 17.34
CA ALA D 229 -33.96 12.96 16.74
C ALA D 229 -34.98 13.80 17.47
N HIS D 230 -34.78 13.98 18.77
CA HIS D 230 -35.67 14.78 19.59
C HIS D 230 -35.38 16.28 19.46
N TYR D 231 -34.10 16.63 19.42
CA TYR D 231 -33.71 18.05 19.46
C TYR D 231 -33.22 18.59 18.13
N GLY D 232 -33.43 17.82 17.06
CA GLY D 232 -32.97 18.22 15.73
C GLY D 232 -33.53 19.55 15.28
N GLU D 233 -34.84 19.74 15.46
CA GLU D 233 -35.49 21.00 15.05
C GLU D 233 -35.24 22.11 16.04
N SER D 234 -35.49 21.84 17.32
CA SER D 234 -35.27 22.88 18.35
C SER D 234 -33.78 23.18 18.54
N GLY D 235 -32.94 22.20 18.28
CA GLY D 235 -31.55 22.29 18.66
C GLY D 235 -31.50 22.07 20.16
N TYR D 236 -30.29 21.91 20.68
CA TYR D 236 -30.12 21.65 22.10
C TYR D 236 -29.03 22.54 22.68
N GLU D 237 -29.36 23.23 23.77
CA GLU D 237 -28.44 24.16 24.40
C GLU D 237 -27.83 23.55 25.67
N LEU D 238 -26.56 23.83 25.91
CA LEU D 238 -25.87 23.33 27.10
C LEU D 238 -26.39 24.00 28.39
N GLU D 239 -26.27 23.28 29.50
CA GLU D 239 -26.71 23.75 30.81
C GLU D 239 -26.38 25.21 31.10
N GLY D 240 -27.41 26.00 31.37
CA GLY D 240 -27.23 27.42 31.67
C GLY D 240 -26.71 28.24 30.51
N GLU D 241 -26.99 27.77 29.29
CA GLU D 241 -26.50 28.47 28.11
C GLU D 241 -27.61 28.83 27.15
N CYS D 242 -27.39 29.90 26.41
CA CYS D 242 -28.26 30.25 25.31
C CYS D 242 -27.38 30.40 24.07
N TRP D 243 -27.81 29.84 22.95
CA TRP D 243 -26.94 29.85 21.78
C TRP D 243 -26.53 31.25 21.33
N ARG D 244 -27.33 32.26 21.72
CA ARG D 244 -27.06 33.64 21.33
C ARG D 244 -26.00 34.30 22.19
N ASP D 245 -25.58 33.62 23.25
CA ASP D 245 -24.64 34.18 24.23
C ASP D 245 -23.31 34.70 23.67
N SER D 246 -22.78 34.06 22.62
CA SER D 246 -21.49 34.48 22.05
C SER D 246 -21.28 33.82 20.68
N VAL D 247 -20.42 34.40 19.85
CA VAL D 247 -20.17 33.84 18.52
C VAL D 247 -19.70 32.39 18.55
N PHE D 248 -19.33 31.88 19.73
CA PHE D 248 -18.79 30.53 19.86
C PHE D 248 -19.82 29.46 20.17
N CYS D 249 -21.03 29.89 20.54
CA CYS D 249 -22.08 28.97 20.98
C CYS D 249 -23.01 28.55 19.86
N SER D 250 -23.76 27.46 20.09
CA SER D 250 -24.67 27.00 19.07
C SER D 250 -25.68 26.12 19.76
N ALA D 251 -26.67 25.64 19.04
CA ALA D 251 -27.61 24.68 19.59
C ALA D 251 -27.41 23.32 18.96
N HIS D 252 -26.24 23.12 18.35
CA HIS D 252 -25.87 21.83 17.79
C HIS D 252 -26.81 21.34 16.69
N ARG D 253 -27.54 22.25 16.05
CA ARG D 253 -28.42 21.89 14.96
C ARG D 253 -27.62 21.33 13.76
N VAL D 254 -26.47 21.91 13.47
CA VAL D 254 -25.67 21.46 12.34
C VAL D 254 -25.19 20.03 12.61
N ALA D 255 -24.69 19.79 13.82
CA ALA D 255 -24.20 18.47 14.16
C ALA D 255 -25.31 17.44 14.12
N PHE D 256 -26.48 17.79 14.64
CA PHE D 256 -27.61 16.87 14.57
C PHE D 256 -27.94 16.58 13.13
N ASP D 257 -27.91 17.59 12.28
CA ASP D 257 -28.21 17.43 10.86
C ASP D 257 -27.17 16.52 10.15
N LEU D 258 -25.89 16.78 10.39
CA LEU D 258 -24.82 15.91 9.88
C LEU D 258 -24.98 14.49 10.36
N PHE D 259 -25.33 14.31 11.63
CA PHE D 259 -25.55 12.98 12.18
C PHE D 259 -26.64 12.20 11.44
N GLU D 260 -27.81 12.79 11.23
CA GLU D 260 -28.87 12.11 10.46
C GLU D 260 -28.38 11.69 9.07
N THR D 261 -27.67 12.57 8.38
CA THR D 261 -27.16 12.22 7.06
C THR D 261 -26.09 11.12 7.11
N TYR D 262 -25.14 11.21 8.05
CA TYR D 262 -23.95 10.34 7.97
C TYR D 262 -23.88 9.21 8.99
N GLY D 263 -24.54 9.37 10.13
CA GLY D 263 -24.54 8.29 11.13
C GLY D 263 -23.27 8.22 11.98
N ALA D 264 -22.51 9.30 12.02
CA ALA D 264 -21.38 9.41 12.93
C ALA D 264 -21.54 10.75 13.59
N ILE D 265 -21.08 10.88 14.81
CA ILE D 265 -21.27 12.11 15.55
C ILE D 265 -20.17 13.09 15.14
N PRO D 266 -20.54 14.18 14.48
CA PRO D 266 -19.58 15.21 14.14
C PRO D 266 -18.99 15.79 15.43
N ALA D 267 -17.69 16.05 15.45
CA ALA D 267 -17.03 16.39 16.70
C ALA D 267 -16.32 17.73 16.66
N ALA D 268 -16.98 18.73 16.10
CA ALA D 268 -16.45 20.08 16.14
C ALA D 268 -17.65 21.01 16.23
N GLY D 269 -17.43 22.20 16.77
CA GLY D 269 -18.50 23.19 16.85
C GLY D 269 -19.15 23.36 15.49
N ASP D 270 -20.43 23.77 15.49
CA ASP D 270 -21.19 24.00 14.27
C ASP D 270 -20.51 24.99 13.33
N ARG D 271 -19.89 26.00 13.90
CA ARG D 271 -19.23 27.07 13.13
C ARG D 271 -18.05 26.59 12.30
N HIS D 272 -17.41 25.49 12.72
CA HIS D 272 -16.34 24.89 11.92
C HIS D 272 -16.93 23.87 10.96
N LEU D 273 -17.80 23.00 11.47
CA LEU D 273 -18.39 21.96 10.62
C LEU D 273 -18.96 22.57 9.34
N ALA D 274 -19.56 23.74 9.47
CA ALA D 274 -20.36 24.33 8.40
C ALA D 274 -19.51 24.62 7.18
N GLU D 275 -18.22 24.85 7.40
CA GLU D 275 -17.35 25.31 6.32
C GLU D 275 -16.85 24.20 5.40
N PHE D 276 -17.13 22.94 5.77
CA PHE D 276 -16.53 21.77 5.12
C PHE D 276 -17.45 21.12 4.10
N LEU D 277 -18.73 21.46 4.11
CA LEU D 277 -19.62 20.88 3.12
C LEU D 277 -20.72 21.81 2.63
N PRO D 278 -21.35 21.43 1.53
CA PRO D 278 -22.52 22.14 1.06
C PRO D 278 -23.65 21.92 2.06
N GLY D 279 -24.43 22.96 2.30
CA GLY D 279 -25.56 22.89 3.20
C GLY D 279 -26.10 24.29 3.17
N PRO D 280 -27.30 24.49 3.73
CA PRO D 280 -27.84 25.84 3.80
C PRO D 280 -27.29 26.58 5.00
N TYR D 281 -26.30 26.00 5.68
CA TYR D 281 -25.92 26.47 7.01
C TYR D 281 -25.41 27.89 7.06
N LEU D 282 -24.46 28.18 6.19
CA LEU D 282 -23.75 29.45 6.20
C LEU D 282 -24.57 30.60 5.63
N LYS D 283 -25.66 30.27 4.95
CA LYS D 283 -26.54 31.28 4.41
C LYS D 283 -27.66 31.62 5.39
N GLN D 284 -28.02 30.65 6.24
CA GLN D 284 -29.08 30.83 7.24
C GLN D 284 -28.55 30.47 8.63
N PRO D 285 -27.50 31.15 9.08
CA PRO D 285 -26.96 30.76 10.37
C PRO D 285 -28.00 30.92 11.48
N GLU D 286 -28.81 31.97 11.39
CA GLU D 286 -29.76 32.19 12.47
C GLU D 286 -30.77 31.04 12.52
N VAL D 287 -31.19 30.55 11.37
CA VAL D 287 -32.04 29.36 11.33
C VAL D 287 -31.33 28.15 11.93
N TRP D 288 -30.00 28.08 11.79
CA TRP D 288 -29.31 26.87 12.21
C TRP D 288 -28.70 27.04 13.59
N LYS D 289 -28.93 28.20 14.17
CA LYS D 289 -28.55 28.49 15.55
C LYS D 289 -27.06 28.43 15.87
N PHE D 290 -26.24 29.05 15.01
CA PHE D 290 -24.84 29.28 15.31
C PHE D 290 -24.49 30.63 14.70
N HIS D 291 -23.27 31.12 14.89
CA HIS D 291 -22.89 32.43 14.40
C HIS D 291 -21.72 32.34 13.42
N LEU D 292 -21.60 33.36 12.58
CA LEU D 292 -20.38 33.63 11.84
C LEU D 292 -19.51 34.48 12.77
N THR D 293 -18.21 34.51 12.54
CA THR D 293 -17.33 35.34 13.34
C THR D 293 -16.76 36.46 12.49
N PRO D 294 -17.35 37.66 12.58
CA PRO D 294 -16.87 38.80 11.79
C PRO D 294 -15.48 39.20 12.25
N ILE D 295 -14.67 39.74 11.36
CA ILE D 295 -13.35 40.16 11.79
C ILE D 295 -13.42 41.36 12.74
N SER D 296 -14.53 42.11 12.68
CA SER D 296 -14.68 43.25 13.58
C SER D 296 -14.72 42.76 15.01
N PHE D 297 -15.35 41.61 15.24
CA PHE D 297 -15.32 40.96 16.54
C PHE D 297 -13.88 40.61 16.96
N ARG D 298 -13.08 40.11 16.04
CA ARG D 298 -11.69 39.77 16.37
C ARG D 298 -10.90 41.00 16.78
N LYS D 299 -11.11 42.11 16.10
CA LYS D 299 -10.41 43.35 16.47
C LYS D 299 -10.87 43.89 17.82
N GLN D 300 -12.15 43.78 18.13
CA GLN D 300 -12.60 44.22 19.45
C GLN D 300 -12.05 43.30 20.53
N ASP D 301 -11.96 42.01 20.23
CA ASP D 301 -11.51 41.06 21.23
C ASP D 301 -10.04 41.33 21.52
N ARG D 302 -9.31 41.72 20.48
CA ARG D 302 -7.91 41.99 20.65
C ARG D 302 -7.67 43.23 21.54
N ALA D 303 -8.53 44.22 21.41
CA ALA D 303 -8.39 45.44 22.22
C ALA D 303 -8.72 45.17 23.68
N GLU D 304 -9.73 44.34 23.94
CA GLU D 304 -9.98 43.96 25.33
C GLU D 304 -8.90 43.07 25.93
N LYS D 305 -8.25 42.25 25.10
CA LYS D 305 -7.12 41.47 25.60
C LYS D 305 -5.93 42.37 25.93
N ARG D 306 -5.73 43.41 25.12
CA ARG D 306 -4.65 44.35 25.40
C ARG D 306 -4.87 45.11 26.71
N GLN D 307 -6.15 45.35 27.03
CA GLN D 307 -6.51 46.03 28.27
C GLN D 307 -6.34 45.11 29.47
N GLU D 308 -6.73 43.85 29.32
CA GLU D 308 -6.51 42.87 30.38
C GLU D 308 -5.02 42.68 30.66
N THR D 309 -4.24 42.65 29.59
CA THR D 309 -2.80 42.56 29.72
C THR D 309 -2.23 43.72 30.56
N GLU D 310 -2.68 44.93 30.26
CA GLU D 310 -2.19 46.12 31.00
C GLU D 310 -2.69 46.12 32.44
N ARG D 311 -3.93 45.69 32.62
CA ARG D 311 -4.51 45.52 33.95
C ARG D 311 -3.65 44.59 34.82
N LEU D 312 -3.38 43.38 34.30
CA LEU D 312 -2.56 42.40 35.01
C LEU D 312 -1.17 42.96 35.35
N ILE D 313 -0.60 43.73 34.44
CA ILE D 313 0.74 44.24 34.65
C ILE D 313 0.70 45.23 35.81
N VAL D 314 -0.03 46.32 35.61
CA VAL D 314 -0.25 47.32 36.66
C VAL D 314 -0.50 46.67 38.02
N GLN D 315 -1.39 45.68 38.05
CA GLN D 315 -1.74 45.03 39.30
C GLN D 315 -0.68 44.02 39.73
N GLN D 316 0.34 43.85 38.91
CA GLN D 316 1.43 42.97 39.24
C GLN D 316 0.82 41.68 39.70
N ARG D 317 -0.29 41.34 39.05
CA ARG D 317 -0.90 40.04 39.17
C ARG D 317 -0.43 39.21 38.00
N GLY D 318 -0.24 37.91 38.25
CA GLY D 318 0.04 36.96 37.18
C GLY D 318 -1.31 36.46 36.73
N VAL D 319 -1.32 35.30 36.09
CA VAL D 319 -2.57 34.71 35.63
C VAL D 319 -3.25 33.98 36.78
N ALA D 320 -4.48 33.54 36.58
CA ALA D 320 -5.16 32.74 37.59
C ALA D 320 -4.59 31.33 37.67
N GLU D 321 -4.42 30.85 38.88
CA GLU D 321 -4.08 29.45 39.10
C GLU D 321 -5.35 28.62 38.92
N LYS D 322 -5.79 28.47 37.67
CA LYS D 322 -7.01 27.72 37.35
C LYS D 322 -6.79 26.93 36.06
N ALA D 323 -7.17 25.65 36.06
CA ALA D 323 -7.07 24.82 34.86
C ALA D 323 -7.74 25.51 33.68
N SER D 324 -7.18 25.36 32.48
CA SER D 324 -7.78 25.99 31.30
C SER D 324 -8.82 25.09 30.68
N GLY D 325 -8.63 23.79 30.84
CA GLY D 325 -9.47 22.81 30.14
C GLY D 325 -8.70 22.19 28.96
N GLU D 326 -7.60 22.82 28.57
CA GLU D 326 -6.73 22.29 27.50
C GLU D 326 -5.97 21.04 27.96
N GLU D 327 -5.36 20.33 27.03
CA GLU D 327 -4.58 19.13 27.32
C GLU D 327 -3.09 19.38 27.13
N GLY D 328 -2.74 20.59 26.73
CA GLY D 328 -1.35 20.97 26.45
C GLY D 328 -0.30 20.56 27.48
N VAL D 329 -0.51 20.98 28.71
CA VAL D 329 0.45 20.70 29.77
C VAL D 329 0.45 19.21 30.13
N ASN D 330 -0.74 18.62 30.08
CA ASN D 330 -0.91 17.20 30.27
C ASN D 330 -0.10 16.36 29.28
N ILE D 331 -0.14 16.78 28.02
CA ILE D 331 0.59 16.12 26.95
C ILE D 331 2.08 16.30 27.18
N ILE D 332 2.50 17.50 27.55
CA ILE D 332 3.90 17.73 27.88
C ILE D 332 4.35 16.77 29.00
N ALA D 333 3.60 16.73 30.09
CA ALA D 333 3.93 15.85 31.20
C ALA D 333 4.07 14.40 30.72
N ALA D 334 3.10 13.95 29.93
CA ALA D 334 3.15 12.58 29.39
C ALA D 334 4.40 12.35 28.54
N LEU D 335 4.80 13.34 27.75
CA LEU D 335 5.97 13.22 26.89
C LEU D 335 7.27 13.19 27.67
N LEU D 336 7.21 13.72 28.88
CA LEU D 336 8.36 13.72 29.79
C LEU D 336 8.41 12.45 30.66
N GLY D 337 7.37 11.65 30.58
CA GLY D 337 7.37 10.41 31.30
C GLY D 337 6.58 10.49 32.58
N LEU D 338 5.75 11.53 32.73
CA LEU D 338 5.07 11.78 34.01
C LEU D 338 3.61 11.32 34.12
N GLY D 339 3.14 10.47 33.21
CA GLY D 339 1.78 9.95 33.26
C GLY D 339 1.21 9.71 31.85
N GLU D 340 1.12 8.45 31.43
CA GLU D 340 0.62 8.15 30.10
C GLU D 340 -0.77 8.71 29.83
N LEU D 341 -1.13 8.82 28.57
CA LEU D 341 -2.31 9.56 28.21
C LEU D 341 -2.81 9.15 26.84
N VAL D 342 -4.12 9.00 26.69
CA VAL D 342 -4.71 8.74 25.41
C VAL D 342 -5.60 9.92 25.09
N THR D 343 -5.27 10.67 24.04
CA THR D 343 -6.05 11.85 23.67
C THR D 343 -5.88 12.16 22.17
N ASN D 344 -6.74 13.01 21.61
CA ASN D 344 -6.74 13.28 20.18
C ASN D 344 -5.68 14.29 19.78
N VAL D 345 -4.94 13.96 18.72
CA VAL D 345 -3.92 14.83 18.17
C VAL D 345 -3.91 14.72 16.64
N ASN D 346 -3.24 15.68 16.02
CA ASN D 346 -3.11 15.71 14.57
C ASN D 346 -1.70 15.26 14.22
N PRO D 348 0.82 12.84 11.00
CA PRO D 348 0.84 12.22 9.66
C PRO D 348 0.11 10.88 9.67
N ASN D 349 -0.71 10.65 8.66
CA ASN D 349 -1.47 9.41 8.57
C ASN D 349 -0.58 8.28 8.14
N GLN D 350 -0.54 7.23 8.96
CA GLN D 350 0.16 6.04 8.61
C GLN D 350 -0.76 4.83 8.78
N GLY D 351 -2.06 4.97 8.55
CA GLY D 351 -2.98 3.86 8.73
C GLY D 351 -4.04 4.10 9.80
N GLN D 352 -3.84 5.12 10.66
CA GLN D 352 -4.78 5.33 11.79
C GLN D 352 -6.15 5.76 11.31
N VAL D 353 -6.22 6.33 10.12
CA VAL D 353 -7.52 6.50 9.48
C VAL D 353 -7.50 5.82 8.12
N LEU D 354 -8.40 4.89 7.90
CA LEU D 354 -8.48 4.13 6.65
C LEU D 354 -8.84 4.97 5.42
N ASN D 355 -8.35 4.54 4.25
CA ASN D 355 -8.72 5.11 2.96
C ASN D 355 -8.44 6.59 2.83
N LEU D 356 -7.37 7.07 3.46
CA LEU D 356 -7.01 8.48 3.37
C LEU D 356 -5.53 8.50 3.10
N PRO D 357 -5.08 9.43 2.27
CA PRO D 357 -3.67 9.32 1.83
C PRO D 357 -2.71 9.27 3.03
N ILE D 358 -1.59 8.60 2.87
CA ILE D 358 -0.66 8.51 3.96
C ILE D 358 0.20 9.77 4.00
N GLN D 359 0.66 10.13 5.20
CA GLN D 359 1.42 11.38 5.38
C GLN D 359 0.54 12.58 5.65
N ALA D 360 -0.69 12.50 5.17
CA ALA D 360 -1.64 13.58 5.33
C ALA D 360 -1.86 13.75 6.82
N ILE D 361 -2.03 14.99 7.27
CA ILE D 361 -2.29 15.23 8.69
C ILE D 361 -3.72 14.91 9.05
N VAL D 362 -3.88 13.94 9.94
CA VAL D 362 -5.20 13.50 10.36
C VAL D 362 -5.34 13.53 11.89
N GLU D 363 -6.56 13.67 12.36
CA GLU D 363 -6.80 13.75 13.80
C GLU D 363 -7.36 12.44 14.30
N THR D 364 -6.66 11.79 15.25
CA THR D 364 -7.18 10.59 15.91
C THR D 364 -6.65 10.56 17.34
N ASN D 365 -7.17 9.64 18.16
CA ASN D 365 -6.48 9.35 19.40
C ASN D 365 -5.06 8.85 19.18
N ALA D 366 -4.18 9.18 20.12
CA ALA D 366 -2.84 8.63 20.18
C ALA D 366 -2.51 8.31 21.64
N PHE D 367 -1.60 7.37 21.82
CA PHE D 367 -1.11 6.95 23.11
C PHE D 367 0.17 7.75 23.29
N ILE D 368 0.22 8.54 24.36
CA ILE D 368 1.37 9.38 24.60
C ILE D 368 2.07 8.93 25.86
N THR D 369 3.38 8.72 25.77
CA THR D 369 4.18 8.38 26.94
C THR D 369 5.57 8.96 26.78
N ARG D 370 6.52 8.52 27.60
CA ARG D 370 7.84 9.17 27.57
C ARG D 370 8.39 9.25 26.14
N ASN D 371 8.53 10.46 25.61
CA ASN D 371 9.12 10.69 24.31
C ASN D 371 8.47 9.90 23.15
N ARG D 372 7.18 9.56 23.27
CA ARG D 372 6.42 8.74 22.29
C ARG D 372 5.03 9.32 22.08
N VAL D 373 4.64 9.56 20.83
CA VAL D 373 3.24 9.84 20.47
C VAL D 373 2.84 8.82 19.40
N GLN D 374 1.91 7.95 19.71
CA GLN D 374 1.69 6.79 18.86
C GLN D 374 0.22 6.70 18.53
N PRO D 375 -0.11 7.07 17.28
CA PRO D 375 -1.51 7.06 16.88
C PRO D 375 -2.11 5.66 17.04
N ILE D 376 -3.41 5.64 17.25
CA ILE D 376 -4.18 4.42 17.49
C ILE D 376 -5.05 4.14 16.27
N LEU D 377 -5.09 2.90 15.82
CA LEU D 377 -5.86 2.60 14.64
C LEU D 377 -7.33 2.83 14.94
N SER D 378 -7.95 3.71 14.17
CA SER D 378 -9.33 4.15 14.44
C SER D 378 -10.34 3.79 13.35
N GLY D 379 -9.88 3.12 12.30
CA GLY D 379 -10.80 2.61 11.26
C GLY D 379 -11.27 3.69 10.31
N ALA D 380 -12.48 3.52 9.79
CA ALA D 380 -13.00 4.31 8.66
C ALA D 380 -14.03 5.37 9.07
N LEU D 381 -14.10 6.46 8.30
CA LEU D 381 -15.17 7.44 8.39
C LEU D 381 -16.37 6.90 7.64
N PRO D 382 -17.58 7.46 7.89
CA PRO D 382 -18.70 7.10 7.00
C PRO D 382 -18.34 7.44 5.56
N LYS D 383 -18.82 6.65 4.60
CA LYS D 383 -18.39 6.79 3.23
C LYS D 383 -18.52 8.22 2.69
N GLY D 384 -19.62 8.90 3.01
CA GLY D 384 -19.86 10.25 2.52
C GLY D 384 -18.88 11.25 3.10
N VAL D 385 -18.47 11.00 4.34
CA VAL D 385 -17.56 11.92 5.03
C VAL D 385 -16.14 11.72 4.55
N GLU D 386 -15.80 10.47 4.30
CA GLU D 386 -14.50 10.11 3.74
C GLU D 386 -14.30 10.79 2.37
N LEU D 388 -15.57 13.53 1.37
CA LEU D 388 -15.32 14.96 1.58
C LEU D 388 -13.93 15.22 2.12
N ALA D 389 -13.52 14.39 3.07
CA ALA D 389 -12.20 14.56 3.68
C ALA D 389 -11.07 14.33 2.69
N ALA D 390 -11.19 13.32 1.83
CA ALA D 390 -10.15 13.08 0.79
C ALA D 390 -10.02 14.33 -0.07
N ARG D 391 -11.16 14.92 -0.39
CA ARG D 391 -11.16 16.11 -1.22
C ARG D 391 -10.48 17.31 -0.57
N HIS D 392 -10.81 17.57 0.69
CA HIS D 392 -10.15 18.61 1.48
C HIS D 392 -8.65 18.33 1.67
N ILE D 393 -8.32 17.05 1.89
CA ILE D 393 -6.93 16.68 2.04
C ILE D 393 -6.16 16.98 0.74
N SER D 394 -6.75 16.60 -0.41
CA SER D 394 -6.18 16.98 -1.73
C SER D 394 -5.80 18.45 -1.77
N ASN D 395 -6.70 19.29 -1.31
CA ASN D 395 -6.51 20.73 -1.30
C ASN D 395 -5.41 21.18 -0.36
N GLN D 396 -5.40 20.58 0.83
CA GLN D 396 -4.41 20.91 1.84
C GLN D 396 -3.00 20.55 1.37
N GLU D 397 -2.84 19.35 0.77
CA GLU D 397 -1.55 18.95 0.20
C GLU D 397 -1.13 19.87 -0.94
N ALA D 398 -2.08 20.30 -1.77
CA ALA D 398 -1.74 21.20 -2.87
C ALA D 398 -1.25 22.52 -2.29
N VAL D 399 -1.90 22.96 -1.21
CA VAL D 399 -1.54 24.25 -0.62
C VAL D 399 -0.16 24.16 0.02
N ALA D 400 0.10 23.08 0.76
CA ALA D 400 1.41 22.93 1.36
C ALA D 400 2.51 23.00 0.30
N ASP D 401 2.38 22.25 -0.78
CA ASP D 401 3.36 22.34 -1.89
C ASP D 401 3.43 23.73 -2.52
N ALA D 402 2.27 24.25 -2.93
CA ALA D 402 2.23 25.53 -3.63
C ALA D 402 2.91 26.61 -2.84
N GLY D 403 2.72 26.56 -1.52
CA GLY D 403 3.28 27.59 -0.64
C GLY D 403 4.77 27.46 -0.52
N LEU D 404 5.27 26.24 -0.59
CA LEU D 404 6.71 26.03 -0.57
C LEU D 404 7.30 26.40 -1.91
N THR D 405 6.88 25.66 -2.94
CA THR D 405 7.33 25.88 -4.31
C THR D 405 6.71 27.15 -4.94
N LYS D 406 5.88 27.88 -4.18
CA LYS D 406 5.28 29.16 -4.65
C LYS D 406 4.21 29.14 -5.77
N ASP D 407 3.76 27.95 -6.12
CA ASP D 407 2.94 27.71 -7.31
C ASP D 407 1.50 28.23 -7.22
N THR D 408 1.27 29.50 -7.57
CA THR D 408 -0.10 29.99 -7.51
C THR D 408 -1.03 29.18 -8.42
N GLY D 409 -0.48 28.63 -9.50
CA GLY D 409 -1.27 27.74 -10.38
C GLY D 409 -1.86 26.57 -9.59
N LEU D 410 -1.03 25.92 -8.77
CA LEU D 410 -1.49 24.80 -7.96
C LEU D 410 -2.43 25.27 -6.86
N ALA D 411 -2.11 26.38 -6.21
CA ALA D 411 -2.98 26.92 -5.17
C ALA D 411 -4.37 27.23 -5.74
N PHE D 412 -4.41 27.67 -7.00
CA PHE D 412 -5.69 28.00 -7.60
C PHE D 412 -6.57 26.76 -7.88
N GLN D 413 -5.94 25.65 -8.28
CA GLN D 413 -6.67 24.37 -8.41
C GLN D 413 -7.30 23.98 -7.08
N ALA D 414 -6.53 24.12 -6.00
CA ALA D 414 -7.05 23.83 -4.68
C ALA D 414 -8.24 24.78 -4.41
N PHE D 415 -8.03 26.07 -4.66
CA PHE D 415 -9.12 27.05 -4.52
C PHE D 415 -10.41 26.63 -5.24
N LEU D 416 -10.27 26.20 -6.50
CA LEU D 416 -11.41 25.74 -7.30
C LEU D 416 -12.01 24.41 -6.87
N ASN D 417 -11.22 23.59 -6.18
CA ASN D 417 -11.70 22.29 -5.69
C ASN D 417 -12.31 22.39 -4.29
N ASP D 418 -12.39 23.61 -3.74
CA ASP D 418 -12.97 23.80 -2.40
C ASP D 418 -14.47 23.97 -2.43
N PRO D 419 -15.18 23.13 -1.65
CA PRO D 419 -16.63 23.05 -1.58
C PRO D 419 -17.33 24.40 -1.43
N LEU D 420 -16.68 25.39 -0.82
CA LEU D 420 -17.34 26.72 -0.67
C LEU D 420 -17.24 27.60 -1.92
N VAL D 421 -16.32 27.27 -2.83
CA VAL D 421 -16.13 28.08 -4.04
C VAL D 421 -17.01 27.58 -5.18
N GLN D 422 -18.30 27.94 -5.11
CA GLN D 422 -19.29 27.52 -6.08
C GLN D 422 -19.67 28.65 -7.00
N ILE D 423 -18.68 29.22 -7.69
CA ILE D 423 -18.95 30.32 -8.58
C ILE D 423 -18.23 30.09 -9.89
N ASP D 424 -18.47 30.94 -10.87
CA ASP D 424 -17.87 30.77 -12.17
C ASP D 424 -16.35 30.86 -12.08
N ARG D 425 -15.65 30.17 -12.97
CA ARG D 425 -14.21 30.11 -12.91
C ARG D 425 -13.53 31.46 -13.04
N SER D 426 -14.07 32.36 -13.86
CA SER D 426 -13.41 33.65 -14.02
C SER D 426 -13.70 34.54 -12.82
N ASP D 427 -14.84 34.32 -12.17
CA ASP D 427 -15.14 35.00 -10.93
C ASP D 427 -14.11 34.52 -9.89
N ALA D 428 -13.88 33.21 -9.87
CA ALA D 428 -13.01 32.61 -8.86
C ALA D 428 -11.60 33.14 -9.02
N GLU D 429 -11.17 33.27 -10.27
CA GLU D 429 -9.81 33.69 -10.56
C GLU D 429 -9.60 35.15 -10.19
N GLN D 430 -10.60 35.97 -10.46
CA GLN D 430 -10.55 37.38 -10.03
C GLN D 430 -10.49 37.48 -8.50
N LEU D 431 -11.34 36.72 -7.84
CA LEU D 431 -11.35 36.70 -6.38
C LEU D 431 -10.01 36.21 -5.85
N PHE D 432 -9.55 35.06 -6.35
CA PHE D 432 -8.30 34.48 -5.90
C PHE D 432 -7.16 35.49 -6.12
N ASN D 433 -7.06 36.04 -7.31
CA ASN D 433 -6.00 37.02 -7.60
C ASN D 433 -6.06 38.26 -6.68
N ASP D 434 -7.27 38.75 -6.44
CA ASP D 434 -7.51 39.83 -5.49
C ASP D 434 -7.02 39.50 -4.07
N LEU D 436 -4.72 37.36 -3.26
CA LEU D 436 -3.27 37.42 -3.23
C LEU D 436 -2.86 38.88 -3.09
#